data_8EDA
# 
_entry.id   8EDA 
# 
_audit_conform.dict_name       mmcif_pdbx.dic 
_audit_conform.dict_version    5.377 
_audit_conform.dict_location   http://mmcif.pdb.org/dictionaries/ascii/mmcif_pdbx.dic 
# 
loop_
_database_2.database_id 
_database_2.database_code 
_database_2.pdbx_database_accession 
_database_2.pdbx_DOI 
PDB   8EDA         pdb_00008eda 10.2210/pdb8eda/pdb 
WWPDB D_1000268241 ?            ?                   
# 
_pdbx_database_status.status_code                     REL 
_pdbx_database_status.status_code_sf                  REL 
_pdbx_database_status.status_code_mr                  ? 
_pdbx_database_status.entry_id                        8EDA 
_pdbx_database_status.recvd_initial_deposition_date   2022-09-03 
_pdbx_database_status.SG_entry                        N 
_pdbx_database_status.deposit_site                    RCSB 
_pdbx_database_status.process_site                    RCSB 
_pdbx_database_status.status_code_cs                  ? 
_pdbx_database_status.status_code_nmr_data            ? 
_pdbx_database_status.methods_development_category    ? 
_pdbx_database_status.pdb_format_compatible           Y 
# 
loop_
_audit_author.name 
_audit_author.pdbx_ordinal 
_audit_author.identifier_ORCID 
'Ogbonna, E.N.' 1 0000-0002-0762-0603 
'Wilson, W.D.'  2 0000-0001-5225-5089 
# 
_citation.abstract                  ? 
_citation.abstract_id_CAS           ? 
_citation.book_id_ISBN              ? 
_citation.book_publisher            ? 
_citation.book_publisher_city       ? 
_citation.book_title                ? 
_citation.coordinate_linkage        ? 
_citation.country                   US 
_citation.database_id_Medline       ? 
_citation.details                   ? 
_citation.id                        primary 
_citation.journal_abbrev            'Acs Bio Med Chem Au' 
_citation.journal_id_ASTM           ? 
_citation.journal_id_CSD            ? 
_citation.journal_id_ISSN           2694-2437 
_citation.journal_full              ? 
_citation.journal_issue             ? 
_citation.journal_volume            3 
_citation.language                  ? 
_citation.page_first                335 
_citation.page_last                 348 
_citation.title                     'X-ray Structure Characterization of the Selective Recognition of AT Base Pair Sequences.' 
_citation.year                      2023 
_citation.database_id_CSD           ? 
_citation.pdbx_database_id_DOI      10.1021/acsbiomedchemau.3c00002 
_citation.pdbx_database_id_PubMed   37599788 
_citation.pdbx_database_id_patent   ? 
_citation.unpublished_flag          ? 
# 
loop_
_citation_author.citation_id 
_citation_author.name 
_citation_author.ordinal 
_citation_author.identifier_ORCID 
primary 'Ogbonna, E.N.' 1 ?                   
primary 'Paul, A.'      2 0000-0003-4592-3442 
primary 'Farahat, A.A.' 3 ?                   
primary 'Terrell, J.R.' 4 ?                   
primary 'Mineva, E.'    5 ?                   
primary 'Ogbonna, V.'   6 ?                   
primary 'Boykin, D.W.'  7 ?                   
primary 'Wilson, W.D.'  8 0000-0001-5225-5089 
# 
_cell.angle_alpha                  90.000 
_cell.angle_alpha_esd              ? 
_cell.angle_beta                   90.000 
_cell.angle_beta_esd               ? 
_cell.angle_gamma                  90.000 
_cell.angle_gamma_esd              ? 
_cell.entry_id                     8EDA 
_cell.details                      ? 
_cell.formula_units_Z              ? 
_cell.length_a                     25.743 
_cell.length_a_esd                 ? 
_cell.length_b                     39.895 
_cell.length_b_esd                 ? 
_cell.length_c                     66.465 
_cell.length_c_esd                 ? 
_cell.volume                       ? 
_cell.volume_esd                   ? 
_cell.Z_PDB                        8 
_cell.reciprocal_angle_alpha       ? 
_cell.reciprocal_angle_beta        ? 
_cell.reciprocal_angle_gamma       ? 
_cell.reciprocal_angle_alpha_esd   ? 
_cell.reciprocal_angle_beta_esd    ? 
_cell.reciprocal_angle_gamma_esd   ? 
_cell.reciprocal_length_a          ? 
_cell.reciprocal_length_b          ? 
_cell.reciprocal_length_c          ? 
_cell.reciprocal_length_a_esd      ? 
_cell.reciprocal_length_b_esd      ? 
_cell.reciprocal_length_c_esd      ? 
_cell.pdbx_unique_axis             ? 
_cell.pdbx_esd_method              ? 
# 
_symmetry.entry_id                         8EDA 
_symmetry.cell_setting                     ? 
_symmetry.Int_Tables_number                19 
_symmetry.space_group_name_Hall            ? 
_symmetry.space_group_name_H-M             'P 21 21 21' 
_symmetry.pdbx_full_space_group_name_H-M   ? 
# 
loop_
_entity.id 
_entity.type 
_entity.src_method 
_entity.pdbx_description 
_entity.formula_weight 
_entity.pdbx_number_of_molecules 
_entity.pdbx_ec 
_entity.pdbx_mutation 
_entity.pdbx_fragment 
_entity.details 
1 polymer     syn 
;DNA (5'-D(*CP*GP*CP*GP*AP*TP*AP*TP*CP*GP*CP*G)-3')
;
3663.392 2   ? ? ? 
;A self-complementary DNA (5'-CGCGATATCGCG-3') bound by the ligand (DB1476).
;
2 non-polymer syn "4,4'-(1H-benzimidazole-2,6-diyl)di(benzene-1-carboximidamide)" 354.408  1   ? ? ? ? 
3 non-polymer syn 'MAGNESIUM ION'                                                 24.305   1   ? ? ? ? 
4 water       nat water                                                           18.015   118 ? ? ? ? 
# 
_entity_poly.entity_id                      1 
_entity_poly.type                           polydeoxyribonucleotide 
_entity_poly.nstd_linkage                   no 
_entity_poly.nstd_monomer                   no 
_entity_poly.pdbx_seq_one_letter_code       '(DC)(DG)(DC)(DG)(DA)(DT)(DA)(DT)(DC)(DG)(DC)(DG)' 
_entity_poly.pdbx_seq_one_letter_code_can   CGCGATATCGCG 
_entity_poly.pdbx_strand_id                 B,C 
_entity_poly.pdbx_target_identifier         ? 
# 
loop_
_entity_poly_seq.entity_id 
_entity_poly_seq.num 
_entity_poly_seq.mon_id 
_entity_poly_seq.hetero 
1 1  DC n 
1 2  DG n 
1 3  DC n 
1 4  DG n 
1 5  DA n 
1 6  DT n 
1 7  DA n 
1 8  DT n 
1 9  DC n 
1 10 DG n 
1 11 DC n 
1 12 DG n 
# 
_pdbx_entity_src_syn.entity_id              1 
_pdbx_entity_src_syn.pdbx_src_id            1 
_pdbx_entity_src_syn.pdbx_alt_source_flag   sample 
_pdbx_entity_src_syn.pdbx_beg_seq_num       1 
_pdbx_entity_src_syn.pdbx_end_seq_num       12 
_pdbx_entity_src_syn.organism_scientific    'Homo sapiens' 
_pdbx_entity_src_syn.organism_common_name   ? 
_pdbx_entity_src_syn.ncbi_taxonomy_id       9606 
_pdbx_entity_src_syn.details                ? 
# 
_struct_ref.id                         1 
_struct_ref.db_name                    PDB 
_struct_ref.db_code                    8EDA 
_struct_ref.pdbx_db_accession          8EDA 
_struct_ref.pdbx_db_isoform            ? 
_struct_ref.entity_id                  1 
_struct_ref.pdbx_seq_one_letter_code   ? 
_struct_ref.pdbx_align_begin           1 
# 
loop_
_struct_ref_seq.align_id 
_struct_ref_seq.ref_id 
_struct_ref_seq.pdbx_PDB_id_code 
_struct_ref_seq.pdbx_strand_id 
_struct_ref_seq.seq_align_beg 
_struct_ref_seq.pdbx_seq_align_beg_ins_code 
_struct_ref_seq.seq_align_end 
_struct_ref_seq.pdbx_seq_align_end_ins_code 
_struct_ref_seq.pdbx_db_accession 
_struct_ref_seq.db_align_beg 
_struct_ref_seq.pdbx_db_align_beg_ins_code 
_struct_ref_seq.db_align_end 
_struct_ref_seq.pdbx_db_align_end_ins_code 
_struct_ref_seq.pdbx_auth_seq_align_beg 
_struct_ref_seq.pdbx_auth_seq_align_end 
1 1 8EDA B 1 ? 12 ? 8EDA 1  ? 12 ? 1  12 
2 1 8EDA C 1 ? 12 ? 8EDA 13 ? 24 ? 13 24 
# 
loop_
_chem_comp.id 
_chem_comp.type 
_chem_comp.mon_nstd_flag 
_chem_comp.name 
_chem_comp.pdbx_synonyms 
_chem_comp.formula 
_chem_comp.formula_weight 
DA  'DNA linking' y "2'-DEOXYADENOSINE-5'-MONOPHOSPHATE"                            ? 'C10 H14 N5 O6 P' 331.222 
DC  'DNA linking' y "2'-DEOXYCYTIDINE-5'-MONOPHOSPHATE"                             ? 'C9 H14 N3 O7 P'  307.197 
DG  'DNA linking' y "2'-DEOXYGUANOSINE-5'-MONOPHOSPHATE"                            ? 'C10 H14 N5 O7 P' 347.221 
DT  'DNA linking' y "THYMIDINE-5'-MONOPHOSPHATE"                                    ? 'C10 H15 N2 O8 P' 322.208 
HOH non-polymer   . WATER                                                           ? 'H2 O'            18.015  
MG  non-polymer   . 'MAGNESIUM ION'                                                 ? 'Mg 2'            24.305  
WFB non-polymer   . "4,4'-(1H-benzimidazole-2,6-diyl)di(benzene-1-carboximidamide)" ? 'C21 H18 N6'      354.408 
# 
_exptl.absorpt_coefficient_mu     ? 
_exptl.absorpt_correction_T_max   ? 
_exptl.absorpt_correction_T_min   ? 
_exptl.absorpt_correction_type    ? 
_exptl.absorpt_process_details    ? 
_exptl.entry_id                   8EDA 
_exptl.crystals_number            1 
_exptl.details                    ? 
_exptl.method                     'X-RAY DIFFRACTION' 
_exptl.method_details             ? 
# 
_exptl_crystal.colour                       ? 
_exptl_crystal.density_diffrn               ? 
_exptl_crystal.density_Matthews             2.33 
_exptl_crystal.density_method               ? 
_exptl_crystal.density_percent_sol          47.19 
_exptl_crystal.description                  ? 
_exptl_crystal.F_000                        ? 
_exptl_crystal.id                           1 
_exptl_crystal.preparation                  ? 
_exptl_crystal.size_max                     ? 
_exptl_crystal.size_mid                     ? 
_exptl_crystal.size_min                     ? 
_exptl_crystal.size_rad                     ? 
_exptl_crystal.colour_lustre                ? 
_exptl_crystal.colour_modifier              ? 
_exptl_crystal.colour_primary               ? 
_exptl_crystal.density_meas                 ? 
_exptl_crystal.density_meas_esd             ? 
_exptl_crystal.density_meas_gt              ? 
_exptl_crystal.density_meas_lt              ? 
_exptl_crystal.density_meas_temp            ? 
_exptl_crystal.density_meas_temp_esd        ? 
_exptl_crystal.density_meas_temp_gt         ? 
_exptl_crystal.density_meas_temp_lt         ? 
_exptl_crystal.pdbx_crystal_image_url       ? 
_exptl_crystal.pdbx_crystal_image_format    ? 
_exptl_crystal.pdbx_mosaicity               ? 
_exptl_crystal.pdbx_mosaicity_esd           ? 
_exptl_crystal.pdbx_mosaic_method           ? 
_exptl_crystal.pdbx_mosaic_block_size       ? 
_exptl_crystal.pdbx_mosaic_block_size_esd   ? 
# 
_exptl_crystal_grow.apparatus       ? 
_exptl_crystal_grow.atmosphere      ? 
_exptl_crystal_grow.crystal_id      1 
_exptl_crystal_grow.details         ? 
_exptl_crystal_grow.method          'VAPOR DIFFUSION, HANGING DROP' 
_exptl_crystal_grow.method_ref      ? 
_exptl_crystal_grow.pH              7.0 
_exptl_crystal_grow.pressure        ? 
_exptl_crystal_grow.pressure_esd    ? 
_exptl_crystal_grow.seeding         ? 
_exptl_crystal_grow.seeding_ref     ? 
_exptl_crystal_grow.temp_details    ? 
_exptl_crystal_grow.temp_esd        ? 
_exptl_crystal_grow.time            ? 
_exptl_crystal_grow.pdbx_details    
'MPD, SODIUM CACODYLATE TRIHYDRATE, SPERMINE TETRACHLORIDE, SODIUM CHLORIDE, MAGNESIUM CHLORIDE HEXAHYDRATE' 
_exptl_crystal_grow.pdbx_pH_range   ? 
_exptl_crystal_grow.temp            298 
# 
_diffrn.ambient_environment              ? 
_diffrn.ambient_temp                     100 
_diffrn.ambient_temp_details             ? 
_diffrn.ambient_temp_esd                 ? 
_diffrn.crystal_id                       1 
_diffrn.crystal_support                  ? 
_diffrn.crystal_treatment                ? 
_diffrn.details                          ? 
_diffrn.id                               1 
_diffrn.ambient_pressure                 ? 
_diffrn.ambient_pressure_esd             ? 
_diffrn.ambient_pressure_gt              ? 
_diffrn.ambient_pressure_lt              ? 
_diffrn.ambient_temp_gt                  ? 
_diffrn.ambient_temp_lt                  ? 
_diffrn.pdbx_serial_crystal_experiment   N 
# 
_diffrn_detector.details                      ? 
_diffrn_detector.detector                     PIXEL 
_diffrn_detector.diffrn_id                    1 
_diffrn_detector.type                         'DECTRIS EIGER X 9M' 
_diffrn_detector.area_resol_mean              ? 
_diffrn_detector.dtime                        ? 
_diffrn_detector.pdbx_frames_total            ? 
_diffrn_detector.pdbx_collection_time_total   ? 
_diffrn_detector.pdbx_collection_date         2022-05-18 
_diffrn_detector.pdbx_frequency               ? 
_diffrn_detector.id                           ? 
_diffrn_detector.number_of_axes               ? 
# 
_diffrn_radiation.collimation                      ? 
_diffrn_radiation.diffrn_id                        1 
_diffrn_radiation.filter_edge                      ? 
_diffrn_radiation.inhomogeneity                    ? 
_diffrn_radiation.monochromator                    'double-crystal Si' 
_diffrn_radiation.polarisn_norm                    ? 
_diffrn_radiation.polarisn_ratio                   ? 
_diffrn_radiation.probe                            ? 
_diffrn_radiation.type                             ? 
_diffrn_radiation.xray_symbol                      ? 
_diffrn_radiation.wavelength_id                    1 
_diffrn_radiation.pdbx_monochromatic_or_laue_m_l   M 
_diffrn_radiation.pdbx_wavelength_list             ? 
_diffrn_radiation.pdbx_wavelength                  ? 
_diffrn_radiation.pdbx_diffrn_protocol             'SINGLE WAVELENGTH' 
_diffrn_radiation.pdbx_analyzer                    ? 
_diffrn_radiation.pdbx_scattering_type             x-ray 
# 
_diffrn_radiation_wavelength.id           1 
_diffrn_radiation_wavelength.wavelength   1 
_diffrn_radiation_wavelength.wt           1.0 
# 
_diffrn_source.current                     ? 
_diffrn_source.details                     ? 
_diffrn_source.diffrn_id                   1 
_diffrn_source.power                       ? 
_diffrn_source.size                        ? 
_diffrn_source.source                      SYNCHROTRON 
_diffrn_source.target                      ? 
_diffrn_source.type                        'ALS BEAMLINE 8.2.2' 
_diffrn_source.voltage                     ? 
_diffrn_source.take-off_angle              ? 
_diffrn_source.pdbx_wavelength_list        1 
_diffrn_source.pdbx_wavelength             ? 
_diffrn_source.pdbx_synchrotron_beamline   8.2.2 
_diffrn_source.pdbx_synchrotron_site       ALS 
# 
_reflns.B_iso_Wilson_estimate                          ? 
_reflns.entry_id                                       8EDA 
_reflns.data_reduction_details                         ? 
_reflns.data_reduction_method                          ? 
_reflns.d_resolution_high                              1.63 
_reflns.d_resolution_low                               34.21 
_reflns.details                                        ? 
_reflns.limit_h_max                                    ? 
_reflns.limit_h_min                                    ? 
_reflns.limit_k_max                                    ? 
_reflns.limit_k_min                                    ? 
_reflns.limit_l_max                                    ? 
_reflns.limit_l_min                                    ? 
_reflns.number_all                                     ? 
_reflns.number_obs                                     8949 
_reflns.observed_criterion                             ? 
_reflns.observed_criterion_F_max                       ? 
_reflns.observed_criterion_F_min                       ? 
_reflns.observed_criterion_I_max                       ? 
_reflns.observed_criterion_I_min                       ? 
_reflns.observed_criterion_sigma_F                     ? 
_reflns.observed_criterion_sigma_I                     ? 
_reflns.percent_possible_obs                           99.2 
_reflns.R_free_details                                 ? 
_reflns.Rmerge_F_all                                   ? 
_reflns.Rmerge_F_obs                                   ? 
_reflns.Friedel_coverage                               ? 
_reflns.number_gt                                      ? 
_reflns.threshold_expression                           ? 
_reflns.pdbx_redundancy                                1.2 
_reflns.pdbx_netI_over_av_sigmaI                       ? 
_reflns.pdbx_netI_over_sigmaI                          21.7 
_reflns.pdbx_res_netI_over_av_sigmaI_2                 ? 
_reflns.pdbx_res_netI_over_sigmaI_2                    ? 
_reflns.pdbx_chi_squared                               ? 
_reflns.pdbx_scaling_rejects                           ? 
_reflns.pdbx_d_res_high_opt                            ? 
_reflns.pdbx_d_res_low_opt                             ? 
_reflns.pdbx_d_res_opt_method                          ? 
_reflns.phase_calculation_details                      ? 
_reflns.pdbx_Rrim_I_all                                ? 
_reflns.pdbx_Rpim_I_all                                ? 
_reflns.pdbx_d_opt                                     ? 
_reflns.pdbx_number_measured_all                       ? 
_reflns.pdbx_diffrn_id                                 1 
_reflns.pdbx_ordinal                                   1 
_reflns.pdbx_CC_half                                   1 
_reflns.pdbx_CC_star                                   ? 
_reflns.pdbx_R_split                                   ? 
_reflns.pdbx_Rmerge_I_obs                              ? 
_reflns.pdbx_Rmerge_I_all                              ? 
_reflns.pdbx_Rsym_value                                ? 
_reflns.pdbx_CC_split_method                           ? 
_reflns.pdbx_aniso_diffraction_limit_axis_1_ortho[1]   ? 
_reflns.pdbx_aniso_diffraction_limit_axis_1_ortho[2]   ? 
_reflns.pdbx_aniso_diffraction_limit_axis_1_ortho[3]   ? 
_reflns.pdbx_aniso_diffraction_limit_axis_2_ortho[1]   ? 
_reflns.pdbx_aniso_diffraction_limit_axis_2_ortho[2]   ? 
_reflns.pdbx_aniso_diffraction_limit_axis_2_ortho[3]   ? 
_reflns.pdbx_aniso_diffraction_limit_axis_3_ortho[1]   ? 
_reflns.pdbx_aniso_diffraction_limit_axis_3_ortho[2]   ? 
_reflns.pdbx_aniso_diffraction_limit_axis_3_ortho[3]   ? 
_reflns.pdbx_aniso_diffraction_limit_1                 ? 
_reflns.pdbx_aniso_diffraction_limit_2                 ? 
_reflns.pdbx_aniso_diffraction_limit_3                 ? 
_reflns.pdbx_aniso_B_tensor_eigenvector_1_ortho[1]     ? 
_reflns.pdbx_aniso_B_tensor_eigenvector_1_ortho[2]     ? 
_reflns.pdbx_aniso_B_tensor_eigenvector_1_ortho[3]     ? 
_reflns.pdbx_aniso_B_tensor_eigenvector_2_ortho[1]     ? 
_reflns.pdbx_aniso_B_tensor_eigenvector_2_ortho[2]     ? 
_reflns.pdbx_aniso_B_tensor_eigenvector_2_ortho[3]     ? 
_reflns.pdbx_aniso_B_tensor_eigenvector_3_ortho[1]     ? 
_reflns.pdbx_aniso_B_tensor_eigenvector_3_ortho[2]     ? 
_reflns.pdbx_aniso_B_tensor_eigenvector_3_ortho[3]     ? 
_reflns.pdbx_aniso_B_tensor_eigenvalue_1               ? 
_reflns.pdbx_aniso_B_tensor_eigenvalue_2               ? 
_reflns.pdbx_aniso_B_tensor_eigenvalue_3               ? 
_reflns.pdbx_orthogonalization_convention              ? 
_reflns.pdbx_percent_possible_ellipsoidal              ? 
_reflns.pdbx_percent_possible_spherical                ? 
_reflns.pdbx_percent_possible_ellipsoidal_anomalous    ? 
_reflns.pdbx_percent_possible_spherical_anomalous      ? 
_reflns.pdbx_redundancy_anomalous                      ? 
_reflns.pdbx_CC_half_anomalous                         ? 
_reflns.pdbx_absDiff_over_sigma_anomalous              ? 
_reflns.pdbx_percent_possible_anomalous                ? 
_reflns.pdbx_observed_signal_threshold                 ? 
_reflns.pdbx_signal_type                               ? 
_reflns.pdbx_signal_details                            ? 
_reflns.pdbx_signal_software_id                        ? 
# 
_reflns_shell.d_res_high                                    1.63 
_reflns_shell.d_res_low                                     1.69 
_reflns_shell.meanI_over_sigI_all                           ? 
_reflns_shell.meanI_over_sigI_obs                           ? 
_reflns_shell.number_measured_all                           ? 
_reflns_shell.number_measured_obs                           ? 
_reflns_shell.number_possible                               ? 
_reflns_shell.number_unique_all                             ? 
_reflns_shell.number_unique_obs                             840 
_reflns_shell.percent_possible_obs                          ? 
_reflns_shell.Rmerge_F_all                                  ? 
_reflns_shell.Rmerge_F_obs                                  ? 
_reflns_shell.meanI_over_sigI_gt                            ? 
_reflns_shell.meanI_over_uI_all                             ? 
_reflns_shell.meanI_over_uI_gt                              ? 
_reflns_shell.number_measured_gt                            ? 
_reflns_shell.number_unique_gt                              ? 
_reflns_shell.percent_possible_gt                           ? 
_reflns_shell.Rmerge_F_gt                                   ? 
_reflns_shell.Rmerge_I_gt                                   ? 
_reflns_shell.pdbx_redundancy                               ? 
_reflns_shell.pdbx_chi_squared                              ? 
_reflns_shell.pdbx_netI_over_sigmaI_all                     ? 
_reflns_shell.pdbx_netI_over_sigmaI_obs                     ? 
_reflns_shell.pdbx_Rrim_I_all                               ? 
_reflns_shell.pdbx_Rpim_I_all                               ? 
_reflns_shell.pdbx_rejects                                  ? 
_reflns_shell.pdbx_ordinal                                  1 
_reflns_shell.pdbx_diffrn_id                                1 
_reflns_shell.pdbx_CC_half                                  1 
_reflns_shell.pdbx_CC_star                                  ? 
_reflns_shell.pdbx_R_split                                  ? 
_reflns_shell.percent_possible_all                          ? 
_reflns_shell.Rmerge_I_all                                  ? 
_reflns_shell.Rmerge_I_obs                                  ? 
_reflns_shell.pdbx_Rsym_value                               ? 
_reflns_shell.pdbx_percent_possible_ellipsoidal             ? 
_reflns_shell.pdbx_percent_possible_spherical               ? 
_reflns_shell.pdbx_percent_possible_ellipsoidal_anomalous   ? 
_reflns_shell.pdbx_percent_possible_spherical_anomalous     ? 
_reflns_shell.pdbx_redundancy_anomalous                     ? 
_reflns_shell.pdbx_CC_half_anomalous                        ? 
_reflns_shell.pdbx_absDiff_over_sigma_anomalous             ? 
_reflns_shell.pdbx_percent_possible_anomalous               ? 
# 
_refine.aniso_B[1][1]                            ? 
_refine.aniso_B[1][2]                            ? 
_refine.aniso_B[1][3]                            ? 
_refine.aniso_B[2][2]                            ? 
_refine.aniso_B[2][3]                            ? 
_refine.aniso_B[3][3]                            ? 
_refine.B_iso_max                                69.090 
_refine.B_iso_mean                               26.9094 
_refine.B_iso_min                                14.580 
_refine.correlation_coeff_Fo_to_Fc               ? 
_refine.correlation_coeff_Fo_to_Fc_free          ? 
_refine.details                                  ? 
_refine.diff_density_max                         ? 
_refine.diff_density_max_esd                     ? 
_refine.diff_density_min                         ? 
_refine.diff_density_min_esd                     ? 
_refine.diff_density_rms                         ? 
_refine.diff_density_rms_esd                     ? 
_refine.entry_id                                 8EDA 
_refine.pdbx_refine_id                           'X-RAY DIFFRACTION' 
_refine.ls_abs_structure_details                 ? 
_refine.ls_abs_structure_Flack                   ? 
_refine.ls_abs_structure_Flack_esd               ? 
_refine.ls_abs_structure_Rogers                  ? 
_refine.ls_abs_structure_Rogers_esd              ? 
_refine.ls_d_res_high                            1.6300 
_refine.ls_d_res_low                             34.21 
_refine.ls_extinction_coef                       ? 
_refine.ls_extinction_coef_esd                   ? 
_refine.ls_extinction_expression                 ? 
_refine.ls_extinction_method                     ? 
_refine.ls_goodness_of_fit_all                   ? 
_refine.ls_goodness_of_fit_all_esd               ? 
_refine.ls_goodness_of_fit_obs                   ? 
_refine.ls_goodness_of_fit_obs_esd               ? 
_refine.ls_hydrogen_treatment                    ? 
_refine.ls_matrix_type                           ? 
_refine.ls_number_constraints                    ? 
_refine.ls_number_parameters                     ? 
_refine.ls_number_reflns_all                     ? 
_refine.ls_number_reflns_obs                     8919 
_refine.ls_number_reflns_R_free                  889 
_refine.ls_number_reflns_R_work                  8030 
_refine.ls_number_restraints                     ? 
_refine.ls_percent_reflns_obs                    99.1600 
_refine.ls_percent_reflns_R_free                 9.9700 
_refine.ls_R_factor_all                          ? 
_refine.ls_R_factor_obs                          0.1847 
_refine.ls_R_factor_R_free                       0.2014 
_refine.ls_R_factor_R_free_error                 ? 
_refine.ls_R_factor_R_free_error_details         ? 
_refine.ls_R_factor_R_work                       0.1827 
_refine.ls_R_Fsqd_factor_obs                     ? 
_refine.ls_R_I_factor_obs                        ? 
_refine.ls_redundancy_reflns_all                 ? 
_refine.ls_redundancy_reflns_obs                 ? 
_refine.ls_restrained_S_all                      ? 
_refine.ls_restrained_S_obs                      ? 
_refine.ls_shift_over_esd_max                    ? 
_refine.ls_shift_over_esd_mean                   ? 
_refine.ls_structure_factor_coef                 ? 
_refine.ls_weighting_details                     ? 
_refine.ls_weighting_scheme                      ? 
_refine.ls_wR_factor_all                         ? 
_refine.ls_wR_factor_obs                         ? 
_refine.ls_wR_factor_R_free                      ? 
_refine.ls_wR_factor_R_work                      ? 
_refine.occupancy_max                            ? 
_refine.occupancy_min                            ? 
_refine.solvent_model_details                    'FLAT BULK SOLVENT MODEL' 
_refine.solvent_model_param_bsol                 ? 
_refine.solvent_model_param_ksol                 ? 
_refine.pdbx_R_complete                          ? 
_refine.ls_R_factor_gt                           ? 
_refine.ls_goodness_of_fit_gt                    ? 
_refine.ls_goodness_of_fit_ref                   ? 
_refine.ls_shift_over_su_max                     ? 
_refine.ls_shift_over_su_max_lt                  ? 
_refine.ls_shift_over_su_mean                    ? 
_refine.ls_shift_over_su_mean_lt                 ? 
_refine.pdbx_ls_sigma_I                          ? 
_refine.pdbx_ls_sigma_F                          1.380 
_refine.pdbx_ls_sigma_Fsqd                       ? 
_refine.pdbx_data_cutoff_high_absF               ? 
_refine.pdbx_data_cutoff_high_rms_absF           ? 
_refine.pdbx_data_cutoff_low_absF                ? 
_refine.pdbx_isotropic_thermal_model             ? 
_refine.pdbx_ls_cross_valid_method               THROUGHOUT 
_refine.pdbx_method_to_determine_struct          'MOLECULAR REPLACEMENT' 
_refine.pdbx_starting_model                      1BNA 
_refine.pdbx_stereochemistry_target_values       ML 
_refine.pdbx_R_Free_selection_details            ? 
_refine.pdbx_stereochem_target_val_spec_case     ? 
_refine.pdbx_overall_ESU_R                       ? 
_refine.pdbx_overall_ESU_R_Free                  ? 
_refine.pdbx_solvent_vdw_probe_radii             1.1100 
_refine.pdbx_solvent_ion_probe_radii             ? 
_refine.pdbx_solvent_shrinkage_radii             0.9000 
_refine.pdbx_real_space_R                        ? 
_refine.pdbx_density_correlation                 ? 
_refine.pdbx_pd_number_of_powder_patterns        ? 
_refine.pdbx_pd_number_of_points                 ? 
_refine.pdbx_pd_meas_number_of_points            ? 
_refine.pdbx_pd_proc_ls_prof_R_factor            ? 
_refine.pdbx_pd_proc_ls_prof_wR_factor           ? 
_refine.pdbx_pd_Marquardt_correlation_coeff      ? 
_refine.pdbx_pd_Fsqrd_R_factor                   ? 
_refine.pdbx_pd_ls_matrix_band_width             ? 
_refine.pdbx_overall_phase_error                 23.1200 
_refine.pdbx_overall_SU_R_free_Cruickshank_DPI   ? 
_refine.pdbx_overall_SU_R_free_Blow_DPI          ? 
_refine.pdbx_overall_SU_R_Blow_DPI               ? 
_refine.pdbx_TLS_residual_ADP_flag               ? 
_refine.pdbx_diffrn_id                           1 
_refine.overall_SU_B                             ? 
_refine.overall_SU_ML                            0.1300 
_refine.overall_SU_R_Cruickshank_DPI             ? 
_refine.overall_SU_R_free                        ? 
_refine.overall_FOM_free_R_set                   ? 
_refine.overall_FOM_work_R_set                   ? 
_refine.pdbx_average_fsc_overall                 ? 
_refine.pdbx_average_fsc_work                    ? 
_refine.pdbx_average_fsc_free                    ? 
# 
_refine_hist.pdbx_refine_id                   'X-RAY DIFFRACTION' 
_refine_hist.cycle_id                         final 
_refine_hist.details                          ? 
_refine_hist.d_res_high                       1.6300 
_refine_hist.d_res_low                        34.21 
_refine_hist.number_atoms_solvent             118 
_refine_hist.number_atoms_total               652 
_refine_hist.number_reflns_all                ? 
_refine_hist.number_reflns_obs                ? 
_refine_hist.number_reflns_R_free             ? 
_refine_hist.number_reflns_R_work             ? 
_refine_hist.R_factor_all                     ? 
_refine_hist.R_factor_obs                     ? 
_refine_hist.R_factor_R_free                  ? 
_refine_hist.R_factor_R_work                  ? 
_refine_hist.pdbx_number_residues_total       24 
_refine_hist.pdbx_B_iso_mean_ligand           31.56 
_refine_hist.pdbx_B_iso_mean_solvent          35.89 
_refine_hist.pdbx_number_atoms_protein        0 
_refine_hist.pdbx_number_atoms_nucleic_acid   486 
_refine_hist.pdbx_number_atoms_ligand         48 
_refine_hist.pdbx_number_atoms_lipid          ? 
_refine_hist.pdbx_number_atoms_carb           ? 
_refine_hist.pdbx_pseudo_atom_details         ? 
# 
loop_
_refine_ls_restr.pdbx_refine_id 
_refine_ls_restr.criterion 
_refine_ls_restr.dev_ideal 
_refine_ls_restr.dev_ideal_target 
_refine_ls_restr.number 
_refine_ls_restr.rejects 
_refine_ls_restr.type 
_refine_ls_restr.weight 
_refine_ls_restr.pdbx_restraint_function 
'X-RAY DIFFRACTION' ? 0.012  ? 574 ? f_bond_d           ? ? 
'X-RAY DIFFRACTION' ? 1.402  ? 879 ? f_angle_d          ? ? 
'X-RAY DIFFRACTION' ? 29.178 ? 258 ? f_dihedral_angle_d ? ? 
'X-RAY DIFFRACTION' ? 0.075  ? 94  ? f_chiral_restr     ? ? 
'X-RAY DIFFRACTION' ? 0.018  ? 29  ? f_plane_restr      ? ? 
# 
loop_
_refine_ls_restr_ncs.pdbx_refine_id 
_refine_ls_restr_ncs.dom_id 
_refine_ls_restr_ncs.ncs_model_details 
_refine_ls_restr_ncs.rms_dev_B_iso 
_refine_ls_restr_ncs.rms_dev_position 
_refine_ls_restr_ncs.weight_B_iso 
_refine_ls_restr_ncs.weight_position 
_refine_ls_restr_ncs.pdbx_ordinal 
_refine_ls_restr_ncs.pdbx_type 
_refine_ls_restr_ncs.pdbx_asym_id 
_refine_ls_restr_ncs.pdbx_auth_asym_id 
_refine_ls_restr_ncs.pdbx_number 
_refine_ls_restr_ncs.pdbx_rms 
_refine_ls_restr_ncs.pdbx_weight 
_refine_ls_restr_ncs.pdbx_ens_id 
'X-RAY DIFFRACTION' 1 ? ? ? ? ? 1 TORSIONAL ? B 232 7.661 ? 1 
'X-RAY DIFFRACTION' 2 ? ? ? ? ? 2 TORSIONAL ? C 232 7.661 ? 1 
# 
loop_
_refine_ls_shell.pdbx_refine_id 
_refine_ls_shell.d_res_high 
_refine_ls_shell.d_res_low 
_refine_ls_shell.number_reflns_all 
_refine_ls_shell.number_reflns_obs 
_refine_ls_shell.number_reflns_R_free 
_refine_ls_shell.number_reflns_R_work 
_refine_ls_shell.percent_reflns_obs 
_refine_ls_shell.percent_reflns_R_free 
_refine_ls_shell.R_factor_all 
_refine_ls_shell.R_factor_obs 
_refine_ls_shell.R_factor_R_free_error 
_refine_ls_shell.R_factor_R_work 
_refine_ls_shell.redundancy_reflns_all 
_refine_ls_shell.redundancy_reflns_obs 
_refine_ls_shell.wR_factor_all 
_refine_ls_shell.wR_factor_obs 
_refine_ls_shell.wR_factor_R_free 
_refine_ls_shell.wR_factor_R_work 
_refine_ls_shell.pdbx_R_complete 
_refine_ls_shell.pdbx_total_number_of_bins_used 
_refine_ls_shell.pdbx_phase_error 
_refine_ls_shell.pdbx_fsc_work 
_refine_ls_shell.pdbx_fsc_free 
_refine_ls_shell.R_factor_R_free 
'X-RAY DIFFRACTION' 1.6300 1.7300  1411 . 139 1272 97.0000  . . . 0.0000 0.2009 . . . . . . . 6 . . . 0.2620 
'X-RAY DIFFRACTION' 1.7300 1.8700  1451 . 146 1305 100.0000 . . . 0.0000 0.1909 . . . . . . . 6 . . . 0.2248 
'X-RAY DIFFRACTION' 1.8700 2.0600  1474 . 148 1326 100.0000 . . . 0.0000 0.2052 . . . . . . . 6 . . . 0.2925 
'X-RAY DIFFRACTION' 2.0600 2.3500  1500 . 149 1351 100.0000 . . . 0.0000 0.2079 . . . . . . . 6 . . . 0.2124 
'X-RAY DIFFRACTION' 2.3500 2.9600  1499 . 149 1350 100.0000 . . . 0.0000 0.2116 . . . . . . . 6 . . . 0.2398 
'X-RAY DIFFRACTION' 2.9600 34.2100 1584 . 158 1426 99.0000  . . . 0.0000 0.1572 . . . . . . . 6 . . . 0.1633 
# 
loop_
_struct_ncs_dom.pdbx_ens_id 
_struct_ncs_dom.id 
_struct_ncs_dom.details 
1 1 'chain B'                           
1 2 '(chain C and resid 13 through 24)' 
# 
loop_
_struct_ncs_dom_lim.pdbx_ens_id 
_struct_ncs_dom_lim.dom_id 
_struct_ncs_dom_lim.pdbx_component_id 
_struct_ncs_dom_lim.beg_label_asym_id 
_struct_ncs_dom_lim.beg_label_comp_id 
_struct_ncs_dom_lim.beg_label_seq_id 
_struct_ncs_dom_lim.beg_label_alt_id 
_struct_ncs_dom_lim.end_label_asym_id 
_struct_ncs_dom_lim.end_label_comp_id 
_struct_ncs_dom_lim.end_label_seq_id 
_struct_ncs_dom_lim.end_label_alt_id 
_struct_ncs_dom_lim.beg_auth_asym_id 
_struct_ncs_dom_lim.beg_auth_comp_id 
_struct_ncs_dom_lim.beg_auth_seq_id 
_struct_ncs_dom_lim.end_auth_asym_id 
_struct_ncs_dom_lim.end_auth_comp_id 
_struct_ncs_dom_lim.end_auth_seq_id 
_struct_ncs_dom_lim.pdbx_refine_code 
_struct_ncs_dom_lim.selection_details 
1 1 1 A DC 1 . A DG 12 . B DC 1  B DG 12 ? 'chain B'                           
1 2 1 B DC 1 . B DG 12 . C DC 13 C DG 24 ? '(chain C and resid 13 through 24)' 
# 
_struct_ncs_ens.id        1 
_struct_ncs_ens.details   ? 
# 
_struct.entry_id                     8EDA 
_struct.title                        'An alternating AT dodecamer benzimidazole (DB1476) complex' 
_struct.pdbx_model_details           ? 
_struct.pdbx_formula_weight          ? 
_struct.pdbx_formula_weight_method   ? 
_struct.pdbx_model_type_details      ? 
_struct.pdbx_CASP_flag               N 
# 
_struct_keywords.entry_id        8EDA 
_struct_keywords.text            'DNA, SMALL MOLECULE, MINOR GROOVE' 
_struct_keywords.pdbx_keywords   DNA 
# 
loop_
_struct_asym.id 
_struct_asym.pdbx_blank_PDB_chainid_flag 
_struct_asym.pdbx_modified 
_struct_asym.entity_id 
_struct_asym.details 
A N N 1 ? 
B N N 1 ? 
C N N 2 ? 
D N N 3 ? 
E N N 4 ? 
F N N 4 ? 
# 
loop_
_struct_conn.id 
_struct_conn.conn_type_id 
_struct_conn.pdbx_leaving_atom_flag 
_struct_conn.pdbx_PDB_id 
_struct_conn.ptnr1_label_asym_id 
_struct_conn.ptnr1_label_comp_id 
_struct_conn.ptnr1_label_seq_id 
_struct_conn.ptnr1_label_atom_id 
_struct_conn.pdbx_ptnr1_label_alt_id 
_struct_conn.pdbx_ptnr1_PDB_ins_code 
_struct_conn.pdbx_ptnr1_standard_comp_id 
_struct_conn.ptnr1_symmetry 
_struct_conn.ptnr2_label_asym_id 
_struct_conn.ptnr2_label_comp_id 
_struct_conn.ptnr2_label_seq_id 
_struct_conn.ptnr2_label_atom_id 
_struct_conn.pdbx_ptnr2_label_alt_id 
_struct_conn.pdbx_ptnr2_PDB_ins_code 
_struct_conn.ptnr1_auth_asym_id 
_struct_conn.ptnr1_auth_comp_id 
_struct_conn.ptnr1_auth_seq_id 
_struct_conn.ptnr2_auth_asym_id 
_struct_conn.ptnr2_auth_comp_id 
_struct_conn.ptnr2_auth_seq_id 
_struct_conn.ptnr2_symmetry 
_struct_conn.pdbx_ptnr3_label_atom_id 
_struct_conn.pdbx_ptnr3_label_seq_id 
_struct_conn.pdbx_ptnr3_label_comp_id 
_struct_conn.pdbx_ptnr3_label_asym_id 
_struct_conn.pdbx_ptnr3_label_alt_id 
_struct_conn.pdbx_ptnr3_PDB_ins_code 
_struct_conn.details 
_struct_conn.pdbx_dist_value 
_struct_conn.pdbx_value_order 
_struct_conn.pdbx_role 
metalc1  metalc ? ? D MG .  MG ? ? ? 1_555 E HOH .  O  ? ? B MG 102 B HOH 208 3_645 ? ? ? ? ? ? ?            2.122 ? ? 
metalc2  metalc ? ? D MG .  MG ? ? ? 1_555 E HOH .  O  ? ? B MG 102 B HOH 210 1_555 ? ? ? ? ? ? ?            2.070 ? ? 
metalc3  metalc ? ? D MG .  MG ? ? ? 1_555 E HOH .  O  ? ? B MG 102 B HOH 212 1_555 ? ? ? ? ? ? ?            2.247 ? ? 
metalc4  metalc ? ? D MG .  MG ? ? ? 1_555 E HOH .  O  ? ? B MG 102 B HOH 222 3_645 ? ? ? ? ? ? ?            2.149 ? ? 
metalc5  metalc ? ? D MG .  MG ? ? ? 1_555 E HOH .  O  ? ? B MG 102 B HOH 237 1_555 ? ? ? ? ? ? ?            2.045 ? ? 
metalc6  metalc ? ? D MG .  MG ? ? ? 1_555 F HOH .  O  ? ? B MG 102 C HOH 117 3_645 ? ? ? ? ? ? ?            2.000 ? ? 
hydrog1  hydrog ? ? A DC 1  N3 ? ? ? 1_555 B DG  12 N1 ? ? B DC 1   C DG  24  1_555 ? ? ? ? ? ? WATSON-CRICK ?     ? ? 
hydrog2  hydrog ? ? A DC 1  N4 ? ? ? 1_555 B DG  12 O6 ? ? B DC 1   C DG  24  1_555 ? ? ? ? ? ? WATSON-CRICK ?     ? ? 
hydrog3  hydrog ? ? A DC 1  O2 ? ? ? 1_555 B DG  12 N2 ? ? B DC 1   C DG  24  1_555 ? ? ? ? ? ? WATSON-CRICK ?     ? ? 
hydrog4  hydrog ? ? A DG 2  N1 ? ? ? 1_555 B DC  11 N3 ? ? B DG 2   C DC  23  1_555 ? ? ? ? ? ? WATSON-CRICK ?     ? ? 
hydrog5  hydrog ? ? A DG 2  N2 ? ? ? 1_555 B DC  11 O2 ? ? B DG 2   C DC  23  1_555 ? ? ? ? ? ? WATSON-CRICK ?     ? ? 
hydrog6  hydrog ? ? A DG 2  O6 ? ? ? 1_555 B DC  11 N4 ? ? B DG 2   C DC  23  1_555 ? ? ? ? ? ? WATSON-CRICK ?     ? ? 
hydrog7  hydrog ? ? A DC 3  N3 ? ? ? 1_555 B DG  10 N1 ? ? B DC 3   C DG  22  1_555 ? ? ? ? ? ? WATSON-CRICK ?     ? ? 
hydrog8  hydrog ? ? A DC 3  N4 ? ? ? 1_555 B DG  10 O6 ? ? B DC 3   C DG  22  1_555 ? ? ? ? ? ? WATSON-CRICK ?     ? ? 
hydrog9  hydrog ? ? A DC 3  O2 ? ? ? 1_555 B DG  10 N2 ? ? B DC 3   C DG  22  1_555 ? ? ? ? ? ? WATSON-CRICK ?     ? ? 
hydrog10 hydrog ? ? A DG 4  N1 ? ? ? 1_555 B DC  9  N3 ? ? B DG 4   C DC  21  1_555 ? ? ? ? ? ? WATSON-CRICK ?     ? ? 
hydrog11 hydrog ? ? A DG 4  N2 ? ? ? 1_555 B DC  9  O2 ? ? B DG 4   C DC  21  1_555 ? ? ? ? ? ? WATSON-CRICK ?     ? ? 
hydrog12 hydrog ? ? A DG 4  O6 ? ? ? 1_555 B DC  9  N4 ? ? B DG 4   C DC  21  1_555 ? ? ? ? ? ? WATSON-CRICK ?     ? ? 
hydrog13 hydrog ? ? A DA 5  N1 ? ? ? 1_555 B DT  8  N3 ? ? B DA 5   C DT  20  1_555 ? ? ? ? ? ? WATSON-CRICK ?     ? ? 
hydrog14 hydrog ? ? A DA 5  N6 ? ? ? 1_555 B DT  8  O4 ? ? B DA 5   C DT  20  1_555 ? ? ? ? ? ? WATSON-CRICK ?     ? ? 
hydrog15 hydrog ? ? A DT 6  N3 ? ? ? 1_555 B DA  7  N1 ? ? B DT 6   C DA  19  1_555 ? ? ? ? ? ? WATSON-CRICK ?     ? ? 
hydrog16 hydrog ? ? A DT 6  O4 ? ? ? 1_555 B DA  7  N6 ? ? B DT 6   C DA  19  1_555 ? ? ? ? ? ? WATSON-CRICK ?     ? ? 
hydrog17 hydrog ? ? A DA 7  N1 ? ? ? 1_555 B DT  6  N3 ? ? B DA 7   C DT  18  1_555 ? ? ? ? ? ? WATSON-CRICK ?     ? ? 
hydrog18 hydrog ? ? A DA 7  N6 ? ? ? 1_555 B DT  6  O4 ? ? B DA 7   C DT  18  1_555 ? ? ? ? ? ? WATSON-CRICK ?     ? ? 
hydrog19 hydrog ? ? A DT 8  N3 ? ? ? 1_555 B DA  5  N1 ? ? B DT 8   C DA  17  1_555 ? ? ? ? ? ? WATSON-CRICK ?     ? ? 
hydrog20 hydrog ? ? A DT 8  O4 ? ? ? 1_555 B DA  5  N6 ? ? B DT 8   C DA  17  1_555 ? ? ? ? ? ? WATSON-CRICK ?     ? ? 
hydrog21 hydrog ? ? A DC 9  N3 ? ? ? 1_555 B DG  4  N1 ? ? B DC 9   C DG  16  1_555 ? ? ? ? ? ? WATSON-CRICK ?     ? ? 
hydrog22 hydrog ? ? A DC 9  N4 ? ? ? 1_555 B DG  4  O6 ? ? B DC 9   C DG  16  1_555 ? ? ? ? ? ? WATSON-CRICK ?     ? ? 
hydrog23 hydrog ? ? A DC 9  O2 ? ? ? 1_555 B DG  4  N2 ? ? B DC 9   C DG  16  1_555 ? ? ? ? ? ? WATSON-CRICK ?     ? ? 
hydrog24 hydrog ? ? A DG 10 N1 ? ? ? 1_555 B DC  3  N3 ? ? B DG 10  C DC  15  1_555 ? ? ? ? ? ? WATSON-CRICK ?     ? ? 
hydrog25 hydrog ? ? A DG 10 N2 ? ? ? 1_555 B DC  3  O2 ? ? B DG 10  C DC  15  1_555 ? ? ? ? ? ? WATSON-CRICK ?     ? ? 
hydrog26 hydrog ? ? A DG 10 O6 ? ? ? 1_555 B DC  3  N4 ? ? B DG 10  C DC  15  1_555 ? ? ? ? ? ? WATSON-CRICK ?     ? ? 
hydrog27 hydrog ? ? A DC 11 N3 ? ? ? 1_555 B DG  2  N1 ? ? B DC 11  C DG  14  1_555 ? ? ? ? ? ? WATSON-CRICK ?     ? ? 
hydrog28 hydrog ? ? A DC 11 N4 ? ? ? 1_555 B DG  2  O6 ? ? B DC 11  C DG  14  1_555 ? ? ? ? ? ? WATSON-CRICK ?     ? ? 
hydrog29 hydrog ? ? A DC 11 O2 ? ? ? 1_555 B DG  2  N2 ? ? B DC 11  C DG  14  1_555 ? ? ? ? ? ? WATSON-CRICK ?     ? ? 
hydrog30 hydrog ? ? A DG 12 N1 ? ? ? 1_555 B DC  1  N3 ? ? B DG 12  C DC  13  1_555 ? ? ? ? ? ? WATSON-CRICK ?     ? ? 
hydrog31 hydrog ? ? A DG 12 N2 ? ? ? 1_555 B DC  1  O2 ? ? B DG 12  C DC  13  1_555 ? ? ? ? ? ? WATSON-CRICK ?     ? ? 
hydrog32 hydrog ? ? A DG 12 O6 ? ? ? 1_555 B DC  1  N4 ? ? B DG 12  C DC  13  1_555 ? ? ? ? ? ? WATSON-CRICK ?     ? ? 
# 
loop_
_struct_conn_type.id 
_struct_conn_type.criteria 
_struct_conn_type.reference 
metalc ? ? 
hydrog ? ? 
# 
_atom_sites.entry_id                    8EDA 
_atom_sites.Cartn_transf_matrix[1][1]   ? 
_atom_sites.Cartn_transf_matrix[1][2]   ? 
_atom_sites.Cartn_transf_matrix[1][3]   ? 
_atom_sites.Cartn_transf_matrix[2][1]   ? 
_atom_sites.Cartn_transf_matrix[2][2]   ? 
_atom_sites.Cartn_transf_matrix[2][3]   ? 
_atom_sites.Cartn_transf_matrix[3][1]   ? 
_atom_sites.Cartn_transf_matrix[3][2]   ? 
_atom_sites.Cartn_transf_matrix[3][3]   ? 
_atom_sites.Cartn_transf_vector[1]      ? 
_atom_sites.Cartn_transf_vector[2]      ? 
_atom_sites.Cartn_transf_vector[3]      ? 
_atom_sites.fract_transf_matrix[1][1]   -0.03773562 
_atom_sites.fract_transf_matrix[1][2]   0.00412709 
_atom_sites.fract_transf_matrix[1][3]   0.00824634 
_atom_sites.fract_transf_matrix[2][1]   -0.00322549 
_atom_sites.fract_transf_matrix[2][2]   0.01292902 
_atom_sites.fract_transf_matrix[2][3]   -0.02123066 
_atom_sites.fract_transf_matrix[3][1]   -0.00300140 
_atom_sites.fract_transf_matrix[3][2]   -0.01279055 
_atom_sites.fract_transf_matrix[3][3]   -0.00733318 
_atom_sites.fract_transf_vector[1]      0.583337 
_atom_sites.fract_transf_vector[2]      0.519361 
_atom_sites.fract_transf_vector[3]      0.135982 
_atom_sites.solution_primary            ? 
_atom_sites.solution_secondary          ? 
_atom_sites.solution_hydrogens          ? 
_atom_sites.special_details             ? 
# 
loop_
_atom_type.symbol 
C  
H  
MG 
N  
O  
P  
# 
loop_
_atom_site.group_PDB 
_atom_site.id 
_atom_site.type_symbol 
_atom_site.label_atom_id 
_atom_site.label_alt_id 
_atom_site.label_comp_id 
_atom_site.label_asym_id 
_atom_site.label_entity_id 
_atom_site.label_seq_id 
_atom_site.pdbx_PDB_ins_code 
_atom_site.Cartn_x 
_atom_site.Cartn_y 
_atom_site.Cartn_z 
_atom_site.occupancy 
_atom_site.B_iso_or_equiv 
_atom_site.pdbx_formal_charge 
_atom_site.auth_seq_id 
_atom_site.auth_comp_id 
_atom_site.auth_asym_id 
_atom_site.auth_atom_id 
_atom_site.pdbx_PDB_model_num 
ATOM   1   O  "O5'"  . DC  A 1 1  ? -9.635  -6.491  -18.160 1.00 57.57 ? 1   DC  B "O5'"  1 
ATOM   2   C  "C5'"  . DC  A 1 1  ? -9.322  -5.790  -16.979 1.00 30.72 ? 1   DC  B "C5'"  1 
ATOM   3   C  "C4'"  . DC  A 1 1  ? -10.045 -6.380  -15.786 1.00 28.66 ? 1   DC  B "C4'"  1 
ATOM   4   O  "O4'"  . DC  A 1 1  ? -9.382  -7.613  -15.354 1.00 22.83 ? 1   DC  B "O4'"  1 
ATOM   5   C  "C3'"  . DC  A 1 1  ? -10.084 -5.469  -14.561 1.00 32.45 ? 1   DC  B "C3'"  1 
ATOM   6   O  "O3'"  . DC  A 1 1  ? -11.338 -5.588  -13.889 1.00 27.02 ? 1   DC  B "O3'"  1 
ATOM   7   C  "C2'"  . DC  A 1 1  ? -8.915  -5.964  -13.718 1.00 31.31 ? 1   DC  B "C2'"  1 
ATOM   8   C  "C1'"  . DC  A 1 1  ? -8.944  -7.463  -13.999 1.00 26.65 ? 1   DC  B "C1'"  1 
ATOM   9   N  N1     . DC  A 1 1  ? -7.655  -8.178  -13.862 1.00 24.56 ? 1   DC  B N1     1 
ATOM   10  C  C2     . DC  A 1 1  ? -7.632  -9.392  -13.162 1.00 25.27 ? 1   DC  B C2     1 
ATOM   11  O  O2     . DC  A 1 1  ? -8.675  -9.796  -12.646 1.00 24.12 ? 1   DC  B O2     1 
ATOM   12  N  N3     . DC  A 1 1  ? -6.477  -10.087 -13.078 1.00 19.67 ? 1   DC  B N3     1 
ATOM   13  C  C4     . DC  A 1 1  ? -5.377  -9.614  -13.658 1.00 23.50 ? 1   DC  B C4     1 
ATOM   14  N  N4     . DC  A 1 1  ? -4.258  -10.325 -13.534 1.00 23.51 ? 1   DC  B N4     1 
ATOM   15  C  C5     . DC  A 1 1  ? -5.375  -8.373  -14.376 1.00 23.54 ? 1   DC  B C5     1 
ATOM   16  C  C6     . DC  A 1 1  ? -6.527  -7.702  -14.456 1.00 20.33 ? 1   DC  B C6     1 
ATOM   17  H  "H5'"  . DC  A 1 1  ? -9.583  -4.862  -17.082 1.00 36.88 ? 1   DC  B "H5'"  1 
ATOM   18  H  "H5''" . DC  A 1 1  ? -8.366  -5.835  -16.826 1.00 36.88 ? 1   DC  B "H5''" 1 
ATOM   19  H  "H4'"  . DC  A 1 1  ? -10.952 -6.608  -16.043 1.00 34.40 ? 1   DC  B "H4'"  1 
ATOM   20  H  "H3'"  . DC  A 1 1  ? -9.931  -4.547  -14.823 1.00 38.94 ? 1   DC  B "H3'"  1 
ATOM   21  H  "H2'"  . DC  A 1 1  ? -8.078  -5.565  -14.002 1.00 37.58 ? 1   DC  B "H2'"  1 
ATOM   22  H  "H2''" . DC  A 1 1  ? -9.051  -5.777  -12.776 1.00 37.58 ? 1   DC  B "H2''" 1 
ATOM   23  H  "H1'"  . DC  A 1 1  ? -9.577  -7.862  -13.382 1.00 31.98 ? 1   DC  B "H1'"  1 
ATOM   24  H  H41    . DC  A 1 1  ? -3.529  -10.048 -13.896 1.00 28.22 ? 1   DC  B H41    1 
ATOM   25  H  H42    . DC  A 1 1  ? -4.264  -11.061 -13.090 1.00 28.22 ? 1   DC  B H42    1 
ATOM   26  H  H5     . DC  A 1 1  ? -4.599  -8.046  -14.772 1.00 28.25 ? 1   DC  B H5     1 
ATOM   27  H  H6     . DC  A 1 1  ? -6.560  -6.899  -14.923 1.00 24.41 ? 1   DC  B H6     1 
ATOM   28  H  "HO5'" . DC  A 1 1  ? -9.506  -7.318  -18.207 1.00 69.09 ? 1   DC  B "HO5'" 1 
ATOM   29  P  P      . DG  A 1 2  ? -11.741 -4.527  -12.754 1.00 32.96 ? 2   DG  B P      1 
ATOM   30  O  OP1    . DG  A 1 2  ? -13.196 -4.307  -12.896 1.00 42.24 ? 2   DG  B OP1    1 
ATOM   31  O  OP2    . DG  A 1 2  ? -10.779 -3.409  -12.804 1.00 34.93 ? 2   DG  B OP2    1 
ATOM   32  O  "O5'"  . DG  A 1 2  ? -11.527 -5.305  -11.384 1.00 27.95 ? 2   DG  B "O5'"  1 
ATOM   33  C  "C5'"  . DG  A 1 2  ? -12.243 -6.486  -11.153 1.00 25.30 ? 2   DG  B "C5'"  1 
ATOM   34  C  "C4'"  . DG  A 1 2  ? -11.861 -7.049  -9.818  1.00 29.15 ? 2   DG  B "C4'"  1 
ATOM   35  O  "O4'"  . DG  A 1 2  ? -10.582 -7.702  -9.910  1.00 27.82 ? 2   DG  B "O4'"  1 
ATOM   36  C  "C3'"  . DG  A 1 2  ? -11.750 -6.004  -8.724  1.00 26.44 ? 2   DG  B "C3'"  1 
ATOM   37  O  "O3'"  . DG  A 1 2  ? -12.554 -6.419  -7.628  1.00 31.43 ? 2   DG  B "O3'"  1 
ATOM   38  C  "C2'"  . DG  A 1 2  ? -10.247 -5.924  -8.427  1.00 25.69 ? 2   DG  B "C2'"  1 
ATOM   39  C  "C1'"  . DG  A 1 2  ? -9.742  -7.291  -8.864  1.00 22.80 ? 2   DG  B "C1'"  1 
ATOM   40  N  N9     . DG  A 1 2  ? -8.391  -7.342  -9.405  1.00 20.81 ? 2   DG  B N9     1 
ATOM   41  C  C8     . DG  A 1 2  ? -7.786  -6.489  -10.303 1.00 22.59 ? 2   DG  B C8     1 
ATOM   42  N  N7     . DG  A 1 2  ? -6.582  -6.875  -10.640 1.00 19.74 ? 2   DG  B N7     1 
ATOM   43  C  C5     . DG  A 1 2  ? -6.424  -8.084  -9.987  1.00 18.17 ? 2   DG  B C5     1 
ATOM   44  C  C6     . DG  A 1 2  ? -5.338  -9.002  -9.977  1.00 16.16 ? 2   DG  B C6     1 
ATOM   45  O  O6     . DG  A 1 2  ? -4.259  -8.914  -10.574 1.00 20.53 ? 2   DG  B O6     1 
ATOM   46  N  N1     . DG  A 1 2  ? -5.587  -10.093 -9.158  1.00 17.26 ? 2   DG  B N1     1 
ATOM   47  C  C2     . DG  A 1 2  ? -6.745  -10.285 -8.448  1.00 17.31 ? 2   DG  B C2     1 
ATOM   48  N  N2     . DG  A 1 2  ? -6.825  -11.384 -7.714  1.00 17.65 ? 2   DG  B N2     1 
ATOM   49  N  N3     . DG  A 1 2  ? -7.764  -9.448  -8.463  1.00 19.53 ? 2   DG  B N3     1 
ATOM   50  C  C4     . DG  A 1 2  ? -7.536  -8.383  -9.247  1.00 21.82 ? 2   DG  B C4     1 
ATOM   51  H  "H5'"  . DG  A 1 2  ? -12.038 -7.131  -11.848 1.00 30.37 ? 2   DG  B "H5'"  1 
ATOM   52  H  "H5''" . DG  A 1 2  ? -13.194 -6.298  -11.167 1.00 30.37 ? 2   DG  B "H5''" 1 
ATOM   53  H  "H4'"  . DG  A 1 2  ? -12.504 -7.722  -9.544  1.00 34.99 ? 2   DG  B "H4'"  1 
ATOM   54  H  "H3'"  . DG  A 1 2  ? -12.022 -5.126  -9.033  1.00 31.74 ? 2   DG  B "H3'"  1 
ATOM   55  H  "H2'"  . DG  A 1 2  ? -9.825  -5.215  -8.936  1.00 30.84 ? 2   DG  B "H2'"  1 
ATOM   56  H  "H2''" . DG  A 1 2  ? -10.083 -5.775  -7.481  1.00 30.84 ? 2   DG  B "H2''" 1 
ATOM   57  H  "H1'"  . DG  A 1 2  ? -9.798  -7.870  -8.087  1.00 27.37 ? 2   DG  B "H1'"  1 
ATOM   58  H  H8     . DG  A 1 2  ? -8.192  -5.720  -10.635 1.00 27.11 ? 2   DG  B H8     1 
ATOM   59  H  H1     . DG  A 1 2  ? -4.973  -10.692 -9.090  1.00 20.72 ? 2   DG  B H1     1 
ATOM   60  H  H21    . DG  A 1 2  ? -7.535  -11.543 -7.254  1.00 21.19 ? 2   DG  B H21    1 
ATOM   61  H  H22    . DG  A 1 2  ? -6.168  -11.937 -7.696  1.00 21.19 ? 2   DG  B H22    1 
ATOM   62  P  P      . DC  A 1 3  ? -12.730 -5.504  -6.336  1.00 31.50 ? 3   DC  B P      1 
ATOM   63  O  OP1    . DC  A 1 3  ? -14.167 -5.622  -6.001  1.00 40.69 ? 3   DC  B OP1    1 
ATOM   64  O  OP2    . DC  A 1 3  ? -12.075 -4.190  -6.481  1.00 33.52 ? 3   DC  B OP2    1 
ATOM   65  O  "O5'"  . DC  A 1 3  ? -11.862 -6.284  -5.248  1.00 28.60 ? 3   DC  B "O5'"  1 
ATOM   66  C  "C5'"  . DC  A 1 3  ? -12.178 -7.611  -4.953  1.00 25.48 ? 3   DC  B "C5'"  1 
ATOM   67  C  "C4'"  . DC  A 1 3  ? -10.976 -8.336  -4.404  1.00 20.04 ? 3   DC  B "C4'"  1 
ATOM   68  O  "O4'"  . DC  A 1 3  ? -9.940  -8.366  -5.390  1.00 21.30 ? 3   DC  B "O4'"  1 
ATOM   69  C  "C3'"  . DC  A 1 3  ? -10.332 -7.682  -3.195  1.00 23.96 ? 3   DC  B "C3'"  1 
ATOM   70  O  "O3'"  . DC  A 1 3  ? -10.927 -8.143  -2.034  1.00 27.42 ? 3   DC  B "O3'"  1 
ATOM   71  C  "C2'"  . DC  A 1 3  ? -8.880  -8.109  -3.290  1.00 26.31 ? 3   DC  B "C2'"  1 
ATOM   72  C  "C1'"  . DC  A 1 3  ? -8.691  -8.510  -4.737  1.00 19.75 ? 3   DC  B "C1'"  1 
ATOM   73  N  N1     . DC  A 1 3  ? -7.745  -7.697  -5.456  1.00 17.65 ? 3   DC  B N1     1 
ATOM   74  C  C2     . DC  A 1 3  ? -6.482  -8.192  -5.730  1.00 16.77 ? 3   DC  B C2     1 
ATOM   75  O  O2     . DC  A 1 3  ? -6.176  -9.289  -5.290  1.00 18.10 ? 3   DC  B O2     1 
ATOM   76  N  N3     . DC  A 1 3  ? -5.622  -7.435  -6.457  1.00 18.63 ? 3   DC  B N3     1 
ATOM   77  C  C4     . DC  A 1 3  ? -5.992  -6.231  -6.885  1.00 20.20 ? 3   DC  B C4     1 
ATOM   78  N  N4     . DC  A 1 3  ? -5.125  -5.522  -7.613  1.00 19.52 ? 3   DC  B N4     1 
ATOM   79  C  C5     . DC  A 1 3  ? -7.283  -5.710  -6.614  1.00 19.60 ? 3   DC  B C5     1 
ATOM   80  C  C6     . DC  A 1 3  ? -8.118  -6.464  -5.902  1.00 20.55 ? 3   DC  B C6     1 
ATOM   81  H  "H5'"  . DC  A 1 3  ? -12.481 -8.056  -5.760  1.00 30.59 ? 3   DC  B "H5'"  1 
ATOM   82  H  "H5''" . DC  A 1 3  ? -12.892 -7.631  -4.295  1.00 30.59 ? 3   DC  B "H5''" 1 
ATOM   83  H  "H4'"  . DC  A 1 3  ? -11.236 -9.244  -4.183  1.00 24.06 ? 3   DC  B "H4'"  1 
ATOM   84  H  "H3'"  . DC  A 1 3  ? -10.400 -6.718  -3.262  1.00 28.76 ? 3   DC  B "H3'"  1 
ATOM   85  H  "H2'"  . DC  A 1 3  ? -8.291  -7.374  -3.057  1.00 31.58 ? 3   DC  B "H2'"  1 
ATOM   86  H  "H2''" . DC  A 1 3  ? -8.702  -8.856  -2.700  1.00 31.58 ? 3   DC  B "H2''" 1 
ATOM   87  H  "H1'"  . DC  A 1 3  ? -8.416  -9.441  -4.753  1.00 23.70 ? 3   DC  B "H1'"  1 
ATOM   88  H  H41    . DC  A 1 3  ? -5.342  -4.741  -7.901  1.00 23.44 ? 3   DC  B H41    1 
ATOM   89  H  H42    . DC  A 1 3  ? -4.348  -5.847  -7.794  1.00 23.44 ? 3   DC  B H42    1 
ATOM   90  H  H5     . DC  A 1 3  ? -7.538  -4.870  -6.922  1.00 23.53 ? 3   DC  B H5     1 
ATOM   91  H  H6     . DC  A 1 3  ? -8.970  -6.146  -5.706  1.00 24.66 ? 3   DC  B H6     1 
ATOM   92  P  P      . DG  A 1 4  ? -10.612 -7.442  -0.619  1.00 29.40 ? 4   DG  B P      1 
ATOM   93  O  OP1    . DG  A 1 4  ? -11.786 -7.804  0.194   1.00 34.31 ? 4   DG  B OP1    1 
ATOM   94  O  OP2    . DG  A 1 4  ? -10.194 -6.027  -0.748  1.00 29.31 ? 4   DG  B OP2    1 
ATOM   95  O  "O5'"  . DG  A 1 4  ? -9.342  -8.252  -0.088  1.00 23.71 ? 4   DG  B "O5'"  1 
ATOM   96  C  "C5'"  . DG  A 1 4  ? -9.317  -9.653  -0.059  1.00 24.45 ? 4   DG  B "C5'"  1 
ATOM   97  C  "C4'"  . DG  A 1 4  ? -7.948  -10.141 0.359   1.00 27.91 ? 4   DG  B "C4'"  1 
ATOM   98  O  "O4'"  . DG  A 1 4  ? -6.958  -9.759  -0.641  1.00 23.56 ? 4   DG  B "O4'"  1 
ATOM   99  C  "C3'"  . DG  A 1 4  ? -7.477  -9.546  1.671   1.00 25.04 ? 4   DG  B "C3'"  1 
ATOM   100 O  "O3'"  . DG  A 1 4  ? -6.728  -10.493 2.393   1.00 31.21 ? 4   DG  B "O3'"  1 
ATOM   101 C  "C2'"  . DG  A 1 4  ? -6.657  -8.342  1.212   1.00 22.73 ? 4   DG  B "C2'"  1 
ATOM   102 C  "C1'"  . DG  A 1 4  ? -6.036  -8.833  -0.094  1.00 23.76 ? 4   DG  B "C1'"  1 
ATOM   103 N  N9     . DG  A 1 4  ? -5.805  -7.796  -1.097  1.00 21.65 ? 4   DG  B N9     1 
ATOM   104 C  C8     . DG  A 1 4  ? -6.601  -6.714  -1.368  1.00 16.32 ? 4   DG  B C8     1 
ATOM   105 N  N7     . DG  A 1 4  ? -6.169  -5.979  -2.359  1.00 19.72 ? 4   DG  B N7     1 
ATOM   106 C  C5     . DG  A 1 4  ? -4.994  -6.608  -2.749  1.00 16.96 ? 4   DG  B C5     1 
ATOM   107 C  C6     . DG  A 1 4  ? -4.067  -6.257  -3.757  1.00 18.12 ? 4   DG  B C6     1 
ATOM   108 O  O6     . DG  A 1 4  ? -4.110  -5.300  -4.529  1.00 19.91 ? 4   DG  B O6     1 
ATOM   109 N  N1     . DG  A 1 4  ? -3.020  -7.167  -3.827  1.00 19.80 ? 4   DG  B N1     1 
ATOM   110 C  C2     . DG  A 1 4  ? -2.879  -8.261  -3.017  1.00 21.07 ? 4   DG  B C2     1 
ATOM   111 N  N2     . DG  A 1 4  ? -1.806  -9.024  -3.235  1.00 21.41 ? 4   DG  B N2     1 
ATOM   112 N  N3     . DG  A 1 4  ? -3.741  -8.607  -2.070  1.00 19.98 ? 4   DG  B N3     1 
ATOM   113 C  C4     . DG  A 1 4  ? -4.765  -7.729  -1.988  1.00 16.26 ? 4   DG  B C4     1 
ATOM   114 H  "H5'"  . DG  A 1 4  ? -9.527  -9.998  -0.940  1.00 29.35 ? 4   DG  B "H5'"  1 
ATOM   115 H  "H5''" . DG  A 1 4  ? -9.980  -9.974  0.573   1.00 29.35 ? 4   DG  B "H5''" 1 
ATOM   116 H  "H4'"  . DG  A 1 4  ? -7.944  -11.109 0.417   1.00 33.50 ? 4   DG  B "H4'"  1 
ATOM   117 H  "H3'"  . DG  A 1 4  ? -8.223  -9.242  2.210   1.00 30.05 ? 4   DG  B "H3'"  1 
ATOM   118 H  "H2'"  . DG  A 1 4  ? -7.221  -7.568  1.063   1.00 27.28 ? 4   DG  B "H2'"  1 
ATOM   119 H  "H2''" . DG  A 1 4  ? -5.973  -8.113  1.861   1.00 27.28 ? 4   DG  B "H2''" 1 
ATOM   120 H  "H1'"  . DG  A 1 4  ? -5.193  -9.267  0.110   1.00 28.52 ? 4   DG  B "H1'"  1 
ATOM   121 H  H8     . DG  A 1 4  ? -7.376  -6.521  -0.892  1.00 19.59 ? 4   DG  B H8     1 
ATOM   122 H  H1     . DG  A 1 4  ? -2.416  -7.033  -4.424  1.00 23.76 ? 4   DG  B H1     1 
ATOM   123 H  H21    . DG  A 1 4  ? -1.679  -9.733  -2.766  1.00 25.70 ? 4   DG  B H21    1 
ATOM   124 H  H22    . DG  A 1 4  ? -1.240  -8.807  -3.847  1.00 25.70 ? 4   DG  B H22    1 
ATOM   125 P  P      . DA  A 1 5  ? -5.979  -10.053 3.748   1.00 31.61 ? 5   DA  B P      1 
ATOM   126 O  OP1    . DA  A 1 5  ? -6.085  -11.282 4.574   1.00 35.09 ? 5   DA  B OP1    1 
ATOM   127 O  OP2    . DA  A 1 5  ? -6.472  -8.760  4.233   1.00 27.45 ? 5   DA  B OP2    1 
ATOM   128 O  "O5'"  . DA  A 1 5  ? -4.461  -9.852  3.295   1.00 25.23 ? 5   DA  B "O5'"  1 
ATOM   129 C  "C5'"  . DA  A 1 5  ? -3.829  -10.910 2.652   1.00 24.78 ? 5   DA  B "C5'"  1 
ATOM   130 C  "C4'"  . DA  A 1 5  ? -2.409  -10.577 2.247   1.00 29.48 ? 5   DA  B "C4'"  1 
ATOM   131 O  "O4'"  . DA  A 1 5  ? -2.432  -9.587  1.184   1.00 20.98 ? 5   DA  B "O4'"  1 
ATOM   132 C  "C3'"  . DA  A 1 5  ? -1.522  -9.989  3.343   1.00 20.60 ? 5   DA  B "C3'"  1 
ATOM   133 O  "O3'"  . DA  A 1 5  ? -0.268  -10.617 3.282   1.00 23.81 ? 5   DA  B "O3'"  1 
ATOM   134 C  "C2'"  . DA  A 1 5  ? -1.448  -8.500  3.007   1.00 20.25 ? 5   DA  B "C2'"  1 
ATOM   135 C  "C1'"  . DA  A 1 5  ? -1.595  -8.492  1.495   1.00 20.69 ? 5   DA  B "C1'"  1 
ATOM   136 N  N9     . DA  A 1 5  ? -2.182  -7.274  0.930   1.00 20.38 ? 5   DA  B N9     1 
ATOM   137 C  C8     . DA  A 1 5  ? -3.340  -6.648  1.316   1.00 18.80 ? 5   DA  B C8     1 
ATOM   138 N  N7     . DA  A 1 5  ? -3.637  -5.594  0.595   1.00 19.29 ? 5   DA  B N7     1 
ATOM   139 C  C5     . DA  A 1 5  ? -2.618  -5.535  -0.340  1.00 17.94 ? 5   DA  B C5     1 
ATOM   140 C  C6     . DA  A 1 5  ? -2.346  -4.622  -1.371  1.00 20.60 ? 5   DA  B C6     1 
ATOM   141 N  N6     . DA  A 1 5  ? -3.149  -3.605  -1.662  1.00 20.57 ? 5   DA  B N6     1 
ATOM   142 N  N1     . DA  A 1 5  ? -1.240  -4.831  -2.120  1.00 20.66 ? 5   DA  B N1     1 
ATOM   143 C  C2     . DA  A 1 5  ? -0.457  -5.881  -1.827  1.00 21.80 ? 5   DA  B C2     1 
ATOM   144 N  N3     . DA  A 1 5  ? -0.604  -6.806  -0.865  1.00 20.00 ? 5   DA  B N3     1 
ATOM   145 C  C4     . DA  A 1 5  ? -1.714  -6.561  -0.147  1.00 20.10 ? 5   DA  B C4     1 
ATOM   146 H  "H5'"  . DA  A 1 5  ? -4.336  -11.142 1.857   1.00 29.74 ? 5   DA  B "H5'"  1 
ATOM   147 H  "H5''" . DA  A 1 5  ? -3.813  -11.675 3.249   1.00 29.74 ? 5   DA  B "H5''" 1 
ATOM   148 H  "H4'"  . DA  A 1 5  ? -1.985  -11.385 1.919   1.00 35.38 ? 5   DA  B "H4'"  1 
ATOM   149 H  "H3'"  . DA  A 1 5  ? -1.932  -10.089 4.215   1.00 24.73 ? 5   DA  B "H3'"  1 
ATOM   150 H  "H2'"  . DA  A 1 5  ? -2.166  -8.007  3.433   1.00 24.31 ? 5   DA  B "H2'"  1 
ATOM   151 H  "H2''" . DA  A 1 5  ? -0.598  -8.119  3.279   1.00 24.31 ? 5   DA  B "H2''" 1 
ATOM   152 H  "H1'"  . DA  A 1 5  ? -0.720  -8.614  1.095   1.00 24.83 ? 5   DA  B "H1'"  1 
ATOM   153 H  H8     . DA  A 1 5  ? -3.865  -6.944  2.024   1.00 22.56 ? 5   DA  B H8     1 
ATOM   154 H  H61    . DA  A 1 5  ? -2.964  -3.085  -2.322  1.00 24.70 ? 5   DA  B H61    1 
ATOM   155 H  H62    . DA  A 1 5  ? -3.854  -3.465  -1.190  1.00 24.70 ? 5   DA  B H62    1 
ATOM   156 H  H2     . DA  A 1 5  ? 0.294   -5.982  -2.367  1.00 26.17 ? 5   DA  B H2     1 
ATOM   157 P  P      . DT  A 1 6  ? 0.881   -10.284 4.348   1.00 23.08 ? 6   DT  B P      1 
ATOM   158 O  OP1    . DT  A 1 6  ? 1.747   -11.482 4.354   1.00 21.96 ? 6   DT  B OP1    1 
ATOM   159 O  OP2    . DT  A 1 6  ? 0.278   -9.683  5.573   1.00 20.99 ? 6   DT  B OP2    1 
ATOM   160 O  "O5'"  . DT  A 1 6  ? 1.697   -9.127  3.623   1.00 21.18 ? 6   DT  B "O5'"  1 
ATOM   161 C  "C5'"  . DT  A 1 6  ? 2.308   -9.392  2.385   1.00 21.12 ? 6   DT  B "C5'"  1 
ATOM   162 C  "C4'"  . DT  A 1 6  ? 2.956   -8.142  1.857   1.00 26.26 ? 6   DT  B "C4'"  1 
ATOM   163 O  "O4'"  . DT  A 1 6  ? 1.946   -7.196  1.481   1.00 22.85 ? 6   DT  B "O4'"  1 
ATOM   164 C  "C3'"  . DT  A 1 6  ? 3.865   -7.424  2.856   1.00 18.98 ? 6   DT  B "C3'"  1 
ATOM   165 O  "O3'"  . DT  A 1 6  ? 5.181   -7.549  2.378   1.00 22.23 ? 6   DT  B "O3'"  1 
ATOM   166 C  "C2'"  . DT  A 1 6  ? 3.365   -5.961  2.849   1.00 18.75 ? 6   DT  B "C2'"  1 
ATOM   167 C  "C1'"  . DT  A 1 6  ? 2.485   -5.912  1.600   1.00 25.10 ? 6   DT  B "C1'"  1 
ATOM   168 N  N1     . DT  A 1 6  ? 1.345   -4.976  1.639   1.00 19.09 ? 6   DT  B N1     1 
ATOM   169 C  C2     . DT  A 1 6  ? 1.234   -4.028  0.639   1.00 16.55 ? 6   DT  B C2     1 
ATOM   170 O  O2     . DT  A 1 6  ? 2.058   -3.887  -0.223  1.00 22.16 ? 6   DT  B O2     1 
ATOM   171 N  N3     . DT  A 1 6  ? 0.131   -3.242  0.711   1.00 18.43 ? 6   DT  B N3     1 
ATOM   172 C  C4     . DT  A 1 6  ? -0.883  -3.325  1.649   1.00 16.21 ? 6   DT  B C4     1 
ATOM   173 O  O4     . DT  A 1 6  ? -1.845  -2.574  1.627   1.00 18.70 ? 6   DT  B O4     1 
ATOM   174 C  C5     . DT  A 1 6  ? -0.714  -4.339  2.670   1.00 18.05 ? 6   DT  B C5     1 
ATOM   175 C  C7     . DT  A 1 6  ? -1.753  -4.513  3.742   1.00 21.08 ? 6   DT  B C7     1 
ATOM   176 C  C6     . DT  A 1 6  ? 0.362   -5.136  2.596   1.00 19.52 ? 6   DT  B C6     1 
ATOM   177 P  P      . DA  A 1 7  ? 6.429   -6.938  3.175   1.00 21.14 ? 7   DA  B P      1 
ATOM   178 O  OP1    . DA  A 1 7  ? 7.604   -7.721  2.727   1.00 23.59 ? 7   DA  B OP1    1 
ATOM   179 O  OP2    . DA  A 1 7  ? 6.128   -6.730  4.589   1.00 19.76 ? 7   DA  B OP2    1 
ATOM   180 O  "O5'"  . DA  A 1 7  ? 6.588   -5.490  2.531   1.00 19.23 ? 7   DA  B "O5'"  1 
ATOM   181 C  "C5'"  . DA  A 1 7  ? 6.724   -5.366  1.166   1.00 16.22 ? 7   DA  B "C5'"  1 
ATOM   182 C  "C4'"  . DA  A 1 7  ? 6.657   -3.922  0.747   1.00 18.36 ? 7   DA  B "C4'"  1 
ATOM   183 O  "O4'"  . DA  A 1 7  ? 5.318   -3.438  0.915   1.00 21.95 ? 7   DA  B "O4'"  1 
ATOM   184 C  "C3'"  . DA  A 1 7  ? 7.581   -2.988  1.529   1.00 19.56 ? 7   DA  B "C3'"  1 
ATOM   185 O  "O3'"  . DA  A 1 7  ? 8.470   -2.407  0.606   1.00 22.82 ? 7   DA  B "O3'"  1 
ATOM   186 C  "C2'"  . DA  A 1 7  ? 6.622   -1.949  2.166   1.00 22.62 ? 7   DA  B "C2'"  1 
ATOM   187 C  "C1'"  . DA  A 1 7  ? 5.362   -2.085  1.300   1.00 21.05 ? 7   DA  B "C1'"  1 
ATOM   188 N  N9     . DA  A 1 7  ? 4.101   -1.781  1.964   1.00 17.24 ? 7   DA  B N9     1 
ATOM   189 C  C8     . DA  A 1 7  ? 3.581   -2.403  3.057   1.00 18.30 ? 7   DA  B C8     1 
ATOM   190 N  N7     . DA  A 1 7  ? 2.405   -1.957  3.416   1.00 20.70 ? 7   DA  B N7     1 
ATOM   191 C  C5     . DA  A 1 7  ? 2.127   -0.967  2.477   1.00 15.97 ? 7   DA  B C5     1 
ATOM   192 C  C6     . DA  A 1 7  ? 1.022   -0.129  2.291   1.00 16.17 ? 7   DA  B C6     1 
ATOM   193 N  N6     . DA  A 1 7  ? -0.035  -0.143  3.087   1.00 17.20 ? 7   DA  B N6     1 
ATOM   194 N  N1     . DA  A 1 7  ? 1.055   0.737   1.241   1.00 19.72 ? 7   DA  B N1     1 
ATOM   195 C  C2     . DA  A 1 7  ? 2.129   0.745   0.442   1.00 18.91 ? 7   DA  B C2     1 
ATOM   196 N  N3     . DA  A 1 7  ? 3.222   -0.017  0.503   1.00 19.22 ? 7   DA  B N3     1 
ATOM   197 C  C4     . DA  A 1 7  ? 3.155   -0.852  1.565   1.00 19.43 ? 7   DA  B C4     1 
ATOM   198 P  P      . DT  A 1 8  ? 9.642   -1.433  1.067   1.00 26.84 ? 8   DT  B P      1 
ATOM   199 O  OP1    . DT  A 1 8  ? 10.695  -1.545  0.027   1.00 27.23 ? 8   DT  B OP1    1 
ATOM   200 O  OP2    . DT  A 1 8  ? 9.911   -1.613  2.517   1.00 27.29 ? 8   DT  B OP2    1 
ATOM   201 O  "O5'"  . DT  A 1 8  ? 8.978   -0.009  0.879   1.00 22.61 ? 8   DT  B "O5'"  1 
ATOM   202 C  "C5'"  . DT  A 1 8  ? 8.501   0.315   -0.387  1.00 21.79 ? 8   DT  B "C5'"  1 
ATOM   203 C  "C4'"  . DT  A 1 8  ? 7.664   1.567   -0.354  1.00 19.74 ? 8   DT  B "C4'"  1 
ATOM   204 O  "O4'"  . DT  A 1 8  ? 6.465   1.341   0.421   1.00 19.14 ? 8   DT  B "O4'"  1 
ATOM   205 C  "C3'"  . DT  A 1 8  ? 8.361   2.777   0.287   1.00 24.47 ? 8   DT  B "C3'"  1 
ATOM   206 O  "O3'"  . DT  A 1 8  ? 8.701   3.704   -0.732  1.00 24.04 ? 8   DT  B "O3'"  1 
ATOM   207 C  "C2'"  . DT  A 1 8  ? 7.329   3.334   1.292   1.00 22.92 ? 8   DT  B "C2'"  1 
ATOM   208 C  "C1'"  . DT  A 1 8  ? 6.044   2.589   0.930   1.00 21.03 ? 8   DT  B "C1'"  1 
ATOM   209 N  N1     . DT  A 1 8  ? 5.098   2.346   2.074   1.00 18.49 ? 8   DT  B N1     1 
ATOM   210 C  C2     . DT  A 1 8  ? 3.859   2.931   2.057   1.00 19.25 ? 8   DT  B C2     1 
ATOM   211 O  O2     . DT  A 1 8  ? 3.494   3.691   1.174   1.00 20.02 ? 8   DT  B O2     1 
ATOM   212 N  N3     . DT  A 1 8  ? 3.062   2.627   3.127   1.00 20.12 ? 8   DT  B N3     1 
ATOM   213 C  C4     . DT  A 1 8  ? 3.366   1.785   4.183   1.00 16.26 ? 8   DT  B C4     1 
ATOM   214 O  O4     . DT  A 1 8  ? 2.567   1.548   5.091   1.00 17.30 ? 8   DT  B O4     1 
ATOM   215 C  C5     . DT  A 1 8  ? 4.680   1.184   4.130   1.00 18.95 ? 8   DT  B C5     1 
ATOM   216 C  C7     . DT  A 1 8  ? 5.123   0.261   5.211   1.00 23.39 ? 8   DT  B C7     1 
ATOM   217 C  C6     . DT  A 1 8  ? 5.467   1.474   3.089   1.00 18.19 ? 8   DT  B C6     1 
ATOM   218 H  "H5'"  . DT  A 1 8  ? 7.961   -0.419  -0.720  1.00 26.16 ? 8   DT  B "H5'"  1 
ATOM   219 H  "H5''" . DT  A 1 8  ? 9.253   0.451   -0.984  1.00 26.16 ? 8   DT  B "H5''" 1 
ATOM   220 H  "H4'"  . DT  A 1 8  ? 7.397   1.794   -1.258  1.00 23.69 ? 8   DT  B "H4'"  1 
ATOM   221 H  "H3'"  . DT  A 1 8  ? 9.143   2.498   0.786   1.00 29.37 ? 8   DT  B "H3'"  1 
ATOM   222 H  "H2'"  . DT  A 1 8  ? 7.595   3.145   2.205   1.00 27.52 ? 8   DT  B "H2'"  1 
ATOM   223 H  "H2''" . DT  A 1 8  ? 7.220   4.291   1.185   1.00 27.52 ? 8   DT  B "H2''" 1 
ATOM   224 H  "H1'"  . DT  A 1 8  ? 5.567   3.093   0.251   1.00 25.25 ? 8   DT  B "H1'"  1 
ATOM   225 H  H3     . DT  A 1 8  ? 2.287   2.999   3.145   1.00 24.15 ? 8   DT  B H3     1 
ATOM   226 H  H71    . DT  A 1 8  ? 5.338   -0.601  4.823   1.00 28.08 ? 8   DT  B H71    1 
ATOM   227 H  H72    . DT  A 1 8  ? 5.907   0.634   5.643   1.00 28.08 ? 8   DT  B H72    1 
ATOM   228 H  H73    . DT  A 1 8  ? 4.405   0.163   5.857   1.00 28.08 ? 8   DT  B H73    1 
ATOM   229 H  H6     . DT  A 1 8  ? 6.305   1.073   3.043   1.00 21.83 ? 8   DT  B H6     1 
ATOM   230 P  P      . DC  A 1 9  ? 9.467   5.078   -0.416  1.00 27.18 ? 9   DC  B P      1 
ATOM   231 O  OP1    . DC  A 1 9  ? 10.142  5.364   -1.714  1.00 30.16 ? 9   DC  B OP1    1 
ATOM   232 O  OP2    . DC  A 1 9  ? 10.219  5.008   0.849   1.00 25.90 ? 9   DC  B OP2    1 
ATOM   233 O  "O5'"  . DC  A 1 9  ? 8.263   6.090   -0.226  1.00 23.17 ? 9   DC  B "O5'"  1 
ATOM   234 C  "C5'"  . DC  A 1 9  ? 7.345   6.217   -1.287  1.00 23.11 ? 9   DC  B "C5'"  1 
ATOM   235 C  "C4'"  . DC  A 1 9  ? 6.245   7.200   -0.959  1.00 23.65 ? 9   DC  B "C4'"  1 
ATOM   236 O  "O4'"  . DC  A 1 9  ? 5.461   6.703   0.146   1.00 21.94 ? 9   DC  B "O4'"  1 
ATOM   237 C  "C3'"  . DC  A 1 9  ? 6.715   8.594   -0.552  1.00 26.35 ? 9   DC  B "C3'"  1 
ATOM   238 O  "O3'"  . DC  A 1 9  ? 6.074   9.558   -1.393  1.00 24.79 ? 9   DC  B "O3'"  1 
ATOM   239 C  "C2'"  . DC  A 1 9  ? 6.321   8.718   0.931   1.00 21.66 ? 9   DC  B "C2'"  1 
ATOM   240 C  "C1'"  . DC  A 1 9  ? 5.172   7.750   1.058   1.00 24.50 ? 9   DC  B "C1'"  1 
ATOM   241 N  N1     . DC  A 1 9  ? 4.994   7.064   2.367   1.00 18.73 ? 9   DC  B N1     1 
ATOM   242 C  C2     . DC  A 1 9  ? 3.766   7.119   3.038   1.00 20.56 ? 9   DC  B C2     1 
ATOM   243 O  O2     . DC  A 1 9  ? 2.877   7.878   2.638   1.00 19.67 ? 9   DC  B O2     1 
ATOM   244 N  N3     . DC  A 1 9  ? 3.601   6.368   4.148   1.00 19.02 ? 9   DC  B N3     1 
ATOM   245 C  C4     . DC  A 1 9  ? 4.570   5.582   4.575   1.00 21.77 ? 9   DC  B C4     1 
ATOM   246 N  N4     . DC  A 1 9  ? 4.342   4.861   5.678   1.00 18.52 ? 9   DC  B N4     1 
ATOM   247 C  C5     . DC  A 1 9  ? 5.812   5.485   3.901   1.00 18.86 ? 9   DC  B C5     1 
ATOM   248 C  C6     . DC  A 1 9  ? 5.971   6.209   2.796   1.00 19.89 ? 9   DC  B C6     1 
ATOM   249 H  "H5'"  . DC  A 1 9  ? 6.950   5.350   -1.468  1.00 27.74 ? 9   DC  B "H5'"  1 
ATOM   250 H  "H5''" . DC  A 1 9  ? 7.816   6.521   -2.078  1.00 27.74 ? 9   DC  B "H5''" 1 
ATOM   251 H  "H4'"  . DC  A 1 9  ? 5.665   7.288   -1.731  1.00 28.39 ? 9   DC  B "H4'"  1 
ATOM   252 H  "H3'"  . DC  A 1 9  ? 7.681   8.665   -0.610  1.00 31.63 ? 9   DC  B "H3'"  1 
ATOM   253 H  "H2'"  . DC  A 1 9  ? 7.056   8.467   1.513   1.00 26.00 ? 9   DC  B "H2'"  1 
ATOM   254 H  "H2''" . DC  A 1 9  ? 6.043   9.622   1.146   1.00 26.00 ? 9   DC  B "H2''" 1 
ATOM   255 H  "H1'"  . DC  A 1 9  ? 4.369   8.254   0.851   1.00 29.41 ? 9   DC  B "H1'"  1 
ATOM   256 H  H41    . DC  A 1 9  ? 4.952   4.339   5.984   1.00 22.24 ? 9   DC  B H41    1 
ATOM   257 H  H42    . DC  A 1 9  ? 3.585   4.920   6.082   1.00 22.24 ? 9   DC  B H42    1 
ATOM   258 H  H5     . DC  A 1 9  ? 6.491   4.936   4.219   1.00 22.64 ? 9   DC  B H5     1 
ATOM   259 H  H6     . DC  A 1 9  ? 6.759   6.132   2.307   1.00 23.88 ? 9   DC  B H6     1 
ATOM   260 P  P      . DG  A 1 10 ? 6.706   11.023  -1.595  1.00 27.69 ? 10  DG  B P      1 
ATOM   261 O  OP1    . DG  A 1 10 ? 6.159   11.548  -2.867  1.00 30.13 ? 10  DG  B OP1    1 
ATOM   262 O  OP2    . DG  A 1 10 ? 8.155   10.990  -1.293  1.00 26.72 ? 10  DG  B OP2    1 
ATOM   263 O  "O5'"  . DG  A 1 10 ? 6.054   11.862  -0.405  1.00 22.72 ? 10  DG  B "O5'"  1 
ATOM   264 C  "C5'"  . DG  A 1 10 ? 4.677   12.004  -0.363  1.00 21.57 ? 10  DG  B "C5'"  1 
ATOM   265 C  "C4'"  . DG  A 1 10 ? 4.231   12.542  0.974   1.00 29.59 ? 10  DG  B "C4'"  1 
ATOM   266 O  "O4'"  . DG  A 1 10 ? 4.298   11.496  1.969   1.00 22.87 ? 10  DG  B "O4'"  1 
ATOM   267 C  "C3'"  . DG  A 1 10 ? 5.069   13.688  1.548   1.00 27.42 ? 10  DG  B "C3'"  1 
ATOM   268 O  "O3'"  . DG  A 1 10 ? 4.179   14.569  2.165   1.00 26.78 ? 10  DG  B "O3'"  1 
ATOM   269 C  "C2'"  . DG  A 1 10 ? 5.963   12.975  2.556   1.00 26.38 ? 10  DG  B "C2'"  1 
ATOM   270 C  "C1'"  . DG  A 1 10 ? 4.939   12.023  3.106   1.00 23.19 ? 10  DG  B "C1'"  1 
ATOM   271 N  N9     . DG  A 1 10 ? 5.426   10.921  3.904   1.00 21.37 ? 10  DG  B N9     1 
ATOM   272 C  C8     . DG  A 1 10 ? 6.650   10.293  3.861   1.00 20.08 ? 10  DG  B C8     1 
ATOM   273 N  N7     . DG  A 1 10 ? 6.753   9.310   4.728   1.00 22.20 ? 10  DG  B N7     1 
ATOM   274 C  C5     . DG  A 1 10 ? 5.516   9.301   5.363   1.00 20.62 ? 10  DG  B C5     1 
ATOM   275 C  C6     . DG  A 1 10 ? 5.028   8.471   6.383   1.00 17.81 ? 10  DG  B C6     1 
ATOM   276 O  O6     . DG  A 1 10 ? 5.618   7.543   6.947   1.00 20.78 ? 10  DG  B O6     1 
ATOM   277 N  N1     . DG  A 1 10 ? 3.720   8.805   6.742   1.00 18.92 ? 10  DG  B N1     1 
ATOM   278 C  C2     . DG  A 1 10 ? 2.982   9.817   6.175   1.00 19.95 ? 10  DG  B C2     1 
ATOM   279 N  N2     . DG  A 1 10 ? 1.748   10.014  6.664   1.00 17.97 ? 10  DG  B N2     1 
ATOM   280 N  N3     . DG  A 1 10 ? 3.428   10.596  5.200   1.00 21.14 ? 10  DG  B N3     1 
ATOM   281 C  C4     . DG  A 1 10 ? 4.699   10.281  4.856   1.00 20.07 ? 10  DG  B C4     1 
ATOM   282 H  "H5'"  . DG  A 1 10 ? 4.263   11.140  -0.513  1.00 25.89 ? 10  DG  B "H5'"  1 
ATOM   283 H  "H5''" . DG  A 1 10 ? 4.397   12.615  -1.062  1.00 25.89 ? 10  DG  B "H5''" 1 
ATOM   284 H  "H4'"  . DG  A 1 10 ? 3.313   12.844  0.885   1.00 35.51 ? 10  DG  B "H4'"  1 
ATOM   285 H  "H3'"  . DG  A 1 10 ? 5.622   14.125  0.882   1.00 32.91 ? 10  DG  B "H3'"  1 
ATOM   286 H  "H2'"  . DG  A 1 10 ? 6.706   12.516  2.134   1.00 31.67 ? 10  DG  B "H2'"  1 
ATOM   287 H  "H2''" . DG  A 1 10 ? 6.309   13.577  3.234   1.00 31.67 ? 10  DG  B "H2''" 1 
ATOM   288 H  "H1'"  . DG  A 1 10 ? 4.328   12.524  3.668   1.00 27.84 ? 10  DG  B "H1'"  1 
ATOM   289 H  H8     . DG  A 1 10 ? 7.333   10.539  3.280   1.00 24.10 ? 10  DG  B H8     1 
ATOM   290 H  H1     . DG  A 1 10 ? 3.348   8.341   7.364   1.00 22.71 ? 10  DG  B H1     1 
ATOM   291 H  H21    . DG  A 1 10 ? 1.254   10.643  6.345   1.00 21.57 ? 10  DG  B H21    1 
ATOM   292 H  H22    . DG  A 1 10 ? 1.451   9.513   7.296   1.00 21.57 ? 10  DG  B H22    1 
ATOM   293 P  P      . DC  A 1 11 ? 4.042   16.091  1.673   1.00 29.26 ? 11  DC  B P      1 
ATOM   294 O  OP1    . DC  A 1 11 ? 3.931   16.017  0.185   1.00 31.83 ? 11  DC  B OP1    1 
ATOM   295 O  OP2    . DC  A 1 11 ? 5.100   16.920  2.289   1.00 31.95 ? 11  DC  B OP2    1 
ATOM   296 O  "O5'"  . DC  A 1 11 ? 2.644   16.494  2.332   1.00 32.28 ? 11  DC  B "O5'"  1 
ATOM   297 C  "C5'"  . DC  A 1 11 ? 1.492   15.721  1.991   1.00 30.86 ? 11  DC  B "C5'"  1 
ATOM   298 C  "C4'"  . DC  A 1 11 ? 0.683   15.304  3.214   1.00 29.28 ? 11  DC  B "C4'"  1 
ATOM   299 O  "O4'"  . DC  A 1 11 ? 1.441   14.399  4.024   1.00 23.54 ? 11  DC  B "O4'"  1 
ATOM   300 C  "C3'"  . DC  A 1 11 ? 0.202   16.402  4.143   1.00 20.11 ? 11  DC  B "C3'"  1 
ATOM   301 O  "O3'"  . DC  A 1 11 ? -1.186  16.180  4.353   1.00 22.86 ? 11  DC  B "O3'"  1 
ATOM   302 C  "C2'"  . DC  A 1 11 ? 1.017   16.222  5.431   1.00 23.83 ? 11  DC  B "C2'"  1 
ATOM   303 C  "C1'"  . DC  A 1 11 ? 1.341   14.743  5.397   1.00 21.83 ? 11  DC  B "C1'"  1 
ATOM   304 N  N1     . DC  A 1 11 ? 2.576   14.310  5.976   1.00 17.45 ? 11  DC  B N1     1 
ATOM   305 C  C2     . DC  A 1 11 ? 2.542   13.341  6.981   1.00 15.51 ? 11  DC  B C2     1 
ATOM   306 O  O2     . DC  A 1 11 ? 1.453   12.984  7.431   1.00 18.89 ? 11  DC  B O2     1 
ATOM   307 N  N3     . DC  A 1 11 ? 3.692   12.838  7.427   1.00 19.90 ? 11  DC  B N3     1 
ATOM   308 C  C4     . DC  A 1 11 ? 4.841   13.222  6.901   1.00 20.02 ? 11  DC  B C4     1 
ATOM   309 N  N4     . DC  A 1 11 ? 5.958   12.671  7.366   1.00 25.47 ? 11  DC  B N4     1 
ATOM   310 C  C5     . DC  A 1 11 ? 4.896   14.182  5.849   1.00 19.04 ? 11  DC  B C5     1 
ATOM   311 C  C6     . DC  A 1 11 ? 3.747   14.676  5.415   1.00 21.58 ? 11  DC  B C6     1 
ATOM   312 H  "H5'"  . DC  A 1 11 ? 1.781   14.924  1.520   1.00 37.04 ? 11  DC  B "H5'"  1 
ATOM   313 H  "H5''" . DC  A 1 11 ? 0.926   16.246  1.406   1.00 37.04 ? 11  DC  B "H5''" 1 
ATOM   314 H  "H4'"  . DC  A 1 11 ? -0.106  14.845  2.888   1.00 35.14 ? 11  DC  B "H4'"  1 
ATOM   315 H  "H3'"  . DC  A 1 11 ? 0.401   17.283  3.787   1.00 24.13 ? 11  DC  B "H3'"  1 
ATOM   316 H  "H2'"  . DC  A 1 11 ? 1.823   16.762  5.419   1.00 28.60 ? 11  DC  B "H2'"  1 
ATOM   317 H  "H2''" . DC  A 1 11 ? 0.495   16.452  6.215   1.00 28.60 ? 11  DC  B "H2''" 1 
ATOM   318 H  "H1'"  . DC  A 1 11 ? 0.612   14.303  5.862   1.00 26.21 ? 11  DC  B "H1'"  1 
ATOM   319 H  H41    . DC  A 1 11 ? 6.719   12.904  7.040   1.00 30.57 ? 11  DC  B H41    1 
ATOM   320 H  H42    . DC  A 1 11 ? 5.918   12.083  7.991   1.00 30.57 ? 11  DC  B H42    1 
ATOM   321 H  H5     . DC  A 1 11 ? 5.707   14.452  5.482   1.00 22.85 ? 11  DC  B H5     1 
ATOM   322 H  H6     . DC  A 1 11 ? 3.747   15.284  4.711   1.00 25.91 ? 11  DC  B H6     1 
ATOM   323 P  P      . DG  A 1 12 ? -2.126  17.347  4.894   1.00 30.97 ? 12  DG  B P      1 
ATOM   324 O  OP1    . DG  A 1 12 ? -3.498  16.832  4.747   1.00 33.81 ? 12  DG  B OP1    1 
ATOM   325 O  OP2    . DG  A 1 12 ? -1.670  18.636  4.325   1.00 33.24 ? 12  DG  B OP2    1 
ATOM   326 O  "O5'"  . DG  A 1 12 ? -1.840  17.403  6.454   1.00 24.48 ? 12  DG  B "O5'"  1 
ATOM   327 C  "C5'"  . DG  A 1 12 ? -2.463  16.504  7.306   1.00 25.29 ? 12  DG  B "C5'"  1 
ATOM   328 C  "C4'"  . DG  A 1 12 ? -1.915  16.663  8.706   1.00 19.94 ? 12  DG  B "C4'"  1 
ATOM   329 O  "O4'"  . DG  A 1 12 ? -0.603  16.129  8.769   1.00 20.40 ? 12  DG  B "O4'"  1 
ATOM   330 C  "C3'"  . DG  A 1 12 ? -1.794  18.113  9.186   1.00 25.17 ? 12  DG  B "C3'"  1 
ATOM   331 O  "O3'"  . DG  A 1 12 ? -2.931  18.466  10.004  1.00 22.10 ? 12  DG  B "O3'"  1 
ATOM   332 C  "C2'"  . DG  A 1 12 ? -0.468  18.160  9.978   1.00 23.97 ? 12  DG  B "C2'"  1 
ATOM   333 C  "C1'"  . DG  A 1 12 ? 0.128   16.757  9.808   1.00 19.75 ? 12  DG  B "C1'"  1 
ATOM   334 N  N9     . DG  A 1 12 ? 1.544   16.641  9.492   1.00 20.58 ? 12  DG  B N9     1 
ATOM   335 C  C8     . DG  A 1 12 ? 2.223   17.173  8.418   1.00 22.72 ? 12  DG  B C8     1 
ATOM   336 N  N7     . DG  A 1 12 ? 3.456   16.769  8.349   1.00 23.98 ? 12  DG  B N7     1 
ATOM   337 C  C5     . DG  A 1 12 ? 3.579   15.856  9.390   1.00 21.51 ? 12  DG  B C5     1 
ATOM   338 C  C6     . DG  A 1 12 ? 4.681   15.061  9.797   1.00 19.98 ? 12  DG  B C6     1 
ATOM   339 O  O6     . DG  A 1 12 ? 5.817   15.025  9.314   1.00 26.73 ? 12  DG  B O6     1 
ATOM   340 N  N1     . DG  A 1 12 ? 4.378   14.259  10.895  1.00 19.95 ? 12  DG  B N1     1 
ATOM   341 C  C2     . DG  A 1 12 ? 3.161   14.221  11.518  1.00 19.86 ? 12  DG  B C2     1 
ATOM   342 N  N2     . DG  A 1 12 ? 3.075   13.406  12.579  1.00 21.29 ? 12  DG  B N2     1 
ATOM   343 N  N3     . DG  A 1 12 ? 2.117   14.956  11.141  1.00 16.94 ? 12  DG  B N3     1 
ATOM   344 C  C4     . DG  A 1 12 ? 2.401   15.744  10.074  1.00 21.04 ? 12  DG  B C4     1 
ATOM   345 H  "H5'"  . DG  A 1 12 ? -2.302  15.599  6.998   1.00 30.35 ? 12  DG  B "H5'"  1 
ATOM   346 H  "H5''" . DG  A 1 12 ? -3.419  16.671  7.312   1.00 30.35 ? 12  DG  B "H5''" 1 
ATOM   347 H  "H4'"  . DG  A 1 12 ? -2.479  16.172  9.325   1.00 23.93 ? 12  DG  B "H4'"  1 
ATOM   348 H  "H3'"  . DG  A 1 12 ? -1.722  18.700  8.418   1.00 30.21 ? 12  DG  B "H3'"  1 
ATOM   349 H  "HO3'" . DG  A 1 12 ? -3.396  19.137  9.809   1.00 26.53 ? 12  DG  B "HO3'" 1 
ATOM   350 H  "H2'"  . DG  A 1 12 ? 0.127   18.834  9.614   1.00 28.77 ? 12  DG  B "H2'"  1 
ATOM   351 H  "H2''" . DG  A 1 12 ? -0.632  18.355  10.913  1.00 28.77 ? 12  DG  B "H2''" 1 
ATOM   352 H  "H1'"  . DG  A 1 12 ? -0.005  16.309  10.658  1.00 23.71 ? 12  DG  B "H1'"  1 
ATOM   353 H  H8     . DG  A 1 12 ? 1.838   17.758  7.807   1.00 27.27 ? 12  DG  B H8     1 
ATOM   354 H  H1     . DG  A 1 12 ? 4.999   13.752  11.204  1.00 23.95 ? 12  DG  B H1     1 
ATOM   355 H  H21    . DG  A 1 12 ? 2.341   13.353  13.023  1.00 25.55 ? 12  DG  B H21    1 
ATOM   356 H  H22    . DG  A 1 12 ? 3.754   12.934  12.815  1.00 25.55 ? 12  DG  B H22    1 
ATOM   357 O  "O5'"  . DC  B 1 1  ? 10.648  9.756   14.930  1.00 55.49 ? 13  DC  C "O5'"  1 
ATOM   358 C  "C5'"  . DC  B 1 1  ? 10.282  10.160  16.243  1.00 40.45 ? 13  DC  C "C5'"  1 
ATOM   359 C  "C4'"  . DC  B 1 1  ? 8.786   10.037  16.451  1.00 33.69 ? 13  DC  C "C4'"  1 
ATOM   360 O  "O4'"  . DC  B 1 1  ? 8.085   10.971  15.572  1.00 28.17 ? 13  DC  C "O4'"  1 
ATOM   361 C  "C3'"  . DC  B 1 1  ? 8.219   8.664   16.146  1.00 35.22 ? 13  DC  C "C3'"  1 
ATOM   362 O  "O3'"  . DC  B 1 1  ? 7.241   8.347   17.108  1.00 37.55 ? 13  DC  C "O3'"  1 
ATOM   363 C  "C2'"  . DC  B 1 1  ? 7.652   8.821   14.736  1.00 28.23 ? 13  DC  C "C2'"  1 
ATOM   364 C  "C1'"  . DC  B 1 1  ? 7.220   10.289  14.706  1.00 25.76 ? 13  DC  C "C1'"  1 
ATOM   365 N  N1     . DC  B 1 1  ? 7.355   10.951  13.384  1.00 25.56 ? 13  DC  C N1     1 
ATOM   366 C  C2     . DC  B 1 1  ? 6.309   11.727  12.861  1.00 24.53 ? 13  DC  C C2     1 
ATOM   367 O  O2     . DC  B 1 1  ? 5.240   11.803  13.469  1.00 27.53 ? 13  DC  C O2     1 
ATOM   368 N  N3     . DC  B 1 1  ? 6.485   12.335  11.670  1.00 25.86 ? 13  DC  C N3     1 
ATOM   369 C  C4     . DC  B 1 1  ? 7.646   12.218  11.026  1.00 33.50 ? 13  DC  C C4     1 
ATOM   370 N  N4     . DC  B 1 1  ? 7.775   12.844  9.857   1.00 30.29 ? 13  DC  C N4     1 
ATOM   371 C  C5     . DC  B 1 1  ? 8.727   11.465  11.557  1.00 25.58 ? 13  DC  C C5     1 
ATOM   372 C  C6     . DC  B 1 1  ? 8.546   10.867  12.725  1.00 32.23 ? 13  DC  C C6     1 
ATOM   373 H  "H5'"  . DC  B 1 1  ? 10.548  11.084  16.378  1.00 48.54 ? 13  DC  C "H5'"  1 
ATOM   374 H  "H5''" . DC  B 1 1  ? 10.742  9.601   16.889  1.00 48.54 ? 13  DC  C "H5''" 1 
ATOM   375 H  "H4'"  . DC  B 1 1  ? 8.573   10.267  17.369  1.00 40.43 ? 13  DC  C "H4'"  1 
ATOM   376 H  "H3'"  . DC  B 1 1  ? 8.913   7.987   16.129  1.00 42.27 ? 13  DC  C "H3'"  1 
ATOM   377 H  "H2'"  . DC  B 1 1  ? 8.327   8.640   14.063  1.00 33.88 ? 13  DC  C "H2'"  1 
ATOM   378 H  "H2''" . DC  B 1 1  ? 6.897   8.229   14.591  1.00 33.88 ? 13  DC  C "H2''" 1 
ATOM   379 H  "H1'"  . DC  B 1 1  ? 6.300   10.339  15.009  1.00 30.92 ? 13  DC  C "H1'"  1 
ATOM   380 H  H41    . DC  B 1 1  ? 8.513   12.786  9.418   1.00 36.36 ? 13  DC  C H41    1 
ATOM   381 H  H42    . DC  B 1 1  ? 7.122   13.305  9.542   1.00 36.36 ? 13  DC  C H42    1 
ATOM   382 H  H5     . DC  B 1 1  ? 9.535   11.393  11.100  1.00 30.70 ? 13  DC  C H5     1 
ATOM   383 H  H6     . DC  B 1 1  ? 9.243   10.381  13.103  1.00 38.68 ? 13  DC  C H6     1 
ATOM   384 H  "HO5'" . DC  B 1 1  ? 11.050  10.293  14.424  1.00 66.60 ? 13  DC  C "HO5'" 1 
ATOM   385 P  P      . DG  B 1 2  ? 6.651   6.864   17.218  1.00 41.71 ? 14  DG  C P      1 
ATOM   386 O  OP1    . DG  B 1 2  ? 6.440   6.632   18.663  1.00 45.05 ? 14  DG  C OP1    1 
ATOM   387 O  OP2    . DG  B 1 2  ? 7.452   5.963   16.361  1.00 47.90 ? 14  DG  C OP2    1 
ATOM   388 O  "O5'"  . DG  B 1 2  ? 5.238   7.015   16.513  1.00 29.20 ? 14  DG  C "O5'"  1 
ATOM   389 C  "C5'"  . DG  B 1 2  ? 4.369   7.956   17.025  1.00 25.43 ? 14  DG  C "C5'"  1 
ATOM   390 C  "C4'"  . DG  B 1 2  ? 3.147   8.102   16.156  1.00 25.48 ? 14  DG  C "C4'"  1 
ATOM   391 O  "O4'"  . DG  B 1 2  ? 3.501   8.839   14.954  1.00 26.11 ? 14  DG  C "O4'"  1 
ATOM   392 C  "C3'"  . DG  B 1 2  ? 2.530   6.794   15.695  1.00 28.47 ? 14  DG  C "C3'"  1 
ATOM   393 O  "O3'"  . DG  B 1 2  ? 1.174   6.792   16.048  1.00 24.83 ? 14  DG  C "O3'"  1 
ATOM   394 C  "C2'"  . DG  B 1 2  ? 2.741   6.771   14.167  1.00 22.85 ? 14  DG  C "C2'"  1 
ATOM   395 C  "C1'"  . DG  B 1 2  ? 2.924   8.244   13.821  1.00 26.20 ? 14  DG  C "C1'"  1 
ATOM   396 N  N9     . DG  B 1 2  ? 3.803   8.516   12.688  1.00 20.22 ? 14  DG  C N9     1 
ATOM   397 C  C8     . DG  B 1 2  ? 5.037   7.978   12.458  1.00 25.04 ? 14  DG  C C8     1 
ATOM   398 N  N7     . DG  B 1 2  ? 5.607   8.427   11.376  1.00 23.32 ? 14  DG  C N7     1 
ATOM   399 C  C5     . DG  B 1 2  ? 4.694   9.329   10.863  1.00 22.82 ? 14  DG  C C5     1 
ATOM   400 C  C6     . DG  B 1 2  ? 4.776   10.121  9.705   1.00 20.01 ? 14  DG  C C6     1 
ATOM   401 O  O6     . DG  B 1 2  ? 5.698   10.167  8.896   1.00 22.94 ? 14  DG  C O6     1 
ATOM   402 N  N1     . DG  B 1 2  ? 3.641   10.896  9.530   1.00 18.40 ? 14  DG  C N1     1 
ATOM   403 C  C2     . DG  B 1 2  ? 2.562   10.916  10.380  1.00 17.63 ? 14  DG  C C2     1 
ATOM   404 N  N2     . DG  B 1 2  ? 1.555   11.739  10.040  1.00 19.89 ? 14  DG  C N2     1 
ATOM   405 N  N3     . DG  B 1 2  ? 2.473   10.168  11.485  1.00 18.40 ? 14  DG  C N3     1 
ATOM   406 C  C4     . DG  B 1 2  ? 3.578   9.408   11.654  1.00 19.20 ? 14  DG  C C4     1 
ATOM   407 H  "H5'"  . DG  B 1 2  ? 4.824   8.811   17.081  1.00 30.52 ? 14  DG  C "H5'"  1 
ATOM   408 H  "H5''" . DG  B 1 2  ? 4.096   7.685   17.916  1.00 30.52 ? 14  DG  C "H5''" 1 
ATOM   409 H  "H4'"  . DG  B 1 2  ? 2.468   8.604   16.633  1.00 30.59 ? 14  DG  C "H4'"  1 
ATOM   410 H  "H3'"  . DG  B 1 2  ? 3.004   6.040   16.076  1.00 34.17 ? 14  DG  C "H3'"  1 
ATOM   411 H  "H2'"  . DG  B 1 2  ? 3.528   6.255   13.931  1.00 27.43 ? 14  DG  C "H2'"  1 
ATOM   412 H  "H2''" . DG  B 1 2  ? 1.971   6.398   13.712  1.00 27.43 ? 14  DG  C "H2''" 1 
ATOM   413 H  "H1'"  . DG  B 1 2  ? 2.050   8.621   13.634  1.00 31.45 ? 14  DG  C "H1'"  1 
ATOM   414 H  H8     . DG  B 1 2  ? 5.433   7.352   13.020  1.00 30.06 ? 14  DG  C H8     1 
ATOM   415 H  H1     . DG  B 1 2  ? 3.610   11.402  8.836   1.00 22.09 ? 14  DG  C H1     1 
ATOM   416 H  H21    . DG  B 1 2  ? 0.851   11.785  10.533  1.00 23.88 ? 14  DG  C H21    1 
ATOM   417 H  H22    . DG  B 1 2  ? 1.612   12.220  9.329   1.00 23.88 ? 14  DG  C H22    1 
ATOM   418 P  P      . DC  B 1 3  ? 0.237   5.540   15.723  1.00 26.39 ? 15  DC  C P      1 
ATOM   419 O  OP1    . DC  B 1 3  ? -0.706  5.463   16.875  1.00 29.19 ? 15  DC  C OP1    1 
ATOM   420 O  OP2    . DC  B 1 3  ? 1.045   4.353   15.338  1.00 28.49 ? 15  DC  C OP2    1 
ATOM   421 O  "O5'"  . DC  B 1 3  ? -0.582  5.974   14.441  1.00 23.55 ? 15  DC  C "O5'"  1 
ATOM   422 C  "C5'"  . DC  B 1 3  ? -1.351  7.161   14.469  1.00 26.11 ? 15  DC  C "C5'"  1 
ATOM   423 C  "C4'"  . DC  B 1 3  ? -1.581  7.686   13.067  1.00 22.16 ? 15  DC  C "C4'"  1 
ATOM   424 O  "O4'"  . DC  B 1 3  ? -0.319  7.966   12.437  1.00 22.64 ? 15  DC  C "O4'"  1 
ATOM   425 C  "C3'"  . DC  B 1 3  ? -2.266  6.714   12.133  1.00 22.23 ? 15  DC  C "C3'"  1 
ATOM   426 O  "O3'"  . DC  B 1 3  ? -3.662  6.868   12.238  1.00 26.64 ? 15  DC  C "O3'"  1 
ATOM   427 C  "C2'"  . DC  B 1 3  ? -1.735  7.081   10.745  1.00 25.42 ? 15  DC  C "C2'"  1 
ATOM   428 C  "C1'"  . DC  B 1 3  ? -0.477  7.896   11.019  1.00 20.44 ? 15  DC  C "C1'"  1 
ATOM   429 N  N1     . DC  B 1 3  ? 0.768   7.323   10.451  1.00 17.57 ? 15  DC  C N1     1 
ATOM   430 C  C2     . DC  B 1 3  ? 1.325   7.877   9.310   1.00 15.22 ? 15  DC  C C2     1 
ATOM   431 O  O2     . DC  B 1 3  ? 0.754   8.807   8.773   1.00 20.30 ? 15  DC  C O2     1 
ATOM   432 N  N3     . DC  B 1 3  ? 2.487   7.385   8.841   1.00 18.81 ? 15  DC  C N3     1 
ATOM   433 C  C4     . DC  B 1 3  ? 3.060   6.350   9.445   1.00 21.49 ? 15  DC  C C4     1 
ATOM   434 N  N4     . DC  B 1 3  ? 4.194   5.868   8.936   1.00 22.28 ? 15  DC  C N4     1 
ATOM   435 C  C5     . DC  B 1 3  ? 2.500   5.762   10.600  1.00 22.32 ? 15  DC  C C5     1 
ATOM   436 C  C6     . DC  B 1 3  ? 1.364   6.280   11.070  1.00 22.64 ? 15  DC  C C6     1 
ATOM   437 H  "H5'"  . DC  B 1 3  ? -0.883  7.833   14.989  1.00 31.34 ? 15  DC  C "H5'"  1 
ATOM   438 H  "H5''" . DC  B 1 3  ? -2.207  6.978   14.886  1.00 31.34 ? 15  DC  C "H5''" 1 
ATOM   439 H  "H4'"  . DC  B 1 3  ? -2.097  8.505   13.123  1.00 26.60 ? 15  DC  C "H4'"  1 
ATOM   440 H  "H3'"  . DC  B 1 3  ? -1.998  5.804   12.336  1.00 26.68 ? 15  DC  C "H3'"  1 
ATOM   441 H  "H2'"  . DC  B 1 3  ? -1.525  6.285   10.235  1.00 30.51 ? 15  DC  C "H2'"  1 
ATOM   442 H  "H2''" . DC  B 1 3  ? -2.386  7.608   10.256  1.00 30.51 ? 15  DC  C "H2''" 1 
ATOM   443 H  "H1'"  . DC  B 1 3  ? -0.614  8.787   10.660  1.00 24.53 ? 15  DC  C "H1'"  1 
ATOM   444 H  H41    . DC  B 1 3  ? 4.582   5.198   9.310   1.00 26.74 ? 15  DC  C H41    1 
ATOM   445 H  H42    . DC  B 1 3  ? 4.537   6.227   8.234   1.00 26.74 ? 15  DC  C H42    1 
ATOM   446 H  H5     . DC  B 1 3  ? 2.909   5.038   11.018  1.00 26.79 ? 15  DC  C H5     1 
ATOM   447 H  H6     . DC  B 1 3  ? 0.976   5.917   11.834  1.00 27.17 ? 15  DC  C H6     1 
ATOM   448 P  P      . DG  B 1 4  ? -4.634  5.808   11.526  1.00 29.91 ? 16  DG  C P      1 
ATOM   449 O  OP1    . DG  B 1 4  ? -5.916  5.838   12.257  1.00 38.58 ? 16  DG  C OP1    1 
ATOM   450 O  OP2    . DG  B 1 4  ? -3.901  4.530   11.336  1.00 30.81 ? 16  DG  C OP2    1 
ATOM   451 O  "O5'"  . DG  B 1 4  ? -4.891  6.420   10.098  1.00 25.56 ? 16  DG  C "O5'"  1 
ATOM   452 C  "C5'"  . DG  B 1 4  ? -5.333  7.755   9.967   1.00 27.57 ? 16  DG  C "C5'"  1 
ATOM   453 C  "C4'"  . DG  B 1 4  ? -5.317  8.176   8.519   1.00 19.56 ? 16  DG  C "C4'"  1 
ATOM   454 O  "O4'"  . DG  B 1 4  ? -3.944  8.159   8.025   1.00 24.50 ? 16  DG  C "O4'"  1 
ATOM   455 C  "C3'"  . DG  B 1 4  ? -6.100  7.281   7.560   1.00 23.90 ? 16  DG  C "C3'"  1 
ATOM   456 O  "O3'"  . DG  B 1 4  ? -6.633  8.081   6.533   1.00 27.15 ? 16  DG  C "O3'"  1 
ATOM   457 C  "C2'"  . DG  B 1 4  ? -5.050  6.298   7.085   1.00 22.45 ? 16  DG  C "C2'"  1 
ATOM   458 C  "C1'"  . DG  B 1 4  ? -3.808  7.169   7.011   1.00 28.89 ? 16  DG  C "C1'"  1 
ATOM   459 N  N9     . DG  B 1 4  ? -2.576  6.412   7.205   1.00 19.23 ? 16  DG  C N9     1 
ATOM   460 C  C8     . DG  B 1 4  ? -2.370  5.339   8.038   1.00 19.00 ? 16  DG  C C8     1 
ATOM   461 N  N7     . DG  B 1 4  ? -1.157  4.856   7.984   1.00 22.63 ? 16  DG  C N7     1 
ATOM   462 C  C5     . DG  B 1 4  ? -0.529  5.647   7.034   1.00 16.31 ? 16  DG  C C5     1 
ATOM   463 C  C6     . DG  B 1 4  ? 0.792   5.599   6.533   1.00 15.53 ? 16  DG  C C6     1 
ATOM   464 O  O6     . DG  B 1 4  ? 1.711   4.809   6.825   1.00 19.75 ? 16  DG  C O6     1 
ATOM   465 N  N1     . DG  B 1 4  ? 1.006   6.583   5.584   1.00 16.52 ? 16  DG  C N1     1 
ATOM   466 C  C2     . DG  B 1 4  ? 0.082   7.513   5.181   1.00 18.20 ? 16  DG  C C2     1 
ATOM   467 N  N2     . DG  B 1 4  ? 0.486   8.386   4.269   1.00 19.05 ? 16  DG  C N2     1 
ATOM   468 N  N3     . DG  B 1 4  ? -1.153  7.573   5.626   1.00 20.11 ? 16  DG  C N3     1 
ATOM   469 C  C4     . DG  B 1 4  ? -1.387  6.622   6.558   1.00 20.81 ? 16  DG  C C4     1 
ATOM   470 H  "H5'"  . DG  B 1 4  ? -4.749  8.338   10.477  1.00 33.09 ? 16  DG  C "H5'"  1 
ATOM   471 H  "H5''" . DG  B 1 4  ? -6.236  7.830   10.313  1.00 33.09 ? 16  DG  C "H5''" 1 
ATOM   472 H  "H4'"  . DG  B 1 4  ? -5.672  9.077   8.457   1.00 23.48 ? 16  DG  C "H4'"  1 
ATOM   473 H  "H3'"  . DG  B 1 4  ? -6.805  6.790   8.009   1.00 28.69 ? 16  DG  C "H3'"  1 
ATOM   474 H  "H2'"  . DG  B 1 4  ? -4.935  5.570   7.717   1.00 26.94 ? 16  DG  C "H2'"  1 
ATOM   475 H  "H2''" . DG  B 1 4  ? -5.276  5.930   6.217   1.00 26.94 ? 16  DG  C "H2''" 1 
ATOM   476 H  "H1'"  . DG  B 1 4  ? -3.765  7.626   6.157   1.00 34.68 ? 16  DG  C "H1'"  1 
ATOM   477 H  H8     . DG  B 1 4  ? -3.032  4.990   8.589   1.00 22.81 ? 16  DG  C H8     1 
ATOM   478 H  H1     . DG  B 1 4  ? 1.784   6.615   5.217   1.00 19.83 ? 16  DG  C H1     1 
ATOM   479 H  H21    . DG  B 1 4  ? -0.058  8.983   3.974   1.00 22.86 ? 16  DG  C H21    1 
ATOM   480 H  H22    . DG  B 1 4  ? 1.292   8.355   3.971   1.00 22.86 ? 16  DG  C H22    1 
ATOM   481 P  P      . DA  B 1 5  ? -7.201  7.471   5.163   1.00 29.74 ? 17  DA  C P      1 
ATOM   482 O  OP1    . DA  B 1 5  ? -8.348  8.318   4.780   1.00 34.62 ? 17  DA  C OP1    1 
ATOM   483 O  OP2    . DA  B 1 5  ? -7.336  5.992   5.255   1.00 32.79 ? 17  DA  C OP2    1 
ATOM   484 O  "O5'"  . DA  B 1 5  ? -6.030  7.775   4.145   1.00 26.42 ? 17  DA  C "O5'"  1 
ATOM   485 C  "C5'"  . DA  B 1 5  ? -5.473  9.075   4.064   1.00 26.96 ? 17  DA  C "C5'"  1 
ATOM   486 C  "C4'"  . DA  B 1 5  ? -4.468  9.130   2.948   1.00 25.65 ? 17  DA  C "C4'"  1 
ATOM   487 O  "O4'"  . DA  B 1 5  ? -3.316  8.311   3.266   1.00 24.30 ? 17  DA  C "O4'"  1 
ATOM   488 C  "C3'"  . DA  B 1 5  ? -5.007  8.599   1.631   1.00 25.80 ? 17  DA  C "C3'"  1 
ATOM   489 O  "O3'"  . DA  B 1 5  ? -4.580  9.402   0.610   1.00 32.35 ? 17  DA  C "O3'"  1 
ATOM   490 C  "C2'"  . DA  B 1 5  ? -4.445  7.182   1.548   1.00 29.46 ? 17  DA  C "C2'"  1 
ATOM   491 C  "C1'"  . DA  B 1 5  ? -3.118  7.313   2.269   1.00 25.43 ? 17  DA  C "C1'"  1 
ATOM   492 N  N9     . DA  B 1 5  ? -2.677  6.120   2.977   1.00 19.75 ? 17  DA  C N9     1 
ATOM   493 C  C8     . DA  B 1 5  ? -3.405  5.403   3.865   1.00 19.46 ? 17  DA  C C8     1 
ATOM   494 N  N7     . DA  B 1 5  ? -2.755  4.416   4.419   1.00 20.00 ? 17  DA  C N7     1 
ATOM   495 C  C5     . DA  B 1 5  ? -1.499  4.494   3.851   1.00 17.12 ? 17  DA  C C5     1 
ATOM   496 C  C6     . DA  B 1 5  ? -0.346  3.713   4.020   1.00 17.48 ? 17  DA  C C6     1 
ATOM   497 N  N6     . DA  B 1 5  ? -0.282  2.674   4.861   1.00 19.29 ? 17  DA  C N6     1 
ATOM   498 N  N1     . DA  B 1 5  ? 0.743   4.052   3.289   1.00 18.76 ? 17  DA  C N1     1 
ATOM   499 C  C2     . DA  B 1 5  ? 0.676   5.098   2.470   1.00 17.83 ? 17  DA  C C2     1 
ATOM   500 N  N3     . DA  B 1 5  ? -0.358  5.912   2.221   1.00 19.73 ? 17  DA  C N3     1 
ATOM   501 C  C4     . DA  B 1 5  ? -1.423  5.545   2.964   1.00 18.10 ? 17  DA  C C4     1 
ATOM   502 H  "H5'"  . DA  B 1 5  ? -5.038  9.294   4.903   1.00 32.36 ? 17  DA  C "H5'"  1 
ATOM   503 H  "H5''" . DA  B 1 5  ? -6.178  9.720   3.897   1.00 32.36 ? 17  DA  C "H5''" 1 
ATOM   504 H  "H4'"  . DA  B 1 5  ? -4.153  10.041  2.837   1.00 30.79 ? 17  DA  C "H4'"  1 
ATOM   505 H  "H3'"  . DA  B 1 5  ? -5.975  8.549   1.650   1.00 30.97 ? 17  DA  C "H3'"  1 
ATOM   506 H  "H2'"  . DA  B 1 5  ? -5.027  6.545   1.993   1.00 35.36 ? 17  DA  C "H2'"  1 
ATOM   507 H  "H2''" . DA  B 1 5  ? -4.320  6.905   0.627   1.00 35.36 ? 17  DA  C "H2''" 1 
ATOM   508 H  "H1'"  . DA  B 1 5  ? -2.447  7.573   1.619   1.00 30.53 ? 17  DA  C "H1'"  1 
ATOM   509 H  H8     . DA  B 1 5  ? -4.294  5.596   4.063   1.00 23.36 ? 17  DA  C H8     1 
ATOM   510 H  H61    . DA  B 1 5  ? 0.447   2.225   4.935   1.00 23.16 ? 17  DA  C H61    1 
ATOM   511 H  H62    . DA  B 1 5  ? -0.971  2.455   5.327   1.00 23.16 ? 17  DA  C H62    1 
ATOM   512 H  H2     . DA  B 1 5  ? 1.457   5.292   2.006   1.00 21.40 ? 17  DA  C H2     1 
ATOM   513 P  P      . DT  B 1 6  ? -5.040  9.124   -0.900  1.00 32.06 ? 18  DT  C P      1 
ATOM   514 O  OP1    . DT  B 1 6  ? -4.931  10.454  -1.495  1.00 30.24 ? 18  DT  C OP1    1 
ATOM   515 O  OP2    . DT  B 1 6  ? -6.267  8.284   -0.954  1.00 32.94 ? 18  DT  C OP2    1 
ATOM   516 O  "O5'"  . DT  B 1 6  ? -3.853  8.243   -1.486  1.00 28.56 ? 18  DT  C "O5'"  1 
ATOM   517 C  "C5'"  . DT  B 1 6  ? -2.547  8.780   -1.544  1.00 24.62 ? 18  DT  C "C5'"  1 
ATOM   518 C  "C4'"  . DT  B 1 6  ? -1.590  7.720   -2.047  1.00 26.39 ? 18  DT  C "C4'"  1 
ATOM   519 O  "O4'"  . DT  B 1 6  ? -1.439  6.688   -1.066  1.00 25.60 ? 18  DT  C "O4'"  1 
ATOM   520 C  "C3'"  . DT  B 1 6  ? -2.018  7.013   -3.338  1.00 29.08 ? 18  DT  C "C3'"  1 
ATOM   521 O  "O3'"  . DT  B 1 6  ? -1.093  7.344   -4.362  1.00 35.71 ? 18  DT  C "O3'"  1 
ATOM   522 C  "C2'"  . DT  B 1 6  ? -2.021  5.504   -2.990  1.00 23.28 ? 18  DT  C "C2'"  1 
ATOM   523 C  "C1'"  . DT  B 1 6  ? -1.178  5.462   -1.723  1.00 24.05 ? 18  DT  C "C1'"  1 
ATOM   524 N  N1     . DT  B 1 6  ? -1.512  4.349   -0.760  1.00 22.52 ? 18  DT  C N1     1 
ATOM   525 C  C2     . DT  B 1 6  ? -0.516  3.466   -0.357  1.00 19.22 ? 18  DT  C C2     1 
ATOM   526 O  O2     . DT  B 1 6  ? 0.631   3.503   -0.801  1.00 19.88 ? 18  DT  C O2     1 
ATOM   527 N  N3     . DT  B 1 6  ? -0.918  2.526   0.568   1.00 19.12 ? 18  DT  C N3     1 
ATOM   528 C  C4     . DT  B 1 6  ? -2.174  2.398   1.135   1.00 14.58 ? 18  DT  C C4     1 
ATOM   529 O  O4     . DT  B 1 6  ? -2.441  1.549   1.972   1.00 21.67 ? 18  DT  C O4     1 
ATOM   530 C  C5     . DT  B 1 6  ? -3.149  3.371   0.687   1.00 22.39 ? 18  DT  C C5     1 
ATOM   531 C  C7     . DT  B 1 6  ? -4.546  3.328   1.224   1.00 28.22 ? 18  DT  C C7     1 
ATOM   532 C  C6     . DT  B 1 6  ? -2.773  4.276   -0.220  1.00 23.14 ? 18  DT  C C6     1 
ATOM   533 P  P      . DA  B 1 7  ? -1.227  6.727   -5.843  1.00 30.49 ? 19  DA  C P      1 
ATOM   534 O  OP1    . DA  B 1 7  ? -0.633  7.703   -6.758  1.00 33.55 ? 19  DA  C OP1    1 
ATOM   535 O  OP2    . DA  B 1 7  ? -2.553  6.090   -6.014  1.00 31.85 ? 19  DA  C OP2    1 
ATOM   536 O  "O5'"  . DA  B 1 7  ? -0.226  5.494   -5.821  1.00 27.44 ? 19  DA  C "O5'"  1 
ATOM   537 C  "C5'"  . DA  B 1 7  ? 1.125   5.717   -5.476  1.00 23.02 ? 19  DA  C "C5'"  1 
ATOM   538 C  "C4'"  . DA  B 1 7  ? 1.858   4.411   -5.435  1.00 25.64 ? 19  DA  C "C4'"  1 
ATOM   539 O  "O4'"  . DA  B 1 7  ? 1.368   3.625   -4.344  1.00 23.51 ? 19  DA  C "O4'"  1 
ATOM   540 C  "C3'"  . DA  B 1 7  ? 1.725   3.556   -6.696  1.00 25.15 ? 19  DA  C "C3'"  1 
ATOM   541 O  "O3'"  . DA  B 1 7  ? 3.041   3.277   -7.170  1.00 23.33 ? 19  DA  C "O3'"  1 
ATOM   542 C  "C2'"  . DA  B 1 7  ? 0.939   2.307   -6.239  1.00 21.82 ? 19  DA  C "C2'"  1 
ATOM   543 C  "C1'"  . DA  B 1 7  ? 1.227   2.278   -4.747  1.00 24.92 ? 19  DA  C "C1'"  1 
ATOM   544 N  N9     . DA  B 1 7  ? 0.179   1.739   -3.917  1.00 20.80 ? 19  DA  C N9     1 
ATOM   545 C  C8     . DA  B 1 7  ? -1.079  2.237   -3.758  1.00 22.13 ? 19  DA  C C8     1 
ATOM   546 N  N7     . DA  B 1 7  ? -1.793  1.591   -2.882  1.00 23.10 ? 19  DA  C N7     1 
ATOM   547 C  C5     . DA  B 1 7  ? -0.936  0.609   -2.413  1.00 20.21 ? 19  DA  C C5     1 
ATOM   548 C  C6     . DA  B 1 7  ? -1.098  -0.415  -1.469  1.00 20.53 ? 19  DA  C C6     1 
ATOM   549 N  N6     . DA  B 1 7  ? -2.223  -0.611  -0.783  1.00 20.41 ? 19  DA  C N6     1 
ATOM   550 N  N1     . DA  B 1 7  ? -0.042  -1.211  -1.231  1.00 18.30 ? 19  DA  C N1     1 
ATOM   551 C  C2     . DA  B 1 7  ? 1.080   -1.014  -1.912  1.00 21.11 ? 19  DA  C C2     1 
ATOM   552 N  N3     . DA  B 1 7  ? 1.351   -0.080  -2.822  1.00 19.60 ? 19  DA  C N3     1 
ATOM   553 C  C4     . DA  B 1 7  ? 0.288   0.697   -3.025  1.00 18.74 ? 19  DA  C C4     1 
ATOM   554 P  P      . DT  B 1 8  ? 3.299   2.421   -8.505  1.00 27.13 ? 20  DT  C P      1 
ATOM   555 O  OP1    . DT  B 1 8  ? 4.627   2.861   -8.988  1.00 30.17 ? 20  DT  C OP1    1 
ATOM   556 O  OP2    . DT  B 1 8  ? 2.101   2.431   -9.369  1.00 30.07 ? 20  DT  C OP2    1 
ATOM   557 O  "O5'"  . DT  B 1 8  ? 3.548   0.943   -7.960  1.00 27.74 ? 20  DT  C "O5'"  1 
ATOM   558 C  "C5'"  . DT  B 1 8  ? 4.643   0.680   -7.123  1.00 25.64 ? 20  DT  C "C5'"  1 
ATOM   559 C  "C4'"  . DT  B 1 8  ? 4.532   -0.712  -6.531  1.00 26.08 ? 20  DT  C "C4'"  1 
ATOM   560 O  "O4'"  . DT  B 1 8  ? 3.304   -0.855  -5.783  1.00 21.40 ? 20  DT  C "O4'"  1 
ATOM   561 C  "C3'"  . DT  B 1 8  ? 4.507   -1.826  -7.573  1.00 23.60 ? 20  DT  C "C3'"  1 
ATOM   562 O  "O3'"  . DT  B 1 8  ? 5.670   -2.577  -7.423  1.00 25.84 ? 20  DT  C "O3'"  1 
ATOM   563 C  "C2'"  . DT  B 1 8  ? 3.217   -2.621  -7.287  1.00 25.23 ? 20  DT  C "C2'"  1 
ATOM   564 C  "C1'"  . DT  B 1 8  ? 2.880   -2.208  -5.871  1.00 25.69 ? 20  DT  C "C1'"  1 
ATOM   565 N  N1     . DT  B 1 8  ? 1.435   -2.265  -5.476  1.00 17.24 ? 20  DT  C N1     1 
ATOM   566 C  C2     . DT  B 1 8  ? 1.042   -3.149  -4.471  1.00 16.85 ? 20  DT  C C2     1 
ATOM   567 O  O2     . DT  B 1 8  ? 1.796   -3.941  -3.920  1.00 22.54 ? 20  DT  C O2     1 
ATOM   568 N  N3     . DT  B 1 8  ? -0.273  -3.060  -4.116  1.00 19.30 ? 20  DT  C N3     1 
ATOM   569 C  C4     . DT  B 1 8  ? -1.229  -2.214  -4.646  1.00 22.36 ? 20  DT  C C4     1 
ATOM   570 O  O4     . DT  B 1 8  ? -2.392  -2.209  -4.255  1.00 21.85 ? 20  DT  C O4     1 
ATOM   571 C  C5     . DT  B 1 8  ? -0.763  -1.318  -5.680  1.00 21.74 ? 20  DT  C C5     1 
ATOM   572 C  C7     . DT  B 1 8  ? -1.715  -0.354  -6.308  1.00 26.42 ? 20  DT  C C7     1 
ATOM   573 C  C6     . DT  B 1 8  ? 0.541   -1.378  -6.034  1.00 20.22 ? 20  DT  C C6     1 
ATOM   574 H  "H5'"  . DT  B 1 8  ? 4.664   1.334   -6.407  1.00 30.77 ? 20  DT  C "H5'"  1 
ATOM   575 H  "H5''" . DT  B 1 8  ? 5.463   0.748   -7.636  1.00 30.77 ? 20  DT  C "H5''" 1 
ATOM   576 H  "H4'"  . DT  B 1 8  ? 5.267   -0.850  -5.914  1.00 31.31 ? 20  DT  C "H4'"  1 
ATOM   577 H  "H3'"  . DT  B 1 8  ? 4.423   -1.466  -8.470  1.00 28.33 ? 20  DT  C "H3'"  1 
ATOM   578 H  "H2'"  . DT  B 1 8  ? 2.509   -2.377  -7.904  1.00 30.28 ? 20  DT  C "H2'"  1 
ATOM   579 H  "H2''" . DT  B 1 8  ? 3.372   -3.577  -7.348  1.00 30.28 ? 20  DT  C "H2''" 1 
ATOM   580 H  "H1'"  . DT  B 1 8  ? 3.365   -2.787  -5.262  1.00 30.84 ? 20  DT  C "H1'"  1 
ATOM   581 H  H3     . DT  B 1 8  ? -0.537  -3.591  -3.494  1.00 23.16 ? 20  DT  C H3     1 
ATOM   582 H  H71    . DT  B 1 8  ? -1.440  0.550   -6.087  1.00 31.72 ? 20  DT  C H71    1 
ATOM   583 H  H72    . DT  B 1 8  ? -1.702  -0.477  -7.270  1.00 31.72 ? 20  DT  C H72    1 
ATOM   584 H  H73    . DT  B 1 8  ? -2.606  -0.521  -5.964  1.00 31.72 ? 20  DT  C H73    1 
ATOM   585 H  H6     . DT  B 1 8  ? 0.849   -0.791  -6.687  1.00 24.27 ? 20  DT  C H6     1 
ATOM   586 P  P      . DC  B 1 9  ? 5.959   -3.809  -8.400  1.00 32.39 ? 21  DC  C P      1 
ATOM   587 O  OP1    . DC  B 1 9  ? 7.421   -4.002  -8.318  1.00 33.67 ? 21  DC  C OP1    1 
ATOM   588 O  OP2    . DC  B 1 9  ? 5.263   -3.597  -9.679  1.00 36.31 ? 21  DC  C OP2    1 
ATOM   589 O  "O5'"  . DC  B 1 9  ? 5.294   -5.053  -7.668  1.00 22.72 ? 21  DC  C "O5'"  1 
ATOM   590 C  "C5'"  . DC  B 1 9  ? 5.754   -5.439  -6.427  1.00 20.94 ? 21  DC  C "C5'"  1 
ATOM   591 C  "C4'"  . DC  B 1 9  ? 4.985   -6.624  -5.908  1.00 21.05 ? 21  DC  C "C4'"  1 
ATOM   592 O  "O4'"  . DC  B 1 9  ? 3.624   -6.243  -5.638  1.00 21.83 ? 21  DC  C "O4'"  1 
ATOM   593 C  "C3'"  . DC  B 1 9  ? 4.913   -7.811  -6.860  1.00 19.09 ? 21  DC  C "C3'"  1 
ATOM   594 O  "O3'"  . DC  B 1 9  ? 5.443   -8.918  -6.241  1.00 22.73 ? 21  DC  C "O3'"  1 
ATOM   595 C  "C2'"  . DC  B 1 9  ? 3.411   -7.981  -7.192  1.00 22.34 ? 21  DC  C "C2'"  1 
ATOM   596 C  "C1'"  . DC  B 1 9  ? 2.740   -7.304  -6.024  1.00 19.84 ? 21  DC  C "C1'"  1 
ATOM   597 N  N1     . DC  B 1 9  ? 1.423   -6.666  -6.272  1.00 19.87 ? 21  DC  C N1     1 
ATOM   598 C  C2     . DC  B 1 9  ? 0.323   -7.026  -5.474  1.00 20.08 ? 21  DC  C C2     1 
ATOM   599 O  O2     . DC  B 1 9  ? 0.437   -7.949  -4.660  1.00 21.74 ? 21  DC  C O2     1 
ATOM   600 N  N3     . DC  B 1 9  ? -0.840  -6.361  -5.633  1.00 18.14 ? 21  DC  C N3     1 
ATOM   601 C  C4     . DC  B 1 9  ? -0.930  -5.376  -6.527  1.00 18.34 ? 21  DC  C C4     1 
ATOM   602 N  N4     . DC  B 1 9  ? -2.094  -4.748  -6.629  1.00 19.17 ? 21  DC  C N4     1 
ATOM   603 C  C5     . DC  B 1 9  ? 0.176   -4.983  -7.336  1.00 17.90 ? 21  DC  C C5     1 
ATOM   604 C  C6     . DC  B 1 9  ? 1.320   -5.652  -7.177  1.00 22.18 ? 21  DC  C C6     1 
ATOM   605 H  "H5'"  . DC  B 1 9  ? 5.656   -4.700  -5.807  1.00 25.13 ? 21  DC  C "H5'"  1 
ATOM   606 H  "H5''" . DC  B 1 9  ? 6.693   -5.673  -6.493  1.00 25.13 ? 21  DC  C "H5''" 1 
ATOM   607 H  "H4'"  . DC  B 1 9  ? 5.386   -6.920  -5.075  1.00 25.26 ? 21  DC  C "H4'"  1 
ATOM   608 H  "H3'"  . DC  B 1 9  ? 5.380   -7.600  -7.685  1.00 22.92 ? 21  DC  C "H3'"  1 
ATOM   609 H  "H2'"  . DC  B 1 9  ? 3.183   -7.547  -8.029  1.00 26.81 ? 21  DC  C "H2'"  1 
ATOM   610 H  "H2''" . DC  B 1 9  ? 3.166   -8.918  -7.244  1.00 26.81 ? 21  DC  C "H2''" 1 
ATOM   611 H  "H1'"  . DC  B 1 9  ? 2.628   -7.978  -5.336  1.00 23.82 ? 21  DC  C "H1'"  1 
ATOM   612 H  H41    . DC  B 1 9  ? -2.189  -4.108  -7.196  1.00 23.01 ? 21  DC  C H41    1 
ATOM   613 H  H42    . DC  B 1 9  ? -2.753  -4.981  -6.129  1.00 23.01 ? 21  DC  C H42    1 
ATOM   614 H  H5     . DC  B 1 9  ? 0.104   -4.289  -7.949  1.00 21.48 ? 21  DC  C H5     1 
ATOM   615 H  H6     . DC  B 1 9  ? 2.060   -5.422  -7.691  1.00 26.62 ? 21  DC  C H6     1 
ATOM   616 P  P      . DG  B 1 10 ? 5.930   -10.162 -7.124  1.00 27.71 ? 22  DG  C P      1 
ATOM   617 O  OP1    . DG  B 1 10 ? 6.997   -10.811 -6.343  1.00 31.31 ? 22  DG  C OP1    1 
ATOM   618 O  OP2    . DG  B 1 10 ? 6.152   -9.728  -8.513  1.00 26.63 ? 22  DG  C OP2    1 
ATOM   619 O  "O5'"  . DG  B 1 10 ? 4.639   -11.096 -7.194  1.00 23.95 ? 22  DG  C "O5'"  1 
ATOM   620 C  "C5'"  . DG  B 1 10 ? 4.109   -11.649 -6.021  1.00 26.34 ? 22  DG  C "C5'"  1 
ATOM   621 C  "C4'"  . DG  B 1 10 ? 2.759   -12.262 -6.305  1.00 24.38 ? 22  DG  C "C4'"  1 
ATOM   622 O  "O4'"  . DG  B 1 10 ? 1.765   -11.205 -6.463  1.00 19.77 ? 22  DG  C "O4'"  1 
ATOM   623 C  "C3'"  . DG  B 1 10 ? 2.668   -13.061 -7.607  1.00 26.34 ? 22  DG  C "C3'"  1 
ATOM   624 O  "O3'"  . DG  B 1 10 ? 1.816   -14.162 -7.453  1.00 25.90 ? 22  DG  C "O3'"  1 
ATOM   625 C  "C2'"  . DG  B 1 10 ? 2.046   -12.071 -8.559  1.00 26.38 ? 22  DG  C "C2'"  1 
ATOM   626 C  "C1'"  . DG  B 1 10 ? 1.020   -11.498 -7.617  1.00 21.57 ? 22  DG  C "C1'"  1 
ATOM   627 N  N9     . DG  B 1 10 ? 0.328   -10.322 -8.063  1.00 19.08 ? 22  DG  C N9     1 
ATOM   628 C  C8     . DG  B 1 10 ? 0.757   -9.386  -8.962  1.00 19.32 ? 22  DG  C C8     1 
ATOM   629 N  N7     . DG  B 1 10 ? -0.086  -8.420  -9.134  1.00 20.69 ? 22  DG  C N7     1 
ATOM   630 C  C5     . DG  B 1 10 ? -1.149  -8.742  -8.306  1.00 17.17 ? 22  DG  C C5     1 
ATOM   631 C  C6     . DG  B 1 10 ? -2.356  -8.049  -8.071  1.00 14.83 ? 22  DG  C C6     1 
ATOM   632 O  O6     . DG  B 1 10 ? -2.755  -7.024  -8.609  1.00 18.36 ? 22  DG  C O6     1 
ATOM   633 N  N1     . DG  B 1 10 ? -3.157  -8.717  -7.145  1.00 16.66 ? 22  DG  C N1     1 
ATOM   634 C  C2     . DG  B 1 10 ? -2.816  -9.896  -6.516  1.00 16.68 ? 22  DG  C C2     1 
ATOM   635 N  N2     . DG  B 1 10 ? -3.708  -10.398 -5.651  1.00 17.00 ? 22  DG  C N2     1 
ATOM   636 N  N3     . DG  B 1 10 ? -1.678  -10.538 -6.724  1.00 16.98 ? 22  DG  C N3     1 
ATOM   637 C  C4     . DG  B 1 10 ? -0.899  -9.898  -7.625  1.00 17.57 ? 22  DG  C C4     1 
ATOM   638 H  "H5'"  . DG  B 1 10 ? 4.015   -10.954 -5.351  1.00 31.62 ? 22  DG  C "H5'"  1 
ATOM   639 H  "H5''" . DG  B 1 10 ? 4.711   -12.332 -5.685  1.00 31.62 ? 22  DG  C "H5''" 1 
ATOM   640 H  "H4'"  . DG  B 1 10 ? 2.519   -12.829 -5.556  1.00 29.26 ? 22  DG  C "H4'"  1 
ATOM   641 H  "H3'"  . DG  B 1 10 ? 3.557   -13.331 -7.886  1.00 31.62 ? 22  DG  C "H3'"  1 
ATOM   642 H  "H2'"  . DG  B 1 10 ? 2.680   -11.405 -8.867  1.00 31.67 ? 22  DG  C "H2'"  1 
ATOM   643 H  "H2''" . DG  B 1 10 ? 1.642   -12.502 -9.329  1.00 31.67 ? 22  DG  C "H2''" 1 
ATOM   644 H  "H1'"  . DG  B 1 10 ? 0.330   -12.157 -7.439  1.00 25.90 ? 22  DG  C "H1'"  1 
ATOM   645 H  H8     . DG  B 1 10 ? 1.572   -9.438  -9.406  1.00 23.19 ? 22  DG  C H8     1 
ATOM   646 H  H1     . DG  B 1 10 ? -3.919  -8.368  -6.952  1.00 20.00 ? 22  DG  C H1     1 
ATOM   647 H  H21    . DG  B 1 10 ? -3.538  -11.132 -5.237  1.00 20.40 ? 22  DG  C H21    1 
ATOM   648 H  H22    . DG  B 1 10 ? -4.449  -9.986  -5.511  1.00 20.40 ? 22  DG  C H22    1 
ATOM   649 P  P      . DC  B 1 11 ? 2.125   -15.565 -8.164  1.00 29.01 ? 23  DC  C P      1 
ATOM   650 O  OP1    . DC  B 1 11 ? 3.311   -16.173 -7.514  1.00 33.70 ? 23  DC  C OP1    1 
ATOM   651 O  OP2    . DC  B 1 11 ? 2.041   -15.407 -9.635  1.00 27.31 ? 23  DC  C OP2    1 
ATOM   652 O  "O5'"  . DC  B 1 11 ? 0.863   -16.429 -7.699  1.00 30.27 ? 23  DC  C "O5'"  1 
ATOM   653 C  "C5'"  . DC  B 1 11 ? 0.557   -16.582 -6.318  1.00 26.87 ? 23  DC  C "C5'"  1 
ATOM   654 C  "C4'"  . DC  B 1 11 ? -0.917  -16.325 -6.071  1.00 21.99 ? 23  DC  C "C4'"  1 
ATOM   655 O  "O4'"  . DC  B 1 11 ? -1.209  -14.917 -6.263  1.00 24.75 ? 23  DC  C "O4'"  1 
ATOM   656 C  "C3'"  . DC  B 1 11 ? -1.807  -17.053 -7.073  1.00 25.98 ? 23  DC  C "C3'"  1 
ATOM   657 O  "O3'"  . DC  B 1 11 ? -2.252  -18.286 -6.612  1.00 21.62 ? 23  DC  C "O3'"  1 
ATOM   658 C  "C2'"  . DC  B 1 11 ? -2.969  -16.138 -7.296  1.00 27.49 ? 23  DC  C "C2'"  1 
ATOM   659 C  "C1'"  . DC  B 1 11 ? -2.518  -14.793 -6.804  1.00 28.57 ? 23  DC  C "C1'"  1 
ATOM   660 N  N1     . DC  B 1 11 ? -2.489  -13.822 -7.907  1.00 20.37 ? 23  DC  C N1     1 
ATOM   661 C  C2     . DC  B 1 11 ? -3.575  -12.996 -8.103  1.00 18.22 ? 23  DC  C C2     1 
ATOM   662 O  O2     . DC  B 1 11 ? -4.557  -13.126 -7.357  1.00 17.93 ? 23  DC  C O2     1 
ATOM   663 N  N3     . DC  B 1 11 ? -3.537  -12.081 -9.105  1.00 17.22 ? 23  DC  C N3     1 
ATOM   664 C  C4     . DC  B 1 11 ? -2.454  -12.004 -9.894  1.00 19.35 ? 23  DC  C C4     1 
ATOM   665 N  N4     . DC  B 1 11 ? -2.449  -11.090 -10.861 1.00 21.57 ? 23  DC  C N4     1 
ATOM   666 C  C5     . DC  B 1 11 ? -1.326  -12.865 -9.701  1.00 20.51 ? 23  DC  C C5     1 
ATOM   667 C  C6     . DC  B 1 11 ? -1.396  -13.747 -8.715  1.00 20.19 ? 23  DC  C C6     1 
ATOM   668 H  "H5'"  . DC  B 1 11 ? 1.084   -15.954 -5.800  1.00 32.25 ? 23  DC  C "H5'"  1 
ATOM   669 H  "H5''" . DC  B 1 11 ? 0.777   -17.484 -6.039  1.00 32.25 ? 23  DC  C "H5''" 1 
ATOM   670 H  "H4'"  . DC  B 1 11 ? -1.148  -16.560 -5.158  1.00 26.40 ? 23  DC  C "H4'"  1 
ATOM   671 H  "H3'"  . DC  B 1 11 ? -1.281  -17.156 -7.882  1.00 31.19 ? 23  DC  C "H3'"  1 
ATOM   672 H  "H2'"  . DC  B 1 11 ? -3.196  -16.099 -8.238  1.00 32.99 ? 23  DC  C "H2'"  1 
ATOM   673 H  "H2''" . DC  B 1 11 ? -3.743  -16.443 -6.797  1.00 32.99 ? 23  DC  C "H2''" 1 
ATOM   674 H  "H1'"  . DC  B 1 11 ? -3.089  -14.498 -6.076  1.00 34.29 ? 23  DC  C "H1'"  1 
ATOM   675 H  H41    . DC  B 1 11 ? -1.769  -11.019 -11.382 1.00 25.90 ? 23  DC  C H41    1 
ATOM   676 H  H42    . DC  B 1 11 ? -3.128  -10.573 -10.966 1.00 25.90 ? 23  DC  C H42    1 
ATOM   677 H  H5     . DC  B 1 11 ? -0.576  -12.808 -10.246 1.00 24.62 ? 23  DC  C H5     1 
ATOM   678 H  H6     . DC  B 1 11 ? -0.683  -14.327 -8.571  1.00 24.23 ? 23  DC  C H6     1 
ATOM   679 P  P      . DG  B 1 12 ? -2.945  -19.305 -7.649  1.00 24.67 ? 24  DG  C P      1 
ATOM   680 O  OP1    . DG  B 1 12 ? -2.870  -20.594 -6.926  1.00 26.75 ? 24  DG  C OP1    1 
ATOM   681 O  OP2    . DG  B 1 12 ? -2.334  -19.144 -8.959  1.00 23.71 ? 24  DG  C OP2    1 
ATOM   682 O  "O5'"  . DG  B 1 12 ? -4.453  -18.790 -7.746  1.00 25.58 ? 24  DG  C "O5'"  1 
ATOM   683 C  "C5'"  . DG  B 1 12 ? -5.300  -18.837 -6.600  1.00 24.85 ? 24  DG  C "C5'"  1 
ATOM   684 C  "C4'"  . DG  B 1 12 ? -6.628  -18.164 -6.893  1.00 21.20 ? 24  DG  C "C4'"  1 
ATOM   685 O  "O4'"  . DG  B 1 12 ? -6.359  -16.765 -7.170  1.00 22.06 ? 24  DG  C "O4'"  1 
ATOM   686 C  "C3'"  . DG  B 1 12 ? -7.333  -18.679 -8.135  1.00 21.81 ? 24  DG  C "C3'"  1 
ATOM   687 O  "O3'"  . DG  B 1 12 ? -8.266  -19.726 -7.806  1.00 23.31 ? 24  DG  C "O3'"  1 
ATOM   688 C  "C2'"  . DG  B 1 12 ? -8.029  -17.462 -8.699  1.00 25.19 ? 24  DG  C "C2'"  1 
ATOM   689 C  "C1'"  . DG  B 1 12 ? -7.264  -16.291 -8.133  1.00 19.56 ? 24  DG  C "C1'"  1 
ATOM   690 N  N9     . DG  B 1 12 ? -6.434  -15.655 -9.140  1.00 19.33 ? 24  DG  C N9     1 
ATOM   691 C  C8     . DG  B 1 12 ? -5.233  -16.137 -9.595  1.00 18.94 ? 24  DG  C C8     1 
ATOM   692 N  N7     . DG  B 1 12 ? -4.677  -15.396 -10.498 1.00 22.23 ? 24  DG  C N7     1 
ATOM   693 C  C5     . DG  B 1 12 ? -5.587  -14.371 -10.698 1.00 19.79 ? 24  DG  C C5     1 
ATOM   694 C  C6     . DG  B 1 12 ? -5.523  -13.272 -11.577 1.00 18.82 ? 24  DG  C C6     1 
ATOM   695 O  O6     . DG  B 1 12 ? -4.621  -12.984 -12.358 1.00 22.95 ? 24  DG  C O6     1 
ATOM   696 N  N1     . DG  B 1 12 ? -6.644  -12.476 -11.485 1.00 20.17 ? 24  DG  C N1     1 
ATOM   697 C  C2     . DG  B 1 12 ? -7.712  -12.706 -10.657 1.00 19.02 ? 24  DG  C C2     1 
ATOM   698 N  N2     . DG  B 1 12 ? -8.708  -11.818 -10.736 1.00 21.34 ? 24  DG  C N2     1 
ATOM   699 N  N3     . DG  B 1 12 ? -7.790  -13.730 -9.800  1.00 17.22 ? 24  DG  C N3     1 
ATOM   700 C  C4     . DG  B 1 12 ? -6.695  -14.525 -9.889  1.00 18.34 ? 24  DG  C C4     1 
ATOM   701 H  "H5'"  . DG  B 1 12 ? -4.866  -18.383 -5.861  1.00 29.83 ? 24  DG  C "H5'"  1 
ATOM   702 H  "H5''" . DG  B 1 12 ? -5.456  -19.763 -6.354  1.00 29.83 ? 24  DG  C "H5''" 1 
ATOM   703 H  "H4'"  . DG  B 1 12 ? -7.223  -18.253 -6.132  1.00 25.44 ? 24  DG  C "H4'"  1 
ATOM   704 H  "H3'"  . DG  B 1 12 ? -6.670  -18.999 -8.764  1.00 26.18 ? 24  DG  C "H3'"  1 
ATOM   705 H  "HO3'" . DG  B 1 12 ? -9.087  -19.620 -7.953  1.00 27.98 ? 24  DG  C "HO3'" 1 
ATOM   706 H  "H2'"  . DG  B 1 12 ? -7.989  -17.462 -9.668  1.00 30.24 ? 24  DG  C "H2'"  1 
ATOM   707 H  "H2''" . DG  B 1 12 ? -8.957  -17.435 -8.420  1.00 30.24 ? 24  DG  C "H2''" 1 
ATOM   708 H  "H1'"  . DG  B 1 12 ? -7.901  -15.687 -7.717  1.00 23.48 ? 24  DG  C "H1'"  1 
ATOM   709 H  H8     . DG  B 1 12 ? -4.853  -16.925 -9.283  1.00 22.73 ? 24  DG  C H8     1 
ATOM   710 H  H1     . DG  B 1 12 ? -6.675  -11.779 -11.987 1.00 24.21 ? 24  DG  C H1     1 
ATOM   711 H  H21    . DG  B 1 12 ? -9.402  -11.904 -10.235 1.00 25.61 ? 24  DG  C H21    1 
ATOM   712 H  H22    . DG  B 1 12 ? -8.655  -11.161 -11.289 1.00 25.61 ? 24  DG  C H22    1 
HETATM 713 C  C4     . WFB C 2 .  ? 4.822   -1.357  -2.576  1.00 22.88 ? 101 WFB B C4     1 
HETATM 714 C  C14    . WFB C 2 .  ? 1.961   8.623   -0.739  1.00 34.48 ? 101 WFB B C14    1 
HETATM 715 C  C5     . WFB C 2 .  ? 5.763   -0.465  -3.086  1.00 26.15 ? 101 WFB B C5     1 
HETATM 716 C  C6     . WFB C 2 .  ? 5.494   0.991   -3.171  1.00 23.27 ? 101 WFB B C6     1 
HETATM 717 C  C11    . WFB C 2 .  ? 3.083   6.289   -1.797  1.00 20.69 ? 101 WFB B C11    1 
HETATM 718 C  C7     . WFB C 2 .  ? 6.256   1.809   -4.042  1.00 26.01 ? 101 WFB B C7     1 
HETATM 719 C  C8     . WFB C 2 .  ? 6.069   3.167   -4.126  1.00 34.67 ? 101 WFB B C8     1 
HETATM 720 C  C9     . WFB C 2 .  ? 5.103   3.752   -3.319  1.00 30.00 ? 101 WFB B C9     1 
HETATM 721 C  C10    . WFB C 2 .  ? 3.739   5.079   -2.303  1.00 24.72 ? 101 WFB B C10    1 
HETATM 722 C  C12    . WFB C 2 .  ? 2.434   6.270   -0.571  1.00 31.68 ? 101 WFB B C12    1 
HETATM 723 C  C13    . WFB C 2 .  ? 1.876   7.423   -0.043  1.00 28.41 ? 101 WFB B C13    1 
HETATM 724 N  N1     . WFB C 2 .  ? 5.699   -5.512  -2.572  1.00 26.26 ? 101 WFB B N1     1 
HETATM 725 N  N2     . WFB C 2 .  ? 7.905   -5.069  -2.749  1.00 46.48 ? 101 WFB B N2     1 
HETATM 726 C  C3     . WFB C 2 .  ? 5.105   -2.706  -2.467  1.00 28.03 ? 101 WFB B C3     1 
HETATM 727 N  N3     . WFB C 2 .  ? 4.700   5.082   -3.217  1.00 24.88 ? 101 WFB B N3     1 
HETATM 728 C  C1     . WFB C 2 .  ? 6.663   -4.650  -2.732  1.00 35.65 ? 101 WFB B C1     1 
HETATM 729 C  C15    . WFB C 2 .  ? 1.382   9.863   -0.155  1.00 31.55 ? 101 WFB B C15    1 
HETATM 730 C  C16    . WFB C 2 .  ? 2.643   8.653   -1.946  1.00 35.31 ? 101 WFB B C16    1 
HETATM 731 C  C17    . WFB C 2 .  ? 3.204   7.502   -2.472  1.00 23.87 ? 101 WFB B C17    1 
HETATM 732 C  C18    . WFB C 2 .  ? 4.355   2.971   -2.437  1.00 26.37 ? 101 WFB B C18    1 
HETATM 733 C  C19    . WFB C 2 .  ? 4.554   1.599   -2.344  1.00 23.58 ? 101 WFB B C19    1 
HETATM 734 C  C2     . WFB C 2 .  ? 6.349   -3.199  -2.845  1.00 28.54 ? 101 WFB B C2     1 
HETATM 735 C  C20    . WFB C 2 .  ? 7.007   -0.971  -3.446  1.00 30.50 ? 101 WFB B C20    1 
HETATM 736 C  C21    . WFB C 2 .  ? 7.295   -2.313  -3.332  1.00 26.53 ? 101 WFB B C21    1 
HETATM 737 N  N4     . WFB C 2 .  ? 1.378   10.041  1.143   1.00 25.11 ? 101 WFB B N4     1 
HETATM 738 N  N5     . WFB C 2 .  ? 0.857   10.779  -0.926  1.00 32.99 ? 101 WFB B N5     1 
HETATM 739 N  N6     . WFB C 2 .  ? 3.508   3.841   -1.790  1.00 25.18 ? 101 WFB B N6     1 
HETATM 740 H  H6     . WFB C 2 .  ? 3.979   -1.035  -2.301  1.00 27.46 ? 101 WFB B H6     1 
HETATM 741 H  H7     . WFB C 2 .  ? 6.915   1.407   -4.584  1.00 31.22 ? 101 WFB B H7     1 
HETATM 742 H  H8     . WFB C 2 .  ? 6.582   3.689   -4.716  1.00 41.61 ? 101 WFB B H8     1 
HETATM 743 H  H9     . WFB C 2 .  ? 2.374   5.464   -0.091  1.00 38.03 ? 101 WFB B H9     1 
HETATM 744 H  H10    . WFB C 2 .  ? 1.437   7.391   0.788   1.00 34.10 ? 101 WFB B H10    1 
HETATM 745 H  H1     . WFB C 2 .  ? 5.884   -6.374  -2.475  1.00 31.51 ? 101 WFB B H1     1 
HETATM 746 H  H2     . WFB C 2 .  ? 4.856   -5.238  -2.558  1.00 31.51 ? 101 WFB B H2     1 
HETATM 747 H  H4     . WFB C 2 .  ? 8.082   -5.926  -2.653  1.00 55.78 ? 101 WFB B H4     1 
HETATM 748 H  H5     . WFB C 2 .  ? 4.449   -3.292  -2.133  1.00 33.64 ? 101 WFB B H5     1 
HETATM 749 H  H15    . WFB C 2 .  ? 2.727   9.464   -2.415  1.00 42.38 ? 101 WFB B H15    1 
HETATM 750 H  H16    . WFB C 2 .  ? 3.669   7.538   -3.288  1.00 28.65 ? 101 WFB B H16    1 
HETATM 751 H  H18    . WFB C 2 .  ? 4.063   1.081   -1.736  1.00 28.31 ? 101 WFB B H18    1 
HETATM 752 H  H19    . WFB C 2 .  ? 7.668   -0.383  -3.776  1.00 36.60 ? 101 WFB B H19    1 
HETATM 753 H  H20    . WFB C 2 .  ? 8.144   -2.629  -3.587  1.00 31.84 ? 101 WFB B H20    1 
HETATM 754 H  H11    . WFB C 2 .  ? 1.020   10.775  1.491   1.00 30.14 ? 101 WFB B H11    1 
HETATM 755 H  H12    . WFB C 2 .  ? 1.731   9.427   1.677   1.00 30.14 ? 101 WFB B H12    1 
HETATM 756 H  H13    . WFB C 2 .  ? 0.506   11.502  -0.573  1.00 39.60 ? 101 WFB B H13    1 
HETATM 757 H  H17    . WFB C 2 .  ? 2.929   3.634   -1.165  1.00 30.22 ? 101 WFB B H17    1 
HETATM 758 MG MG     . MG  D 3 .  ? 4.544   -9.980  7.104   1.00 23.19 ? 102 MG  B MG     1 
HETATM 759 O  O      . HOH E 4 .  ? 4.246   11.008  -3.694  1.00 49.22 ? 201 HOH B O      1 
HETATM 760 O  O      . HOH E 4 .  ? -10.770 -4.156  -2.014  1.00 49.55 ? 202 HOH B O      1 
HETATM 761 O  O      . HOH E 4 .  ? -8.906  -3.337  -11.224 1.00 33.00 ? 203 HOH B O      1 
HETATM 762 O  O      . HOH E 4 .  ? 2.177   0.101   7.100   1.00 39.40 ? 204 HOH B O      1 
HETATM 763 O  O      . HOH E 4 .  ? 10.411  -3.199  -1.849  1.00 49.76 ? 205 HOH B O      1 
HETATM 764 O  O      . HOH E 4 .  ? -5.804  17.016  5.880   1.00 39.44 ? 206 HOH B O      1 
HETATM 765 O  O      . HOH E 4 .  ? 9.759   -7.128  1.436   1.00 35.10 ? 207 HOH B O      1 
HETATM 766 O  O      . HOH E 4 .  ? -2.960  -7.301  -12.156 1.00 20.65 ? 208 HOH B O      1 
HETATM 767 O  O      . HOH E 4 .  ? -1.801  -10.630 6.862   1.00 44.29 ? 209 HOH B O      1 
HETATM 768 O  O      . HOH E 4 .  ? 4.143   -10.867 5.277   1.00 20.99 ? 210 HOH B O      1 
HETATM 769 O  O      . HOH E 4 .  ? 8.691   -0.297  4.477   1.00 29.77 ? 211 HOH B O      1 
HETATM 770 O  O      . HOH E 4 .  ? 4.446   -7.885  6.297   1.00 22.12 ? 212 HOH B O      1 
HETATM 771 O  O      . HOH E 4 .  ? 7.734   5.940   7.159   1.00 31.29 ? 213 HOH B O      1 
HETATM 772 O  O      . HOH E 4 .  ? -3.804  -1.646  3.186   1.00 39.78 ? 214 HOH B O      1 
HETATM 773 O  O      . HOH E 4 .  ? 5.569   6.700   -5.168  1.00 33.91 ? 215 HOH B O      1 
HETATM 774 O  O      . HOH E 4 .  ? 8.750   10.808  1.316   1.00 40.84 ? 216 HOH B O      1 
HETATM 775 O  O      . HOH E 4 .  ? 6.399   14.213  -3.245  1.00 39.30 ? 217 HOH B O      1 
HETATM 776 O  O      . HOH E 4 .  ? 8.942   7.727   4.919   1.00 32.66 ? 218 HOH B O      1 
HETATM 777 O  O      . HOH E 4 .  ? -2.526  21.151  10.022  1.00 24.80 ? 219 HOH B O      1 
HETATM 778 O  O      . HOH E 4 .  ? 1.606   -13.742 5.883   1.00 26.63 ? 220 HOH B O      1 
HETATM 779 O  O      . HOH E 4 .  ? 7.968   -9.975  4.231   1.00 23.71 ? 221 HOH B O      1 
HETATM 780 O  O      . HOH E 4 .  ? -5.081  -5.185  -12.181 1.00 21.78 ? 222 HOH B O      1 
HETATM 781 O  O      . HOH E 4 .  ? -5.861  -4.077  1.124   1.00 26.49 ? 223 HOH B O      1 
HETATM 782 O  O      . HOH E 4 .  ? 5.173   18.187  6.732   1.00 34.88 ? 224 HOH B O      1 
HETATM 783 O  O      . HOH E 4 .  ? 1.137   -2.529  5.803   1.00 32.06 ? 225 HOH B O      1 
HETATM 784 O  O      . HOH E 4 .  ? 1.371   11.667  3.526   1.00 23.19 ? 226 HOH B O      1 
HETATM 785 O  O      . HOH E 4 .  ? -7.094  -3.454  -3.119  1.00 33.41 ? 227 HOH B O      1 
HETATM 786 O  O      . HOH E 4 .  ? 5.444   -4.095  5.249   1.00 21.49 ? 228 HOH B O      1 
HETATM 787 O  O      . HOH E 4 .  ? -8.599  -5.027  1.344   1.00 32.97 ? 229 HOH B O      1 
HETATM 788 O  O      . HOH E 4 .  ? 7.143   -9.380  0.499   1.00 33.76 ? 230 HOH B O      1 
HETATM 789 O  O      . HOH E 4 .  ? 1.904   -13.151 2.051   1.00 36.04 ? 231 HOH B O      1 
HETATM 790 O  O      . HOH E 4 .  ? 0.169   10.811  -3.723  1.00 33.72 ? 232 HOH B O      1 
HETATM 791 O  O      . HOH E 4 .  ? -5.676  -2.442  -0.889  1.00 29.36 ? 233 HOH B O      1 
HETATM 792 O  O      . HOH E 4 .  ? -4.492  -6.636  4.282   1.00 31.76 ? 234 HOH B O      1 
HETATM 793 O  O      . HOH E 4 .  ? -5.208  -2.631  -5.072  1.00 25.44 ? 235 HOH B O      1 
HETATM 794 O  O      . HOH E 4 .  ? 1.167   -9.169  -1.014  1.00 26.13 ? 236 HOH B O      1 
HETATM 795 O  O      . HOH E 4 .  ? 2.541   -9.796  7.473   1.00 20.11 ? 237 HOH B O      1 
HETATM 796 O  O      . HOH E 4 .  ? -3.819  14.394  3.100   1.00 42.52 ? 238 HOH B O      1 
HETATM 797 O  O      . HOH E 4 .  ? 0.559   -6.714  5.736   1.00 42.23 ? 239 HOH B O      1 
HETATM 798 O  O      . HOH E 4 .  ? 6.725   3.305   6.587   1.00 22.35 ? 240 HOH B O      1 
HETATM 799 O  O      . HOH E 4 .  ? 0.071   13.243  0.619   1.00 34.64 ? 241 HOH B O      1 
HETATM 800 O  O      . HOH E 4 .  ? 6.403   -8.355  -1.819  1.00 38.24 ? 242 HOH B O      1 
HETATM 801 O  O      . HOH E 4 .  ? -2.030  -9.401  -15.406 1.00 42.23 ? 243 HOH B O      1 
HETATM 802 O  O      . HOH E 4 .  ? -1.286  -1.233  5.679   1.00 30.46 ? 244 HOH B O      1 
HETATM 803 O  O      . HOH E 4 .  ? -6.135  -2.623  -7.825  1.00 28.48 ? 245 HOH B O      1 
HETATM 804 O  O      . HOH E 4 .  ? 8.506   13.268  5.635   1.00 27.48 ? 246 HOH B O      1 
HETATM 805 O  O      . HOH E 4 .  ? 10.039  -6.732  -1.143  1.00 35.71 ? 247 HOH B O      1 
HETATM 806 O  O      . HOH E 4 .  ? -14.355 -7.168  -1.617  1.00 49.62 ? 248 HOH B O      1 
HETATM 807 O  O      . HOH E 4 .  ? -6.991  -8.385  -19.064 1.00 24.74 ? 249 HOH B O      1 
HETATM 808 O  O      . HOH E 4 .  ? 3.414   -7.974  -1.949  1.00 34.53 ? 250 HOH B O      1 
HETATM 809 O  O      . HOH E 4 .  ? 0.877   19.547  6.436   1.00 34.36 ? 251 HOH B O      1 
HETATM 810 O  O      . HOH E 4 .  ? -10.106 -11.406 3.291   1.00 47.62 ? 252 HOH B O      1 
HETATM 811 O  O      . HOH E 4 .  ? -2.211  -13.291 4.815   1.00 38.88 ? 253 HOH B O      1 
HETATM 812 O  O      . HOH E 4 .  ? -3.702  20.863  6.507   1.00 48.17 ? 254 HOH B O      1 
HETATM 813 O  O      . HOH E 4 .  ? 3.332   -5.967  7.009   1.00 39.29 ? 255 HOH B O      1 
HETATM 814 O  O      . HOH E 4 .  ? 8.358   2.371   4.727   1.00 29.50 ? 256 HOH B O      1 
HETATM 815 O  O      . HOH E 4 .  ? 5.068   -11.442 0.672   1.00 32.52 ? 257 HOH B O      1 
HETATM 816 O  O      . HOH E 4 .  ? 10.694  9.291   6.341   1.00 42.12 ? 258 HOH B O      1 
HETATM 817 O  O      . HOH E 4 .  ? 3.104   19.923  5.484   1.00 39.00 ? 259 HOH B O      1 
HETATM 818 O  O      . HOH E 4 .  ? -3.133  -7.224  6.514   1.00 35.78 ? 260 HOH B O      1 
HETATM 819 O  O      . HOH E 4 .  ? 6.004   -11.903 3.546   1.00 25.22 ? 261 HOH B O      1 
HETATM 820 O  O      . HOH E 4 .  ? -4.285  -1.202  -9.290  1.00 28.65 ? 262 HOH B O      1 
HETATM 821 O  O      . HOH E 4 .  ? -8.446  -2.135  -8.695  1.00 37.95 ? 263 HOH B O      1 
HETATM 822 O  O      . HOH F 4 .  ? 4.296   3.618   -5.954  1.00 65.89 ? 101 HOH C O      1 
HETATM 823 O  O      . HOH F 4 .  ? 8.875   -3.646  -6.815  1.00 50.18 ? 102 HOH C O      1 
HETATM 824 O  O      . HOH F 4 .  ? -3.379  11.876  -0.924  1.00 43.56 ? 103 HOH C O      1 
HETATM 825 O  O      . HOH F 4 .  ? -9.349  -20.844 -6.029  1.00 33.87 ? 104 HOH C O      1 
HETATM 826 O  O      . HOH F 4 .  ? 6.846   8.595   19.921  1.00 45.97 ? 105 HOH C O      1 
HETATM 827 O  O      . HOH F 4 .  ? 0.285   9.082   -3.336  1.00 60.01 ? 106 HOH C O      1 
HETATM 828 O  O      . HOH F 4 .  ? -2.612  3.573   -6.423  1.00 34.19 ? 107 HOH C O      1 
HETATM 829 O  O      . HOH F 4 .  ? -7.463  7.503   13.444  1.00 37.44 ? 108 HOH C O      1 
HETATM 830 O  O      . HOH F 4 .  ? -0.804  7.351   18.621  1.00 33.17 ? 109 HOH C O      1 
HETATM 831 O  O      . HOH F 4 .  ? 7.629   7.315   10.193  1.00 44.15 ? 110 HOH C O      1 
HETATM 832 O  O      . HOH F 4 .  ? -2.524  -14.129 -13.396 1.00 42.02 ? 111 HOH C O      1 
HETATM 833 O  O      . HOH F 4 .  ? 9.271   13.285  15.283  1.00 40.96 ? 112 HOH C O      1 
HETATM 834 O  O      . HOH F 4 .  ? -1.593  -21.084 -10.572 1.00 42.50 ? 113 HOH C O      1 
HETATM 835 O  O      . HOH F 4 .  ? 2.864   -5.570  -2.138  1.00 34.74 ? 114 HOH C O      1 
HETATM 836 O  O      . HOH F 4 .  ? 0.422   0.445   -8.910  1.00 26.59 ? 115 HOH C O      1 
HETATM 837 O  O      . HOH F 4 .  ? -1.791  -22.716 -8.126  1.00 46.07 ? 116 HOH C O      1 
HETATM 838 O  O      . HOH F 4 .  ? -2.497  -5.092  -10.447 1.00 22.31 ? 117 HOH C O      1 
HETATM 839 O  O      . HOH F 4 .  ? 2.183   1.755   -11.963 1.00 30.96 ? 118 HOH C O      1 
HETATM 840 O  O      . HOH F 4 .  ? 2.053   2.617   8.384   1.00 32.26 ? 119 HOH C O      1 
HETATM 841 O  O      . HOH F 4 .  ? 6.581   -10.843 -3.661  1.00 43.75 ? 120 HOH C O      1 
HETATM 842 O  O      . HOH F 4 .  ? -4.466  1.528   -2.383  1.00 39.81 ? 121 HOH C O      1 
HETATM 843 O  O      . HOH F 4 .  ? -0.230  2.570   9.153   1.00 42.10 ? 122 HOH C O      1 
HETATM 844 O  O      . HOH F 4 .  ? 1.140   9.557   -5.800  1.00 39.22 ? 123 HOH C O      1 
HETATM 845 O  O      . HOH F 4 .  ? 12.390  10.896  13.130  1.00 45.10 ? 124 HOH C O      1 
HETATM 846 O  O      . HOH F 4 .  ? 1.421   -10.254 -3.508  1.00 27.73 ? 125 HOH C O      1 
HETATM 847 O  O      . HOH F 4 .  ? 3.581   1.811   -4.874  1.00 50.39 ? 126 HOH C O      1 
HETATM 848 O  O      . HOH F 4 .  ? 0.728   -6.491  -10.985 1.00 22.92 ? 127 HOH C O      1 
HETATM 849 O  O      . HOH F 4 .  ? 0.101   -15.684 -11.633 1.00 34.97 ? 128 HOH C O      1 
HETATM 850 O  O      . HOH F 4 .  ? -4.083  2.444   5.957   1.00 32.41 ? 129 HOH C O      1 
HETATM 851 O  O      . HOH F 4 .  ? 0.655   4.691   -10.303 1.00 33.87 ? 130 HOH C O      1 
HETATM 852 O  O      . HOH F 4 .  ? 3.631   -13.971 -11.508 1.00 36.00 ? 131 HOH C O      1 
HETATM 853 O  O      . HOH F 4 .  ? 0.396   3.281   12.769  1.00 36.63 ? 132 HOH C O      1 
HETATM 854 O  O      . HOH F 4 .  ? 7.115   -13.625 -6.905  1.00 42.53 ? 133 HOH C O      1 
HETATM 855 O  O      . HOH F 4 .  ? -0.691  -12.296 -4.612  1.00 26.22 ? 134 HOH C O      1 
HETATM 856 O  O      . HOH F 4 .  ? -2.145  -2.865  -8.944  1.00 21.15 ? 135 HOH C O      1 
HETATM 857 O  O      . HOH F 4 .  ? 3.826   -9.418  -10.384 1.00 35.44 ? 136 HOH C O      1 
HETATM 858 O  O      . HOH F 4 .  ? -2.258  -17.019 -11.220 1.00 32.55 ? 137 HOH C O      1 
HETATM 859 O  O      . HOH F 4 .  ? 5.658   3.853   10.617  1.00 35.34 ? 138 HOH C O      1 
HETATM 860 O  O      . HOH F 4 .  ? -2.078  1.034   6.690   1.00 32.95 ? 139 HOH C O      1 
HETATM 861 O  O      . HOH F 4 .  ? 8.540   9.277   8.225   1.00 37.27 ? 140 HOH C O      1 
HETATM 862 O  O      . HOH F 4 .  ? 0.246   -11.145 -12.436 1.00 30.74 ? 141 HOH C O      1 
HETATM 863 O  O      . HOH F 4 .  ? -5.235  0.249   -0.740  1.00 33.60 ? 142 HOH C O      1 
HETATM 864 O  O      . HOH F 4 .  ? 7.731   -7.417  -10.047 1.00 47.75 ? 143 HOH C O      1 
HETATM 865 O  O      . HOH F 4 .  ? 1.987   -4.064  -10.174 1.00 27.04 ? 144 HOH C O      1 
HETATM 866 O  O      . HOH F 4 .  ? -3.693  7.455   17.644  1.00 36.07 ? 145 HOH C O      1 
HETATM 867 O  O      . HOH F 4 .  ? -0.750  -8.809  -13.415 1.00 40.91 ? 146 HOH C O      1 
HETATM 868 O  O      . HOH F 4 .  ? -0.416  -12.833 -14.117 1.00 46.05 ? 147 HOH C O      1 
HETATM 869 O  O      . HOH F 4 .  ? 2.786   -7.121  -11.967 1.00 37.70 ? 148 HOH C O      1 
HETATM 870 O  O      . HOH F 4 .  ? -6.418  1.543   3.679   1.00 39.01 ? 149 HOH C O      1 
HETATM 871 O  O      . HOH F 4 .  ? -0.749  -23.760 -4.849  1.00 48.64 ? 150 HOH C O      1 
HETATM 872 O  O      . HOH F 4 .  ? 5.791   1.668   8.751   1.00 41.71 ? 151 HOH C O      1 
HETATM 873 O  O      . HOH F 4 .  ? 2.507   2.249   11.202  1.00 43.25 ? 152 HOH C O      1 
HETATM 874 O  O      . HOH F 4 .  ? -4.279  5.665   19.753  1.00 36.34 ? 153 HOH C O      1 
HETATM 875 O  O      . HOH F 4 .  ? 2.938   -11.264 -11.938 1.00 42.00 ? 154 HOH C O      1 
HETATM 876 O  O      . HOH F 4 .  ? -4.478  1.286   -8.462  1.00 48.23 ? 155 HOH C O      1 
# 
loop_
_pdbx_poly_seq_scheme.asym_id 
_pdbx_poly_seq_scheme.entity_id 
_pdbx_poly_seq_scheme.seq_id 
_pdbx_poly_seq_scheme.mon_id 
_pdbx_poly_seq_scheme.ndb_seq_num 
_pdbx_poly_seq_scheme.pdb_seq_num 
_pdbx_poly_seq_scheme.auth_seq_num 
_pdbx_poly_seq_scheme.pdb_mon_id 
_pdbx_poly_seq_scheme.auth_mon_id 
_pdbx_poly_seq_scheme.pdb_strand_id 
_pdbx_poly_seq_scheme.pdb_ins_code 
_pdbx_poly_seq_scheme.hetero 
A 1 1  DC 1  1  1  DC DC B . n 
A 1 2  DG 2  2  2  DG DG B . n 
A 1 3  DC 3  3  3  DC DC B . n 
A 1 4  DG 4  4  4  DG DG B . n 
A 1 5  DA 5  5  5  DA DA B . n 
A 1 6  DT 6  6  6  DT DT B . n 
A 1 7  DA 7  7  7  DA DA B . n 
A 1 8  DT 8  8  8  DT DT B . n 
A 1 9  DC 9  9  9  DC DC B . n 
A 1 10 DG 10 10 10 DG DG B . n 
A 1 11 DC 11 11 11 DC DC B . n 
A 1 12 DG 12 12 12 DG DG B . n 
B 1 1  DC 1  13 13 DC DC C . n 
B 1 2  DG 2  14 14 DG DG C . n 
B 1 3  DC 3  15 15 DC DC C . n 
B 1 4  DG 4  16 16 DG DG C . n 
B 1 5  DA 5  17 17 DA DA C . n 
B 1 6  DT 6  18 18 DT DT C . n 
B 1 7  DA 7  19 19 DA DA C . n 
B 1 8  DT 8  20 20 DT DT C . n 
B 1 9  DC 9  21 21 DC DC C . n 
B 1 10 DG 10 22 22 DG DG C . n 
B 1 11 DC 11 23 23 DC DC C . n 
B 1 12 DG 12 24 24 DG DG C . n 
# 
_pdbx_contact_author.id                 2 
_pdbx_contact_author.email              wdw@gsu.edu 
_pdbx_contact_author.name_first         'W David' 
_pdbx_contact_author.name_last          Wilson 
_pdbx_contact_author.name_mi            ? 
_pdbx_contact_author.role               'principal investigator/group leader' 
_pdbx_contact_author.identifier_ORCID   0000-0001-5225-5089 
# 
loop_
_pdbx_nonpoly_scheme.asym_id 
_pdbx_nonpoly_scheme.entity_id 
_pdbx_nonpoly_scheme.mon_id 
_pdbx_nonpoly_scheme.ndb_seq_num 
_pdbx_nonpoly_scheme.pdb_seq_num 
_pdbx_nonpoly_scheme.auth_seq_num 
_pdbx_nonpoly_scheme.pdb_mon_id 
_pdbx_nonpoly_scheme.auth_mon_id 
_pdbx_nonpoly_scheme.pdb_strand_id 
_pdbx_nonpoly_scheme.pdb_ins_code 
C 2 WFB 1  101 101 WFB DRG B . 
D 3 MG  1  102 1   MG  MG  B . 
E 4 HOH 1  201 111 HOH HOH B . 
E 4 HOH 2  202 108 HOH HOH B . 
E 4 HOH 3  203 22  HOH HOH B . 
E 4 HOH 4  204 73  HOH HOH B . 
E 4 HOH 5  205 120 HOH HOH B . 
E 4 HOH 6  206 53  HOH HOH B . 
E 4 HOH 7  207 67  HOH HOH B . 
E 4 HOH 8  208 2   HOH HOH B . 
E 4 HOH 9  209 95  HOH HOH B . 
E 4 HOH 10 210 7   HOH HOH B . 
E 4 HOH 11 211 20  HOH HOH B . 
E 4 HOH 12 212 4   HOH HOH B . 
E 4 HOH 13 213 36  HOH HOH B . 
E 4 HOH 14 214 80  HOH HOH B . 
E 4 HOH 15 215 66  HOH HOH B . 
E 4 HOH 16 216 106 HOH HOH B . 
E 4 HOH 17 217 100 HOH HOH B . 
E 4 HOH 18 218 40  HOH HOH B . 
E 4 HOH 19 219 34  HOH HOH B . 
E 4 HOH 20 220 25  HOH HOH B . 
E 4 HOH 21 221 11  HOH HOH B . 
E 4 HOH 22 222 3   HOH HOH B . 
E 4 HOH 23 223 27  HOH HOH B . 
E 4 HOH 24 224 88  HOH HOH B . 
E 4 HOH 25 225 30  HOH HOH B . 
E 4 HOH 26 226 9   HOH HOH B . 
E 4 HOH 27 227 52  HOH HOH B . 
E 4 HOH 28 228 6   HOH HOH B . 
E 4 HOH 29 229 48  HOH HOH B . 
E 4 HOH 30 230 68  HOH HOH B . 
E 4 HOH 31 231 87  HOH HOH B . 
E 4 HOH 32 232 61  HOH HOH B . 
E 4 HOH 33 233 35  HOH HOH B . 
E 4 HOH 34 234 81  HOH HOH B . 
E 4 HOH 35 235 24  HOH HOH B . 
E 4 HOH 36 236 37  HOH HOH B . 
E 4 HOH 37 237 5   HOH HOH B . 
E 4 HOH 38 238 117 HOH HOH B . 
E 4 HOH 39 239 78  HOH HOH B . 
E 4 HOH 40 240 15  HOH HOH B . 
E 4 HOH 41 241 55  HOH HOH B . 
E 4 HOH 42 242 82  HOH HOH B . 
E 4 HOH 43 243 65  HOH HOH B . 
E 4 HOH 44 244 41  HOH HOH B . 
E 4 HOH 45 245 21  HOH HOH B . 
E 4 HOH 46 246 18  HOH HOH B . 
E 4 HOH 47 247 42  HOH HOH B . 
E 4 HOH 48 248 64  HOH HOH B . 
E 4 HOH 49 249 13  HOH HOH B . 
E 4 HOH 50 250 76  HOH HOH B . 
E 4 HOH 51 251 119 HOH HOH B . 
E 4 HOH 52 252 107 HOH HOH B . 
E 4 HOH 53 253 109 HOH HOH B . 
E 4 HOH 54 254 118 HOH HOH B . 
E 4 HOH 55 255 79  HOH HOH B . 
E 4 HOH 56 256 26  HOH HOH B . 
E 4 HOH 57 257 56  HOH HOH B . 
E 4 HOH 58 258 83  HOH HOH B . 
E 4 HOH 59 259 93  HOH HOH B . 
E 4 HOH 60 260 92  HOH HOH B . 
E 4 HOH 61 261 28  HOH HOH B . 
E 4 HOH 62 262 31  HOH HOH B . 
E 4 HOH 63 263 77  HOH HOH B . 
F 4 HOH 1  101 114 HOH HOH C . 
F 4 HOH 2  102 62  HOH HOH C . 
F 4 HOH 3  103 116 HOH HOH C . 
F 4 HOH 4  104 59  HOH HOH C . 
F 4 HOH 5  105 43  HOH HOH C . 
F 4 HOH 6  106 115 HOH HOH C . 
F 4 HOH 7  107 44  HOH HOH C . 
F 4 HOH 8  108 98  HOH HOH C . 
F 4 HOH 9  109 46  HOH HOH C . 
F 4 HOH 10 110 72  HOH HOH C . 
F 4 HOH 11 111 91  HOH HOH C . 
F 4 HOH 12 112 75  HOH HOH C . 
F 4 HOH 13 113 84  HOH HOH C . 
F 4 HOH 14 114 112 HOH HOH C . 
F 4 HOH 15 115 33  HOH HOH C . 
F 4 HOH 16 116 54  HOH HOH C . 
F 4 HOH 17 117 10  HOH HOH C . 
F 4 HOH 18 118 32  HOH HOH C . 
F 4 HOH 19 119 49  HOH HOH C . 
F 4 HOH 20 120 69  HOH HOH C . 
F 4 HOH 21 121 19  HOH HOH C . 
F 4 HOH 22 122 90  HOH HOH C . 
F 4 HOH 23 123 58  HOH HOH C . 
F 4 HOH 24 124 103 HOH HOH C . 
F 4 HOH 25 125 14  HOH HOH C . 
F 4 HOH 26 126 113 HOH HOH C . 
F 4 HOH 27 127 17  HOH HOH C . 
F 4 HOH 28 128 63  HOH HOH C . 
F 4 HOH 29 129 57  HOH HOH C . 
F 4 HOH 30 130 105 HOH HOH C . 
F 4 HOH 31 131 86  HOH HOH C . 
F 4 HOH 32 132 51  HOH HOH C . 
F 4 HOH 33 133 99  HOH HOH C . 
F 4 HOH 34 134 29  HOH HOH C . 
F 4 HOH 35 135 8   HOH HOH C . 
F 4 HOH 36 136 38  HOH HOH C . 
F 4 HOH 37 137 39  HOH HOH C . 
F 4 HOH 38 138 89  HOH HOH C . 
F 4 HOH 39 139 74  HOH HOH C . 
F 4 HOH 40 140 85  HOH HOH C . 
F 4 HOH 41 141 23  HOH HOH C . 
F 4 HOH 42 142 45  HOH HOH C . 
F 4 HOH 43 143 110 HOH HOH C . 
F 4 HOH 44 144 16  HOH HOH C . 
F 4 HOH 45 145 101 HOH HOH C . 
F 4 HOH 46 146 50  HOH HOH C . 
F 4 HOH 47 147 104 HOH HOH C . 
F 4 HOH 48 148 70  HOH HOH C . 
F 4 HOH 49 149 71  HOH HOH C . 
F 4 HOH 50 150 60  HOH HOH C . 
F 4 HOH 51 151 96  HOH HOH C . 
F 4 HOH 52 152 94  HOH HOH C . 
F 4 HOH 53 153 47  HOH HOH C . 
F 4 HOH 54 154 97  HOH HOH C . 
F 4 HOH 55 155 102 HOH HOH C . 
# 
_pdbx_struct_assembly.id                   1 
_pdbx_struct_assembly.details              author_defined_assembly 
_pdbx_struct_assembly.method_details       ? 
_pdbx_struct_assembly.oligomeric_details   dimeric 
_pdbx_struct_assembly.oligomeric_count     2 
# 
_pdbx_struct_assembly_gen.assembly_id       1 
_pdbx_struct_assembly_gen.oper_expression   1 
_pdbx_struct_assembly_gen.asym_id_list      A,B,C,D,E,F 
# 
_pdbx_struct_oper_list.id                   1 
_pdbx_struct_oper_list.type                 'identity operation' 
_pdbx_struct_oper_list.name                 1_555 
_pdbx_struct_oper_list.symmetry_operation   x,y,z 
_pdbx_struct_oper_list.matrix[1][1]         1.0000000000 
_pdbx_struct_oper_list.matrix[1][2]         0.0000000000 
_pdbx_struct_oper_list.matrix[1][3]         0.0000000000 
_pdbx_struct_oper_list.vector[1]            0.0000000000 
_pdbx_struct_oper_list.matrix[2][1]         0.0000000000 
_pdbx_struct_oper_list.matrix[2][2]         1.0000000000 
_pdbx_struct_oper_list.matrix[2][3]         0.0000000000 
_pdbx_struct_oper_list.vector[2]            0.0000000000 
_pdbx_struct_oper_list.matrix[3][1]         0.0000000000 
_pdbx_struct_oper_list.matrix[3][2]         0.0000000000 
_pdbx_struct_oper_list.matrix[3][3]         1.0000000000 
_pdbx_struct_oper_list.vector[3]            0.0000000000 
# 
loop_
_pdbx_struct_conn_angle.id 
_pdbx_struct_conn_angle.ptnr1_label_atom_id 
_pdbx_struct_conn_angle.ptnr1_label_alt_id 
_pdbx_struct_conn_angle.ptnr1_label_asym_id 
_pdbx_struct_conn_angle.ptnr1_label_comp_id 
_pdbx_struct_conn_angle.ptnr1_label_seq_id 
_pdbx_struct_conn_angle.ptnr1_auth_atom_id 
_pdbx_struct_conn_angle.ptnr1_auth_asym_id 
_pdbx_struct_conn_angle.ptnr1_auth_comp_id 
_pdbx_struct_conn_angle.ptnr1_auth_seq_id 
_pdbx_struct_conn_angle.ptnr1_PDB_ins_code 
_pdbx_struct_conn_angle.ptnr1_symmetry 
_pdbx_struct_conn_angle.ptnr2_label_atom_id 
_pdbx_struct_conn_angle.ptnr2_label_alt_id 
_pdbx_struct_conn_angle.ptnr2_label_asym_id 
_pdbx_struct_conn_angle.ptnr2_label_comp_id 
_pdbx_struct_conn_angle.ptnr2_label_seq_id 
_pdbx_struct_conn_angle.ptnr2_auth_atom_id 
_pdbx_struct_conn_angle.ptnr2_auth_asym_id 
_pdbx_struct_conn_angle.ptnr2_auth_comp_id 
_pdbx_struct_conn_angle.ptnr2_auth_seq_id 
_pdbx_struct_conn_angle.ptnr2_PDB_ins_code 
_pdbx_struct_conn_angle.ptnr2_symmetry 
_pdbx_struct_conn_angle.ptnr3_label_atom_id 
_pdbx_struct_conn_angle.ptnr3_label_alt_id 
_pdbx_struct_conn_angle.ptnr3_label_asym_id 
_pdbx_struct_conn_angle.ptnr3_label_comp_id 
_pdbx_struct_conn_angle.ptnr3_label_seq_id 
_pdbx_struct_conn_angle.ptnr3_auth_atom_id 
_pdbx_struct_conn_angle.ptnr3_auth_asym_id 
_pdbx_struct_conn_angle.ptnr3_auth_comp_id 
_pdbx_struct_conn_angle.ptnr3_auth_seq_id 
_pdbx_struct_conn_angle.ptnr3_PDB_ins_code 
_pdbx_struct_conn_angle.ptnr3_symmetry 
_pdbx_struct_conn_angle.value 
_pdbx_struct_conn_angle.value_esd 
1  O ? E HOH . ? B HOH 208 ? 3_645 MG ? D MG . ? B MG 102 ? 1_555 O ? E HOH . ? B HOH 210 ? 1_555 175.7 ? 
2  O ? E HOH . ? B HOH 208 ? 3_645 MG ? D MG . ? B MG 102 ? 1_555 O ? E HOH . ? B HOH 212 ? 1_555 89.6  ? 
3  O ? E HOH . ? B HOH 210 ? 1_555 MG ? D MG . ? B MG 102 ? 1_555 O ? E HOH . ? B HOH 212 ? 1_555 94.2  ? 
4  O ? E HOH . ? B HOH 208 ? 3_645 MG ? D MG . ? B MG 102 ? 1_555 O ? E HOH . ? B HOH 222 ? 3_645 89.1  ? 
5  O ? E HOH . ? B HOH 210 ? 1_555 MG ? D MG . ? B MG 102 ? 1_555 O ? E HOH . ? B HOH 222 ? 3_645 93.1  ? 
6  O ? E HOH . ? B HOH 212 ? 1_555 MG ? D MG . ? B MG 102 ? 1_555 O ? E HOH . ? B HOH 222 ? 3_645 86.5  ? 
7  O ? E HOH . ? B HOH 208 ? 3_645 MG ? D MG . ? B MG 102 ? 1_555 O ? E HOH . ? B HOH 237 ? 1_555 87.8  ? 
8  O ? E HOH . ? B HOH 210 ? 1_555 MG ? D MG . ? B MG 102 ? 1_555 O ? E HOH . ? B HOH 237 ? 1_555 90.5  ? 
9  O ? E HOH . ? B HOH 212 ? 1_555 MG ? D MG . ? B MG 102 ? 1_555 O ? E HOH . ? B HOH 237 ? 1_555 86.4  ? 
10 O ? E HOH . ? B HOH 222 ? 3_645 MG ? D MG . ? B MG 102 ? 1_555 O ? E HOH . ? B HOH 237 ? 1_555 172.3 ? 
11 O ? E HOH . ? B HOH 208 ? 3_645 MG ? D MG . ? B MG 102 ? 1_555 O ? F HOH . ? C HOH 117 ? 3_645 86.7  ? 
12 O ? E HOH . ? B HOH 210 ? 1_555 MG ? D MG . ? B MG 102 ? 1_555 O ? F HOH . ? C HOH 117 ? 3_645 89.4  ? 
13 O ? E HOH . ? B HOH 212 ? 1_555 MG ? D MG . ? B MG 102 ? 1_555 O ? F HOH . ? C HOH 117 ? 3_645 174.7 ? 
14 O ? E HOH . ? B HOH 222 ? 3_645 MG ? D MG . ? B MG 102 ? 1_555 O ? F HOH . ? C HOH 117 ? 3_645 97.2  ? 
15 O ? E HOH . ? B HOH 237 ? 1_555 MG ? D MG . ? B MG 102 ? 1_555 O ? F HOH . ? C HOH 117 ? 3_645 89.7  ? 
# 
loop_
_pdbx_audit_revision_history.ordinal 
_pdbx_audit_revision_history.data_content_type 
_pdbx_audit_revision_history.major_revision 
_pdbx_audit_revision_history.minor_revision 
_pdbx_audit_revision_history.revision_date 
1 'Structure model' 1 0 2023-02-22 
2 'Structure model' 1 1 2023-08-30 
# 
_pdbx_audit_revision_details.ordinal             1 
_pdbx_audit_revision_details.revision_ordinal    1 
_pdbx_audit_revision_details.data_content_type   'Structure model' 
_pdbx_audit_revision_details.provider            repository 
_pdbx_audit_revision_details.type                'Initial release' 
_pdbx_audit_revision_details.description         ? 
_pdbx_audit_revision_details.details             ? 
# 
loop_
_pdbx_audit_revision_group.ordinal 
_pdbx_audit_revision_group.revision_ordinal 
_pdbx_audit_revision_group.data_content_type 
_pdbx_audit_revision_group.group 
1 2 'Structure model' 'Data collection'        
2 2 'Structure model' 'Database references'    
3 2 'Structure model' 'Refinement description' 
# 
loop_
_pdbx_audit_revision_category.ordinal 
_pdbx_audit_revision_category.revision_ordinal 
_pdbx_audit_revision_category.data_content_type 
_pdbx_audit_revision_category.category 
1 2 'Structure model' chem_comp_atom     
2 2 'Structure model' chem_comp_bond     
3 2 'Structure model' citation           
4 2 'Structure model' citation_author    
5 2 'Structure model' struct_ncs_dom_lim 
# 
loop_
_pdbx_audit_revision_item.ordinal 
_pdbx_audit_revision_item.revision_ordinal 
_pdbx_audit_revision_item.data_content_type 
_pdbx_audit_revision_item.item 
1  2 'Structure model' '_citation.journal_volume'              
2  2 'Structure model' '_citation.page_first'                  
3  2 'Structure model' '_citation.page_last'                   
4  2 'Structure model' '_citation.pdbx_database_id_DOI'        
5  2 'Structure model' '_citation.pdbx_database_id_PubMed'     
6  2 'Structure model' '_citation.title'                       
7  2 'Structure model' '_struct_ncs_dom_lim.beg_auth_comp_id'  
8  2 'Structure model' '_struct_ncs_dom_lim.beg_label_asym_id' 
9  2 'Structure model' '_struct_ncs_dom_lim.beg_label_comp_id' 
10 2 'Structure model' '_struct_ncs_dom_lim.beg_label_seq_id'  
11 2 'Structure model' '_struct_ncs_dom_lim.end_auth_comp_id'  
12 2 'Structure model' '_struct_ncs_dom_lim.end_label_asym_id' 
13 2 'Structure model' '_struct_ncs_dom_lim.end_label_comp_id' 
14 2 'Structure model' '_struct_ncs_dom_lim.end_label_seq_id'  
# 
loop_
_software.citation_id 
_software.classification 
_software.compiler_name 
_software.compiler_version 
_software.contact_author 
_software.contact_author_email 
_software.date 
_software.description 
_software.dependencies 
_software.hardware 
_software.language 
_software.location 
_software.mods 
_software.name 
_software.os 
_software.os_version 
_software.type 
_software.version 
_software.pdbx_ordinal 
? refinement        ? ? ? ? ? ? ? ? ? ? ? PHENIX   ? ? ? 1.19.2_4158 1 
? 'data processing' ? ? ? ? ? ? ? ? ? ? ? autoPROC ? ? ? 3.27        2 
? 'data reduction'  ? ? ? ? ? ? ? ? ? ? ? XDS      ? ? ? .           3 
? 'data scaling'    ? ? ? ? ? ? ? ? ? ? ? XDS      ? ? ? .           4 
? phasing           ? ? ? ? ? ? ? ? ? ? ? PHASER   ? ? ? .           5 
? 'model building'  ? ? ? ? ? ? ? ? ? ? ? Coot     ? ? ? .           6 
# 
_pdbx_entry_details.entry_id                 8EDA 
_pdbx_entry_details.nonpolymer_details       ? 
_pdbx_entry_details.sequence_details         ? 
_pdbx_entry_details.compound_details         ? 
_pdbx_entry_details.source_details           ? 
_pdbx_entry_details.has_ligand_of_interest   Y 
# 
loop_
_pdbx_validate_close_contact.id 
_pdbx_validate_close_contact.PDB_model_num 
_pdbx_validate_close_contact.auth_atom_id_1 
_pdbx_validate_close_contact.auth_asym_id_1 
_pdbx_validate_close_contact.auth_comp_id_1 
_pdbx_validate_close_contact.auth_seq_id_1 
_pdbx_validate_close_contact.PDB_ins_code_1 
_pdbx_validate_close_contact.label_alt_id_1 
_pdbx_validate_close_contact.auth_atom_id_2 
_pdbx_validate_close_contact.auth_asym_id_2 
_pdbx_validate_close_contact.auth_comp_id_2 
_pdbx_validate_close_contact.auth_seq_id_2 
_pdbx_validate_close_contact.PDB_ins_code_2 
_pdbx_validate_close_contact.label_alt_id_2 
_pdbx_validate_close_contact.dist 
1 1 O     B HOH 232 ? ? O C HOH 106 ? ? 1.78 
2 1 "O3'" C DA  19  ? ? O C HOH 101 ? ? 1.78 
3 1 OP1   C DC  21  ? ? O C HOH 102 ? ? 2.12 
4 1 OP1   B DG  10  ? ? O B HOH 201 ? ? 2.15 
5 1 OP1   C DT  18  ? ? O C HOH 103 ? ? 2.18 
# 
loop_
_pdbx_validate_rmsd_bond.id 
_pdbx_validate_rmsd_bond.PDB_model_num 
_pdbx_validate_rmsd_bond.auth_atom_id_1 
_pdbx_validate_rmsd_bond.auth_asym_id_1 
_pdbx_validate_rmsd_bond.auth_comp_id_1 
_pdbx_validate_rmsd_bond.auth_seq_id_1 
_pdbx_validate_rmsd_bond.PDB_ins_code_1 
_pdbx_validate_rmsd_bond.label_alt_id_1 
_pdbx_validate_rmsd_bond.auth_atom_id_2 
_pdbx_validate_rmsd_bond.auth_asym_id_2 
_pdbx_validate_rmsd_bond.auth_comp_id_2 
_pdbx_validate_rmsd_bond.auth_seq_id_2 
_pdbx_validate_rmsd_bond.PDB_ins_code_2 
_pdbx_validate_rmsd_bond.label_alt_id_2 
_pdbx_validate_rmsd_bond.bond_value 
_pdbx_validate_rmsd_bond.bond_target_value 
_pdbx_validate_rmsd_bond.bond_deviation 
_pdbx_validate_rmsd_bond.bond_standard_deviation 
_pdbx_validate_rmsd_bond.linker_flag 
1 1 "O3'" C DA 17 ? ? "C3'" C DA 17 ? ? 1.367 1.419 -0.052 0.006 N 
2 1 "O3'" C DC 21 ? ? "C3'" C DC 21 ? ? 1.374 1.419 -0.045 0.006 N 
# 
_pdbx_validate_rmsd_angle.id                         1 
_pdbx_validate_rmsd_angle.PDB_model_num              1 
_pdbx_validate_rmsd_angle.auth_atom_id_1             "O4'" 
_pdbx_validate_rmsd_angle.auth_asym_id_1             C 
_pdbx_validate_rmsd_angle.auth_comp_id_1             DG 
_pdbx_validate_rmsd_angle.auth_seq_id_1              16 
_pdbx_validate_rmsd_angle.PDB_ins_code_1             ? 
_pdbx_validate_rmsd_angle.label_alt_id_1             ? 
_pdbx_validate_rmsd_angle.auth_atom_id_2             "C1'" 
_pdbx_validate_rmsd_angle.auth_asym_id_2             C 
_pdbx_validate_rmsd_angle.auth_comp_id_2             DG 
_pdbx_validate_rmsd_angle.auth_seq_id_2              16 
_pdbx_validate_rmsd_angle.PDB_ins_code_2             ? 
_pdbx_validate_rmsd_angle.label_alt_id_2             ? 
_pdbx_validate_rmsd_angle.auth_atom_id_3             N9 
_pdbx_validate_rmsd_angle.auth_asym_id_3             C 
_pdbx_validate_rmsd_angle.auth_comp_id_3             DG 
_pdbx_validate_rmsd_angle.auth_seq_id_3              16 
_pdbx_validate_rmsd_angle.PDB_ins_code_3             ? 
_pdbx_validate_rmsd_angle.label_alt_id_3             ? 
_pdbx_validate_rmsd_angle.angle_value                110.29 
_pdbx_validate_rmsd_angle.angle_target_value         108.30 
_pdbx_validate_rmsd_angle.angle_deviation            1.99 
_pdbx_validate_rmsd_angle.angle_standard_deviation   0.30 
_pdbx_validate_rmsd_angle.linker_flag                N 
# 
loop_
_chem_comp_atom.comp_id 
_chem_comp_atom.atom_id 
_chem_comp_atom.type_symbol 
_chem_comp_atom.pdbx_aromatic_flag 
_chem_comp_atom.pdbx_stereo_config 
_chem_comp_atom.pdbx_ordinal 
DA  OP3    O  N N 1   
DA  P      P  N N 2   
DA  OP1    O  N N 3   
DA  OP2    O  N N 4   
DA  "O5'"  O  N N 5   
DA  "C5'"  C  N N 6   
DA  "C4'"  C  N R 7   
DA  "O4'"  O  N N 8   
DA  "C3'"  C  N S 9   
DA  "O3'"  O  N N 10  
DA  "C2'"  C  N N 11  
DA  "C1'"  C  N R 12  
DA  N9     N  Y N 13  
DA  C8     C  Y N 14  
DA  N7     N  Y N 15  
DA  C5     C  Y N 16  
DA  C6     C  Y N 17  
DA  N6     N  N N 18  
DA  N1     N  Y N 19  
DA  C2     C  Y N 20  
DA  N3     N  Y N 21  
DA  C4     C  Y N 22  
DA  HOP3   H  N N 23  
DA  HOP2   H  N N 24  
DA  "H5'"  H  N N 25  
DA  "H5''" H  N N 26  
DA  "H4'"  H  N N 27  
DA  "H3'"  H  N N 28  
DA  "HO3'" H  N N 29  
DA  "H2'"  H  N N 30  
DA  "H2''" H  N N 31  
DA  "H1'"  H  N N 32  
DA  H8     H  N N 33  
DA  H61    H  N N 34  
DA  H62    H  N N 35  
DA  H2     H  N N 36  
DC  OP3    O  N N 37  
DC  P      P  N N 38  
DC  OP1    O  N N 39  
DC  OP2    O  N N 40  
DC  "O5'"  O  N N 41  
DC  "C5'"  C  N N 42  
DC  "C4'"  C  N R 43  
DC  "O4'"  O  N N 44  
DC  "C3'"  C  N S 45  
DC  "O3'"  O  N N 46  
DC  "C2'"  C  N N 47  
DC  "C1'"  C  N R 48  
DC  N1     N  N N 49  
DC  C2     C  N N 50  
DC  O2     O  N N 51  
DC  N3     N  N N 52  
DC  C4     C  N N 53  
DC  N4     N  N N 54  
DC  C5     C  N N 55  
DC  C6     C  N N 56  
DC  HOP3   H  N N 57  
DC  HOP2   H  N N 58  
DC  "H5'"  H  N N 59  
DC  "H5''" H  N N 60  
DC  "H4'"  H  N N 61  
DC  "H3'"  H  N N 62  
DC  "HO3'" H  N N 63  
DC  "H2'"  H  N N 64  
DC  "H2''" H  N N 65  
DC  "H1'"  H  N N 66  
DC  H41    H  N N 67  
DC  H42    H  N N 68  
DC  H5     H  N N 69  
DC  H6     H  N N 70  
DG  OP3    O  N N 71  
DG  P      P  N N 72  
DG  OP1    O  N N 73  
DG  OP2    O  N N 74  
DG  "O5'"  O  N N 75  
DG  "C5'"  C  N N 76  
DG  "C4'"  C  N R 77  
DG  "O4'"  O  N N 78  
DG  "C3'"  C  N S 79  
DG  "O3'"  O  N N 80  
DG  "C2'"  C  N N 81  
DG  "C1'"  C  N R 82  
DG  N9     N  Y N 83  
DG  C8     C  Y N 84  
DG  N7     N  Y N 85  
DG  C5     C  Y N 86  
DG  C6     C  N N 87  
DG  O6     O  N N 88  
DG  N1     N  N N 89  
DG  C2     C  N N 90  
DG  N2     N  N N 91  
DG  N3     N  N N 92  
DG  C4     C  Y N 93  
DG  HOP3   H  N N 94  
DG  HOP2   H  N N 95  
DG  "H5'"  H  N N 96  
DG  "H5''" H  N N 97  
DG  "H4'"  H  N N 98  
DG  "H3'"  H  N N 99  
DG  "HO3'" H  N N 100 
DG  "H2'"  H  N N 101 
DG  "H2''" H  N N 102 
DG  "H1'"  H  N N 103 
DG  H8     H  N N 104 
DG  H1     H  N N 105 
DG  H21    H  N N 106 
DG  H22    H  N N 107 
DT  OP3    O  N N 108 
DT  P      P  N N 109 
DT  OP1    O  N N 110 
DT  OP2    O  N N 111 
DT  "O5'"  O  N N 112 
DT  "C5'"  C  N N 113 
DT  "C4'"  C  N R 114 
DT  "O4'"  O  N N 115 
DT  "C3'"  C  N S 116 
DT  "O3'"  O  N N 117 
DT  "C2'"  C  N N 118 
DT  "C1'"  C  N R 119 
DT  N1     N  N N 120 
DT  C2     C  N N 121 
DT  O2     O  N N 122 
DT  N3     N  N N 123 
DT  C4     C  N N 124 
DT  O4     O  N N 125 
DT  C5     C  N N 126 
DT  C7     C  N N 127 
DT  C6     C  N N 128 
DT  HOP3   H  N N 129 
DT  HOP2   H  N N 130 
DT  "H5'"  H  N N 131 
DT  "H5''" H  N N 132 
DT  "H4'"  H  N N 133 
DT  "H3'"  H  N N 134 
DT  "HO3'" H  N N 135 
DT  "H2'"  H  N N 136 
DT  "H2''" H  N N 137 
DT  "H1'"  H  N N 138 
DT  H3     H  N N 139 
DT  H71    H  N N 140 
DT  H72    H  N N 141 
DT  H73    H  N N 142 
DT  H6     H  N N 143 
HOH O      O  N N 144 
HOH H1     H  N N 145 
HOH H2     H  N N 146 
MG  MG     MG N N 147 
WFB C4     C  Y N 148 
WFB C14    C  Y N 149 
WFB C5     C  Y N 150 
WFB C6     C  Y N 151 
WFB C11    C  Y N 152 
WFB C7     C  Y N 153 
WFB C8     C  Y N 154 
WFB C9     C  Y N 155 
WFB C10    C  Y N 156 
WFB C12    C  Y N 157 
WFB C13    C  Y N 158 
WFB N1     N  N N 159 
WFB N2     N  N N 160 
WFB C3     C  Y N 161 
WFB N3     N  Y N 162 
WFB C1     C  N N 163 
WFB C15    C  N N 164 
WFB C16    C  Y N 165 
WFB C17    C  Y N 166 
WFB C18    C  Y N 167 
WFB C19    C  Y N 168 
WFB C2     C  Y N 169 
WFB C20    C  Y N 170 
WFB C21    C  Y N 171 
WFB N4     N  N N 172 
WFB N5     N  N N 173 
WFB N6     N  Y N 174 
WFB H6     H  N N 175 
WFB H7     H  N N 176 
WFB H8     H  N N 177 
WFB H9     H  N N 178 
WFB H10    H  N N 179 
WFB H1     H  N N 180 
WFB H2     H  N N 181 
WFB H4     H  N N 182 
WFB H5     H  N N 183 
WFB H15    H  N N 184 
WFB H16    H  N N 185 
WFB H18    H  N N 186 
WFB H19    H  N N 187 
WFB H20    H  N N 188 
WFB H11    H  N N 189 
WFB H12    H  N N 190 
WFB H13    H  N N 191 
WFB H17    H  N N 192 
# 
loop_
_chem_comp_bond.comp_id 
_chem_comp_bond.atom_id_1 
_chem_comp_bond.atom_id_2 
_chem_comp_bond.value_order 
_chem_comp_bond.pdbx_aromatic_flag 
_chem_comp_bond.pdbx_stereo_config 
_chem_comp_bond.pdbx_ordinal 
DA  OP3   P      sing N N 1   
DA  OP3   HOP3   sing N N 2   
DA  P     OP1    doub N N 3   
DA  P     OP2    sing N N 4   
DA  P     "O5'"  sing N N 5   
DA  OP2   HOP2   sing N N 6   
DA  "O5'" "C5'"  sing N N 7   
DA  "C5'" "C4'"  sing N N 8   
DA  "C5'" "H5'"  sing N N 9   
DA  "C5'" "H5''" sing N N 10  
DA  "C4'" "O4'"  sing N N 11  
DA  "C4'" "C3'"  sing N N 12  
DA  "C4'" "H4'"  sing N N 13  
DA  "O4'" "C1'"  sing N N 14  
DA  "C3'" "O3'"  sing N N 15  
DA  "C3'" "C2'"  sing N N 16  
DA  "C3'" "H3'"  sing N N 17  
DA  "O3'" "HO3'" sing N N 18  
DA  "C2'" "C1'"  sing N N 19  
DA  "C2'" "H2'"  sing N N 20  
DA  "C2'" "H2''" sing N N 21  
DA  "C1'" N9     sing N N 22  
DA  "C1'" "H1'"  sing N N 23  
DA  N9    C8     sing Y N 24  
DA  N9    C4     sing Y N 25  
DA  C8    N7     doub Y N 26  
DA  C8    H8     sing N N 27  
DA  N7    C5     sing Y N 28  
DA  C5    C6     sing Y N 29  
DA  C5    C4     doub Y N 30  
DA  C6    N6     sing N N 31  
DA  C6    N1     doub Y N 32  
DA  N6    H61    sing N N 33  
DA  N6    H62    sing N N 34  
DA  N1    C2     sing Y N 35  
DA  C2    N3     doub Y N 36  
DA  C2    H2     sing N N 37  
DA  N3    C4     sing Y N 38  
DC  OP3   P      sing N N 39  
DC  OP3   HOP3   sing N N 40  
DC  P     OP1    doub N N 41  
DC  P     OP2    sing N N 42  
DC  P     "O5'"  sing N N 43  
DC  OP2   HOP2   sing N N 44  
DC  "O5'" "C5'"  sing N N 45  
DC  "C5'" "C4'"  sing N N 46  
DC  "C5'" "H5'"  sing N N 47  
DC  "C5'" "H5''" sing N N 48  
DC  "C4'" "O4'"  sing N N 49  
DC  "C4'" "C3'"  sing N N 50  
DC  "C4'" "H4'"  sing N N 51  
DC  "O4'" "C1'"  sing N N 52  
DC  "C3'" "O3'"  sing N N 53  
DC  "C3'" "C2'"  sing N N 54  
DC  "C3'" "H3'"  sing N N 55  
DC  "O3'" "HO3'" sing N N 56  
DC  "C2'" "C1'"  sing N N 57  
DC  "C2'" "H2'"  sing N N 58  
DC  "C2'" "H2''" sing N N 59  
DC  "C1'" N1     sing N N 60  
DC  "C1'" "H1'"  sing N N 61  
DC  N1    C2     sing N N 62  
DC  N1    C6     sing N N 63  
DC  C2    O2     doub N N 64  
DC  C2    N3     sing N N 65  
DC  N3    C4     doub N N 66  
DC  C4    N4     sing N N 67  
DC  C4    C5     sing N N 68  
DC  N4    H41    sing N N 69  
DC  N4    H42    sing N N 70  
DC  C5    C6     doub N N 71  
DC  C5    H5     sing N N 72  
DC  C6    H6     sing N N 73  
DG  OP3   P      sing N N 74  
DG  OP3   HOP3   sing N N 75  
DG  P     OP1    doub N N 76  
DG  P     OP2    sing N N 77  
DG  P     "O5'"  sing N N 78  
DG  OP2   HOP2   sing N N 79  
DG  "O5'" "C5'"  sing N N 80  
DG  "C5'" "C4'"  sing N N 81  
DG  "C5'" "H5'"  sing N N 82  
DG  "C5'" "H5''" sing N N 83  
DG  "C4'" "O4'"  sing N N 84  
DG  "C4'" "C3'"  sing N N 85  
DG  "C4'" "H4'"  sing N N 86  
DG  "O4'" "C1'"  sing N N 87  
DG  "C3'" "O3'"  sing N N 88  
DG  "C3'" "C2'"  sing N N 89  
DG  "C3'" "H3'"  sing N N 90  
DG  "O3'" "HO3'" sing N N 91  
DG  "C2'" "C1'"  sing N N 92  
DG  "C2'" "H2'"  sing N N 93  
DG  "C2'" "H2''" sing N N 94  
DG  "C1'" N9     sing N N 95  
DG  "C1'" "H1'"  sing N N 96  
DG  N9    C8     sing Y N 97  
DG  N9    C4     sing Y N 98  
DG  C8    N7     doub Y N 99  
DG  C8    H8     sing N N 100 
DG  N7    C5     sing Y N 101 
DG  C5    C6     sing N N 102 
DG  C5    C4     doub Y N 103 
DG  C6    O6     doub N N 104 
DG  C6    N1     sing N N 105 
DG  N1    C2     sing N N 106 
DG  N1    H1     sing N N 107 
DG  C2    N2     sing N N 108 
DG  C2    N3     doub N N 109 
DG  N2    H21    sing N N 110 
DG  N2    H22    sing N N 111 
DG  N3    C4     sing N N 112 
DT  OP3   P      sing N N 113 
DT  OP3   HOP3   sing N N 114 
DT  P     OP1    doub N N 115 
DT  P     OP2    sing N N 116 
DT  P     "O5'"  sing N N 117 
DT  OP2   HOP2   sing N N 118 
DT  "O5'" "C5'"  sing N N 119 
DT  "C5'" "C4'"  sing N N 120 
DT  "C5'" "H5'"  sing N N 121 
DT  "C5'" "H5''" sing N N 122 
DT  "C4'" "O4'"  sing N N 123 
DT  "C4'" "C3'"  sing N N 124 
DT  "C4'" "H4'"  sing N N 125 
DT  "O4'" "C1'"  sing N N 126 
DT  "C3'" "O3'"  sing N N 127 
DT  "C3'" "C2'"  sing N N 128 
DT  "C3'" "H3'"  sing N N 129 
DT  "O3'" "HO3'" sing N N 130 
DT  "C2'" "C1'"  sing N N 131 
DT  "C2'" "H2'"  sing N N 132 
DT  "C2'" "H2''" sing N N 133 
DT  "C1'" N1     sing N N 134 
DT  "C1'" "H1'"  sing N N 135 
DT  N1    C2     sing N N 136 
DT  N1    C6     sing N N 137 
DT  C2    O2     doub N N 138 
DT  C2    N3     sing N N 139 
DT  N3    C4     sing N N 140 
DT  N3    H3     sing N N 141 
DT  C4    O4     doub N N 142 
DT  C4    C5     sing N N 143 
DT  C5    C7     sing N N 144 
DT  C5    C6     doub N N 145 
DT  C7    H71    sing N N 146 
DT  C7    H72    sing N N 147 
DT  C7    H73    sing N N 148 
DT  C6    H6     sing N N 149 
HOH O     H1     sing N N 150 
HOH O     H2     sing N N 151 
WFB N2    C1     doub N N 152 
WFB N1    C1     sing N N 153 
WFB C1    C2     sing N N 154 
WFB C2    C21    doub Y N 155 
WFB C2    C3     sing Y N 156 
WFB C21   C20    sing Y N 157 
WFB C3    C4     doub Y N 158 
WFB C20   C5     doub Y N 159 
WFB C4    C5     sing Y N 160 
WFB C5    C6     sing N N 161 
WFB C6    C7     doub Y N 162 
WFB C6    C19    sing Y N 163 
WFB C7    C8     sing Y N 164 
WFB C19   C18    doub Y N 165 
WFB C8    C9     doub Y N 166 
WFB C18   C9     sing Y N 167 
WFB C18   N6     sing Y N 168 
WFB C9    N3     sing Y N 169 
WFB N6    C10    sing Y N 170 
WFB N3    C10    doub Y N 171 
WFB C10   C11    sing N N 172 
WFB C11   C17    doub Y N 173 
WFB C11   C12    sing Y N 174 
WFB C17   C16    sing Y N 175 
WFB C12   C13    doub Y N 176 
WFB C16   C14    doub Y N 177 
WFB C13   C14    sing Y N 178 
WFB C14   C15    sing N N 179 
WFB C15   N5     doub N N 180 
WFB C15   N4     sing N N 181 
WFB C4    H6     sing N N 182 
WFB C7    H7     sing N N 183 
WFB C8    H8     sing N N 184 
WFB C12   H9     sing N N 185 
WFB C13   H10    sing N N 186 
WFB N1    H1     sing N N 187 
WFB N1    H2     sing N N 188 
WFB N2    H4     sing N N 189 
WFB C3    H5     sing N N 190 
WFB C16   H15    sing N N 191 
WFB C17   H16    sing N N 192 
WFB C19   H18    sing N N 193 
WFB C20   H19    sing N N 194 
WFB C21   H20    sing N N 195 
WFB N4    H11    sing N N 196 
WFB N4    H12    sing N N 197 
WFB N5    H13    sing N N 198 
WFB N6    H17    sing N N 199 
# 
loop_
_ndb_struct_conf_na.entry_id 
_ndb_struct_conf_na.feature 
8EDA 'double helix'        
8EDA 'b-form double helix' 
# 
loop_
_ndb_struct_na_base_pair.model_number 
_ndb_struct_na_base_pair.i_label_asym_id 
_ndb_struct_na_base_pair.i_label_comp_id 
_ndb_struct_na_base_pair.i_label_seq_id 
_ndb_struct_na_base_pair.i_symmetry 
_ndb_struct_na_base_pair.j_label_asym_id 
_ndb_struct_na_base_pair.j_label_comp_id 
_ndb_struct_na_base_pair.j_label_seq_id 
_ndb_struct_na_base_pair.j_symmetry 
_ndb_struct_na_base_pair.shear 
_ndb_struct_na_base_pair.stretch 
_ndb_struct_na_base_pair.stagger 
_ndb_struct_na_base_pair.buckle 
_ndb_struct_na_base_pair.propeller 
_ndb_struct_na_base_pair.opening 
_ndb_struct_na_base_pair.pair_number 
_ndb_struct_na_base_pair.pair_name 
_ndb_struct_na_base_pair.i_auth_asym_id 
_ndb_struct_na_base_pair.i_auth_seq_id 
_ndb_struct_na_base_pair.i_PDB_ins_code 
_ndb_struct_na_base_pair.j_auth_asym_id 
_ndb_struct_na_base_pair.j_auth_seq_id 
_ndb_struct_na_base_pair.j_PDB_ins_code 
_ndb_struct_na_base_pair.hbond_type_28 
_ndb_struct_na_base_pair.hbond_type_12 
1 A DC 1  1_555 B DG 12 1_555 0.359  -0.194 0.131  4.464  -14.282 -0.685 1  B_DC1:DG24_C  B 1  ? C 24 ? 19 1 
1 A DG 2  1_555 B DC 11 1_555 -0.129 -0.198 0.513  9.285  -10.437 -2.314 2  B_DG2:DC23_C  B 2  ? C 23 ? 19 1 
1 A DC 3  1_555 B DG 10 1_555 0.240  -0.179 0.333  -4.699 -8.688  0.844  3  B_DC3:DG22_C  B 3  ? C 22 ? 19 1 
1 A DG 4  1_555 B DC 9  1_555 -0.252 -0.091 0.122  11.772 -9.244  -0.027 4  B_DG4:DC21_C  B 4  ? C 21 ? 19 1 
1 A DA 5  1_555 B DT 8  1_555 0.166  -0.107 0.084  6.116  -17.795 -0.264 5  B_DA5:DT20_C  B 5  ? C 20 ? 20 1 
1 A DT 6  1_555 B DA 7  1_555 -0.051 -0.105 0.070  4.878  -11.775 3.678  6  B_DT6:DA19_C  B 6  ? C 19 ? 20 1 
1 A DA 7  1_555 B DT 6  1_555 -0.007 -0.161 0.086  -0.562 -13.416 4.598  7  B_DA7:DT18_C  B 7  ? C 18 ? 20 1 
1 A DT 8  1_555 B DA 5  1_555 -0.034 -0.204 -0.140 -0.986 -16.902 5.017  8  B_DT8:DA17_C  B 8  ? C 17 ? 20 1 
1 A DC 9  1_555 B DG 4  1_555 0.155  -0.091 -0.014 -8.939 -8.294  -1.584 9  B_DC9:DG16_C  B 9  ? C 16 ? 19 1 
1 A DG 10 1_555 B DC 3  1_555 -0.134 -0.184 0.338  9.977  -6.218  2.170  10 B_DG10:DC15_C B 10 ? C 15 ? 19 1 
1 A DC 11 1_555 B DG 2  1_555 0.107  -0.204 0.304  3.353  -21.925 -2.880 11 B_DC11:DG14_C B 11 ? C 14 ? 19 1 
1 A DG 12 1_555 B DC 1  1_555 -0.209 -0.116 0.537  5.054  -8.083  -1.651 12 B_DG12:DC13_C B 12 ? C 13 ? 19 1 
# 
loop_
_ndb_struct_na_base_pair_step.model_number 
_ndb_struct_na_base_pair_step.i_label_asym_id_1 
_ndb_struct_na_base_pair_step.i_label_comp_id_1 
_ndb_struct_na_base_pair_step.i_label_seq_id_1 
_ndb_struct_na_base_pair_step.i_symmetry_1 
_ndb_struct_na_base_pair_step.j_label_asym_id_1 
_ndb_struct_na_base_pair_step.j_label_comp_id_1 
_ndb_struct_na_base_pair_step.j_label_seq_id_1 
_ndb_struct_na_base_pair_step.j_symmetry_1 
_ndb_struct_na_base_pair_step.i_label_asym_id_2 
_ndb_struct_na_base_pair_step.i_label_comp_id_2 
_ndb_struct_na_base_pair_step.i_label_seq_id_2 
_ndb_struct_na_base_pair_step.i_symmetry_2 
_ndb_struct_na_base_pair_step.j_label_asym_id_2 
_ndb_struct_na_base_pair_step.j_label_comp_id_2 
_ndb_struct_na_base_pair_step.j_label_seq_id_2 
_ndb_struct_na_base_pair_step.j_symmetry_2 
_ndb_struct_na_base_pair_step.shift 
_ndb_struct_na_base_pair_step.slide 
_ndb_struct_na_base_pair_step.rise 
_ndb_struct_na_base_pair_step.tilt 
_ndb_struct_na_base_pair_step.roll 
_ndb_struct_na_base_pair_step.twist 
_ndb_struct_na_base_pair_step.x_displacement 
_ndb_struct_na_base_pair_step.y_displacement 
_ndb_struct_na_base_pair_step.helical_rise 
_ndb_struct_na_base_pair_step.inclination 
_ndb_struct_na_base_pair_step.tip 
_ndb_struct_na_base_pair_step.helical_twist 
_ndb_struct_na_base_pair_step.step_number 
_ndb_struct_na_base_pair_step.step_name 
_ndb_struct_na_base_pair_step.i_auth_asym_id_1 
_ndb_struct_na_base_pair_step.i_auth_seq_id_1 
_ndb_struct_na_base_pair_step.i_PDB_ins_code_1 
_ndb_struct_na_base_pair_step.j_auth_asym_id_1 
_ndb_struct_na_base_pair_step.j_auth_seq_id_1 
_ndb_struct_na_base_pair_step.j_PDB_ins_code_1 
_ndb_struct_na_base_pair_step.i_auth_asym_id_2 
_ndb_struct_na_base_pair_step.i_auth_seq_id_2 
_ndb_struct_na_base_pair_step.i_PDB_ins_code_2 
_ndb_struct_na_base_pair_step.j_auth_asym_id_2 
_ndb_struct_na_base_pair_step.j_auth_seq_id_2 
_ndb_struct_na_base_pair_step.j_PDB_ins_code_2 
1 A DC 1  1_555 B DG 12 1_555 A DG 2  1_555 B DC 11 1_555 -0.082 -0.006 3.147 -2.851 5.867   34.523 -0.856 -0.276 3.101 9.777   
4.751  35.116 1  BB_DC1DG2:DC23DG24_CC   B 1  ? C 24 ? B 2  ? C 23 ? 
1 A DG 2  1_555 B DC 11 1_555 A DC 3  1_555 B DG 10 1_555 0.557  0.447  3.676 2.534  -7.981  42.435 1.480  -0.479 3.565 -10.899 
-3.460 43.216 2  BB_DG2DC3:DG22DC23_CC   B 2  ? C 23 ? B 3  ? C 22 ? 
1 A DC 3  1_555 B DG 10 1_555 A DG 4  1_555 B DC 9  1_555 -0.413 0.678  2.972 2.829  10.006  26.596 -0.772 1.445  2.968 20.769  
-5.872 28.522 3  BB_DC3DG4:DC21DG22_CC   B 3  ? C 22 ? B 4  ? C 21 ? 
1 A DG 4  1_555 B DC 9  1_555 A DA 5  1_555 B DT 8  1_555 0.131  -0.194 3.382 0.382  2.126   38.153 -0.573 -0.150 3.368 3.249   
-0.584 38.212 4  BB_DG4DA5:DT20DC21_CC   B 4  ? C 21 ? B 5  ? C 20 ? 
1 A DA 5  1_555 B DT 8  1_555 A DT 6  1_555 B DA 7  1_555 0.508  -0.692 3.294 0.952  -1.358  32.626 -0.992 -0.735 3.333 -2.416  
-1.693 32.667 5  BB_DA5DT6:DA19DT20_CC   B 5  ? C 20 ? B 6  ? C 19 ? 
1 A DT 6  1_555 B DA 7  1_555 A DA 7  1_555 B DT 6  1_555 0.333  -0.203 3.376 1.769  2.779   35.557 -0.746 -0.280 3.363 4.538   
-2.889 35.704 6  BB_DT6DA7:DT18DA19_CC   B 6  ? C 19 ? B 7  ? C 18 ? 
1 A DA 7  1_555 B DT 6  1_555 A DT 8  1_555 B DA 5  1_555 0.070  -0.629 3.283 2.195  -2.121  32.084 -0.751 0.269  3.314 -3.826  
-3.961 32.225 7  BB_DA7DT8:DA17DT18_CC   B 7  ? C 18 ? B 8  ? C 17 ? 
1 A DT 8  1_555 B DA 5  1_555 A DC 9  1_555 B DG 4  1_555 -0.407 -0.196 3.465 0.651  1.005   40.402 -0.403 0.666  3.452 1.454   
-0.943 40.419 8  BB_DT8DC9:DG16DA17_CC   B 8  ? C 17 ? B 9  ? C 16 ? 
1 A DC 9  1_555 B DG 4  1_555 A DG 10 1_555 B DC 3  1_555 0.480  0.887  2.987 -4.056 5.126   26.769 0.699  -1.929 2.997 10.866  
8.598  27.541 9  BB_DC9DG10:DC15DG16_CC  B 9  ? C 16 ? B 10 ? C 15 ? 
1 A DG 10 1_555 B DC 3  1_555 A DC 11 1_555 B DG 2  1_555 -1.109 0.616  3.482 -1.976 -12.010 43.141 1.959  1.268  3.252 -15.958 
2.626  44.746 10 BB_DG10DC11:DG14DC15_CC B 10 ? C 15 ? B 11 ? C 14 ? 
1 A DC 11 1_555 B DG 2  1_555 A DG 12 1_555 B DC 1  1_555 0.223  0.316  3.220 -1.958 5.463   32.916 -0.347 -0.709 3.212 9.548   
3.423  33.409 11 BB_DC11DG12:DC13DG14_CC B 11 ? C 14 ? B 12 ? C 13 ? 
# 
_pdbx_audit_support.funding_organization   
'National Institutes of Health/National Institute of General Medical Sciences (NIH/NIGMS)' 
_pdbx_audit_support.country                'United States' 
_pdbx_audit_support.grant_number           GM111749 
_pdbx_audit_support.ordinal                1 
# 
loop_
_pdbx_entity_nonpoly.entity_id 
_pdbx_entity_nonpoly.name 
_pdbx_entity_nonpoly.comp_id 
2 "4,4'-(1H-benzimidazole-2,6-diyl)di(benzene-1-carboximidamide)" WFB 
3 'MAGNESIUM ION'                                                 MG  
4 water                                                           HOH 
# 
_pdbx_initial_refinement_model.id               1 
_pdbx_initial_refinement_model.entity_id_list   ? 
_pdbx_initial_refinement_model.type             'experimental model' 
_pdbx_initial_refinement_model.source_name      PDB 
_pdbx_initial_refinement_model.accession_code   1BNA 
_pdbx_initial_refinement_model.details          ? 
# 
_pdbx_struct_assembly_auth_evidence.id                     1 
_pdbx_struct_assembly_auth_evidence.assembly_id            1 
_pdbx_struct_assembly_auth_evidence.experimental_support   'mass spectrometry' 
_pdbx_struct_assembly_auth_evidence.details                ? 
# 
